data_4DSY
#
_entry.id   4DSY
#
_cell.length_a   127.705
_cell.length_b   127.705
_cell.length_c   299.761
_cell.angle_alpha   90.00
_cell.angle_beta   90.00
_cell.angle_gamma   120.00
#
_symmetry.space_group_name_H-M   'P 31 2 1'
#
loop_
_entity.id
_entity.type
_entity.pdbx_description
1 polymer 'Purple acid phosphatase'
2 branched alpha-L-fucopyranose-(1-3)-[2-acetamido-2-deoxy-beta-D-glucopyranose-(1-4)]2-acetamido-2-deoxy-beta-D-glucopyranose
3 branched alpha-L-fucopyranose-(1-3)-2-acetamido-2-deoxy-beta-D-glucopyranose
4 non-polymer 'ZINC ION'
5 non-polymer 'FE (III) ION'
6 non-polymer '5-phenylpyridine-3-carboxylic acid'
7 non-polymer GLYCEROL
8 non-polymer 2-acetamido-2-deoxy-beta-D-glucopyranose
9 non-polymer 'SULFATE ION'
10 non-polymer 1,2-ETHANEDIOL
11 non-polymer 'ACETATE ION'
12 water water
#
_entity_poly.entity_id   1
_entity_poly.type   'polypeptide(L)'
_entity_poly.pdbx_seq_one_letter_code
;KNRDMPLDSDVFRVPPGYNAPQQVHITQGDLVGRAMIISWVTMDEPGSSAVRYWSEKNGRKRIAKGKMSTYRFFNYSSGF
IHHTTIRKLKYNTKYYYEVGLRNTTRRFSFITPPQTGLDVPYTFGLIGDLGQSFDSNTTLSHYELSPKKGQTVLFVGDLS
YADRYPNHDNVRWDTWGRFTERSVAYQPWIWTAGNHEIEFAPEINETEPFKPFSYRYHVPYEASQSTSPFWYSIKRASAH
IIVLSSYSAYGRGTPQYTWLKKELRKVKRSETPWLIVLMHSPLYNSYNHHFMEGEAMRTKFEAWFVKYKVDVVFAGHVHA
YERSERVSNIAYKITNGLCTPVKDQSAPVYITIGDAGNYGVIDSNMIQPQPEYSAFREASFGHGMFDIKNRTHAHFSWNR
NQDGVAVEADSVWFFNRHWYPVDDST
;
_entity_poly.pdbx_strand_id   A,B,C,D
#
loop_
_chem_comp.id
_chem_comp.type
_chem_comp.name
_chem_comp.formula
0LO non-polymer '5-phenylpyridine-3-carboxylic acid' 'C12 H9 N O2'
ACT non-polymer 'ACETATE ION' 'C2 H3 O2 -1'
EDO non-polymer 1,2-ETHANEDIOL 'C2 H6 O2'
FE non-polymer 'FE (III) ION' 'Fe 3'
FUC L-saccharide, alpha linking alpha-L-fucopyranose 'C6 H12 O5'
GOL non-polymer GLYCEROL 'C3 H8 O3'
NAG D-saccharide, beta linking 2-acetamido-2-deoxy-beta-D-glucopyranose 'C8 H15 N O6'
SO4 non-polymer 'SULFATE ION' 'O4 S -2'
ZN non-polymer 'ZINC ION' 'Zn 2'
#
# COMPACT_ATOMS: atom_id res chain seq x y z
N LYS A 1 -9.67 -41.77 -7.78
CA LYS A 1 -10.98 -41.90 -7.14
C LYS A 1 -11.12 -40.91 -5.98
N ASN A 2 -12.30 -40.32 -5.83
CA ASN A 2 -12.50 -39.32 -4.77
C ASN A 2 -12.69 -39.94 -3.39
N ARG A 3 -11.72 -39.72 -2.51
CA ARG A 3 -11.81 -40.23 -1.14
C ARG A 3 -11.88 -39.11 -0.13
N ASP A 4 -12.06 -37.89 -0.62
CA ASP A 4 -12.25 -36.75 0.26
C ASP A 4 -13.62 -36.83 0.92
N MET A 5 -13.67 -36.46 2.20
CA MET A 5 -14.91 -36.45 2.93
C MET A 5 -15.87 -35.42 2.35
N PRO A 6 -17.12 -35.82 2.16
CA PRO A 6 -18.18 -34.96 1.59
C PRO A 6 -18.37 -33.71 2.44
N LEU A 7 -18.82 -32.63 1.80
CA LEU A 7 -19.04 -31.37 2.51
C LEU A 7 -19.99 -31.50 3.70
N ASP A 8 -20.94 -32.44 3.60
CA ASP A 8 -21.93 -32.61 4.66
C ASP A 8 -21.47 -33.58 5.75
N SER A 9 -20.18 -33.92 5.78
CA SER A 9 -19.67 -34.78 6.82
C SER A 9 -19.75 -34.09 8.17
N ASP A 10 -19.92 -34.88 9.23
CA ASP A 10 -19.97 -34.36 10.59
C ASP A 10 -18.73 -33.52 10.99
N VAL A 11 -17.56 -33.91 10.52
CA VAL A 11 -16.34 -33.18 10.88
C VAL A 11 -16.30 -31.77 10.32
N PHE A 12 -17.13 -31.49 9.31
CA PHE A 12 -17.16 -30.17 8.68
C PHE A 12 -18.32 -29.30 9.20
N ARG A 13 -19.03 -29.77 10.22
CA ARG A 13 -20.18 -29.01 10.69
C ARG A 13 -19.80 -27.63 11.18
N VAL A 14 -20.65 -26.66 10.85
CA VAL A 14 -20.48 -25.26 11.19
C VAL A 14 -20.98 -25.01 12.62
N PRO A 15 -20.14 -24.41 13.48
CA PRO A 15 -20.58 -24.06 14.84
C PRO A 15 -21.78 -23.14 14.77
N PRO A 16 -22.85 -23.45 15.51
CA PRO A 16 -24.11 -22.71 15.46
C PRO A 16 -24.03 -21.36 16.18
N GLY A 17 -24.93 -20.45 15.82
CA GLY A 17 -24.99 -19.15 16.46
C GLY A 17 -24.52 -18.08 15.50
N TYR A 18 -25.12 -16.88 15.60
CA TYR A 18 -24.74 -15.81 14.71
C TYR A 18 -23.25 -15.51 14.85
N ASN A 19 -22.54 -15.50 13.72
CA ASN A 19 -21.12 -15.17 13.66
C ASN A 19 -20.24 -15.96 14.62
N ALA A 20 -20.62 -17.21 14.83
CA ALA A 20 -19.87 -18.14 15.67
C ALA A 20 -18.44 -18.30 15.13
N PRO A 21 -17.46 -18.07 15.99
CA PRO A 21 -16.09 -18.34 15.51
C PRO A 21 -15.94 -19.80 15.10
N GLN A 22 -15.22 -20.02 14.01
CA GLN A 22 -14.95 -21.36 13.54
C GLN A 22 -13.48 -21.47 13.08
N GLN A 23 -13.05 -22.69 12.75
CA GLN A 23 -11.68 -22.93 12.33
C GLN A 23 -10.69 -22.42 13.37
N VAL A 24 -11.05 -22.58 14.63
CA VAL A 24 -10.18 -22.10 15.70
C VAL A 24 -8.88 -22.93 15.74
N HIS A 25 -7.75 -22.26 15.86
CA HIS A 25 -6.47 -22.98 15.96
C HIS A 25 -5.42 -22.14 16.67
N ILE A 26 -4.52 -22.82 17.36
CA ILE A 26 -3.51 -22.14 18.15
C ILE A 26 -2.12 -22.65 17.81
N THR A 27 -1.13 -21.79 18.00
CA THR A 27 0.25 -22.23 17.90
C THR A 27 1.10 -21.38 18.84
N GLN A 28 2.34 -21.81 19.08
CA GLN A 28 3.23 -21.07 19.95
C GLN A 28 3.44 -19.64 19.41
N GLY A 29 3.51 -18.65 20.31
CA GLY A 29 3.50 -17.27 19.88
C GLY A 29 4.77 -16.47 20.10
N ASP A 30 5.76 -17.08 20.75
CA ASP A 30 7.02 -16.44 21.07
C ASP A 30 8.10 -17.51 20.98
N LEU A 31 9.33 -17.16 21.37
CA LEU A 31 10.44 -18.10 21.24
C LEU A 31 10.42 -19.27 22.25
N VAL A 32 10.03 -19.02 23.49
CA VAL A 32 10.21 -20.00 24.56
C VAL A 32 8.96 -20.59 25.20
N GLY A 33 7.77 -20.15 24.80
CA GLY A 33 6.55 -20.80 25.24
C GLY A 33 5.60 -19.97 26.09
N ARG A 34 5.95 -18.72 26.33
CA ARG A 34 5.11 -17.85 27.15
C ARG A 34 4.00 -17.16 26.38
N ALA A 35 3.87 -17.46 25.10
CA ALA A 35 2.85 -16.80 24.29
C ALA A 35 2.20 -17.78 23.35
N MET A 36 1.02 -17.42 22.87
CA MET A 36 0.21 -18.30 22.05
C MET A 36 -0.54 -17.48 21.02
N ILE A 37 -0.41 -17.85 19.75
CA ILE A 37 -1.16 -17.17 18.71
C ILE A 37 -2.51 -17.83 18.58
N ILE A 38 -3.57 -17.08 18.84
CA ILE A 38 -4.95 -17.59 18.71
C ILE A 38 -5.57 -17.13 17.38
N SER A 39 -6.05 -18.07 16.58
CA SER A 39 -6.58 -17.75 15.26
C SER A 39 -7.95 -18.37 15.06
N TRP A 40 -8.81 -17.66 14.34
CA TRP A 40 -10.15 -18.16 14.02
C TRP A 40 -10.79 -17.33 12.91
N VAL A 41 -11.89 -17.83 12.37
CA VAL A 41 -12.58 -17.17 11.27
C VAL A 41 -14.02 -16.88 11.64
N THR A 42 -14.49 -15.67 11.34
CA THR A 42 -15.92 -15.42 11.40
C THR A 42 -16.47 -15.26 9.99
N MET A 43 -17.68 -15.76 9.76
CA MET A 43 -18.27 -15.80 8.44
C MET A 43 -19.37 -14.75 8.19
N ASP A 44 -20.04 -14.30 9.24
CA ASP A 44 -21.21 -13.43 9.03
C ASP A 44 -20.85 -11.96 9.01
N GLU A 45 -19.87 -11.57 9.82
CA GLU A 45 -19.38 -10.21 9.79
C GLU A 45 -18.02 -10.18 10.47
N PRO A 46 -17.24 -9.12 10.22
CA PRO A 46 -15.91 -9.01 10.83
C PRO A 46 -15.83 -9.53 12.26
N GLY A 47 -16.66 -8.99 13.14
CA GLY A 47 -16.61 -9.36 14.55
C GLY A 47 -15.41 -8.79 15.28
N SER A 48 -15.26 -9.19 16.54
CA SER A 48 -14.18 -8.71 17.38
C SER A 48 -12.96 -9.64 17.37
N SER A 49 -11.76 -9.05 17.37
CA SER A 49 -10.51 -9.82 17.41
C SER A 49 -9.96 -10.00 18.82
N ALA A 50 -10.79 -9.76 19.83
CA ALA A 50 -10.41 -9.89 21.23
C ALA A 50 -10.53 -11.33 21.69
N VAL A 51 -9.57 -11.75 22.52
CA VAL A 51 -9.62 -13.05 23.16
C VAL A 51 -9.67 -12.84 24.68
N ARG A 52 -10.63 -13.49 25.33
CA ARG A 52 -10.69 -13.47 26.78
C ARG A 52 -10.08 -14.79 27.30
N TYR A 53 -9.22 -14.68 28.30
CA TYR A 53 -8.51 -15.84 28.80
C TYR A 53 -8.21 -15.71 30.28
N TRP A 54 -8.02 -16.84 30.93
CA TRP A 54 -7.65 -16.87 32.35
C TRP A 54 -7.04 -18.22 32.67
N SER A 55 -6.20 -18.26 33.69
CA SER A 55 -5.65 -19.52 34.16
C SER A 55 -6.55 -20.19 35.18
N GLU A 56 -6.48 -21.51 35.25
CA GLU A 56 -7.16 -22.20 36.32
C GLU A 56 -6.54 -21.80 37.67
N LYS A 57 -5.22 -21.58 37.67
CA LYS A 57 -4.53 -21.22 38.90
C LYS A 57 -5.00 -19.90 39.50
N ASN A 58 -5.19 -18.89 38.67
CA ASN A 58 -5.52 -17.56 39.18
C ASN A 58 -6.95 -17.10 38.96
N GLY A 59 -7.59 -17.56 37.90
CA GLY A 59 -8.99 -17.26 37.68
C GLY A 59 -9.27 -15.78 37.47
N ARG A 60 -8.24 -15.04 37.07
CA ARG A 60 -8.40 -13.64 36.68
C ARG A 60 -8.55 -13.50 35.16
N LYS A 61 -9.74 -13.15 34.70
CA LYS A 61 -10.00 -12.98 33.28
C LYS A 61 -9.31 -11.77 32.67
N ARG A 62 -8.57 -11.97 31.57
CA ARG A 62 -7.88 -10.89 30.86
C ARG A 62 -8.28 -10.83 29.39
N ILE A 63 -7.89 -9.73 28.74
CA ILE A 63 -8.25 -9.49 27.35
C ILE A 63 -7.00 -9.24 26.52
N ALA A 64 -6.89 -9.95 25.41
CA ALA A 64 -5.85 -9.67 24.43
C ALA A 64 -6.50 -9.18 23.14
N LYS A 65 -5.92 -8.15 22.52
CA LYS A 65 -6.46 -7.58 21.30
C LYS A 65 -5.64 -8.02 20.09
N GLY A 66 -6.32 -8.36 19.00
CA GLY A 66 -5.63 -8.84 17.81
C GLY A 66 -6.04 -8.11 16.54
N LYS A 67 -5.96 -8.81 15.41
CA LYS A 67 -6.15 -8.20 14.11
C LYS A 67 -6.98 -9.09 13.20
N MET A 68 -7.76 -8.45 12.33
CA MET A 68 -8.63 -9.15 11.39
C MET A 68 -8.09 -8.88 10.00
N SER A 69 -8.13 -9.89 9.13
CA SER A 69 -7.76 -9.69 7.75
C SER A 69 -8.62 -10.57 6.86
N THR A 70 -8.60 -10.28 5.55
CA THR A 70 -9.34 -11.07 4.58
C THR A 70 -8.47 -11.25 3.34
N TYR A 71 -8.83 -12.20 2.49
CA TYR A 71 -8.17 -12.32 1.20
C TYR A 71 -9.16 -12.80 0.13
N ARG A 72 -8.75 -12.65 -1.13
CA ARG A 72 -9.47 -13.21 -2.24
C ARG A 72 -8.52 -14.13 -2.99
N PHE A 73 -9.06 -15.22 -3.54
CA PHE A 73 -8.31 -16.10 -4.41
C PHE A 73 -9.20 -16.44 -5.60
N PHE A 74 -8.86 -15.93 -6.79
CA PHE A 74 -9.72 -16.05 -7.97
C PHE A 74 -11.11 -15.49 -7.64
N ASN A 75 -12.13 -16.34 -7.72
CA ASN A 75 -13.49 -15.89 -7.42
C ASN A 75 -13.97 -16.29 -6.01
N TYR A 76 -13.06 -16.78 -5.19
CA TYR A 76 -13.35 -17.02 -3.78
C TYR A 76 -13.06 -15.75 -2.96
N SER A 77 -13.92 -15.46 -1.98
CA SER A 77 -13.69 -14.37 -1.03
C SER A 77 -13.74 -14.98 0.35
N SER A 78 -12.71 -14.76 1.13
CA SER A 78 -12.61 -15.39 2.43
C SER A 78 -13.53 -14.75 3.44
N GLY A 79 -13.80 -15.46 4.53
CA GLY A 79 -14.41 -14.86 5.70
C GLY A 79 -13.39 -13.98 6.42
N PHE A 80 -13.74 -13.61 7.64
CA PHE A 80 -12.94 -12.69 8.44
C PHE A 80 -12.00 -13.44 9.37
N ILE A 81 -10.71 -13.26 9.08
CA ILE A 81 -9.65 -14.05 9.71
C ILE A 81 -9.03 -13.29 10.87
N HIS A 82 -9.09 -13.88 12.05
CA HIS A 82 -8.56 -13.24 13.25
C HIS A 82 -7.28 -13.92 13.72
N HIS A 83 -6.28 -13.10 14.05
CA HIS A 83 -5.05 -13.57 14.71
C HIS A 83 -4.75 -12.67 15.90
N THR A 84 -4.62 -13.30 17.07
CA THR A 84 -4.38 -12.58 18.29
C THR A 84 -3.38 -13.32 19.13
N THR A 85 -2.38 -12.60 19.62
CA THR A 85 -1.37 -13.18 20.46
C THR A 85 -1.61 -12.85 21.93
N ILE A 86 -1.81 -13.88 22.74
CA ILE A 86 -1.76 -13.76 24.19
C ILE A 86 -0.31 -13.88 24.66
N ARG A 87 0.12 -12.98 25.54
CA ARG A 87 1.52 -12.94 25.98
C ARG A 87 1.67 -13.05 27.48
N LYS A 88 2.91 -13.28 27.91
CA LYS A 88 3.28 -13.32 29.32
C LYS A 88 2.50 -14.36 30.10
N LEU A 89 2.33 -15.54 29.50
CA LEU A 89 1.66 -16.65 30.16
C LEU A 89 2.62 -17.30 31.12
N LYS A 90 2.07 -17.89 32.17
CA LYS A 90 2.85 -18.68 33.11
C LYS A 90 3.15 -20.04 32.49
N TYR A 91 4.31 -20.59 32.82
CA TYR A 91 4.71 -21.91 32.36
C TYR A 91 3.88 -23.00 33.00
N ASN A 92 3.72 -24.11 32.27
CA ASN A 92 3.11 -25.30 32.81
C ASN A 92 1.78 -25.05 33.53
N THR A 93 0.94 -24.20 32.95
CA THR A 93 -0.36 -23.96 33.57
C THR A 93 -1.48 -23.99 32.56
N LYS A 94 -2.67 -24.41 33.02
CA LYS A 94 -3.82 -24.51 32.15
C LYS A 94 -4.52 -23.15 32.00
N TYR A 95 -4.81 -22.77 30.76
CA TYR A 95 -5.56 -21.55 30.48
C TYR A 95 -6.87 -21.87 29.77
N TYR A 96 -7.90 -21.11 30.07
CA TYR A 96 -9.10 -21.15 29.25
C TYR A 96 -9.05 -19.91 28.39
N TYR A 97 -9.63 -19.98 27.19
CA TYR A 97 -9.72 -18.80 26.34
C TYR A 97 -11.02 -18.81 25.56
N GLU A 98 -11.53 -17.62 25.30
CA GLU A 98 -12.80 -17.48 24.61
C GLU A 98 -12.64 -16.54 23.43
N VAL A 99 -13.32 -16.87 22.34
CA VAL A 99 -13.32 -16.06 21.12
C VAL A 99 -14.77 -15.84 20.67
N GLY A 100 -15.01 -14.73 19.95
CA GLY A 100 -16.35 -14.40 19.51
C GLY A 100 -17.06 -13.60 20.59
N LEU A 101 -16.35 -12.65 21.18
CA LEU A 101 -16.83 -12.00 22.38
C LEU A 101 -18.05 -11.12 22.13
N ARG A 102 -18.31 -10.80 20.87
CA ARG A 102 -19.37 -9.85 20.57
C ARG A 102 -20.74 -10.51 20.31
N ASN A 103 -20.76 -11.70 19.71
CA ASN A 103 -22.03 -12.35 19.39
C ASN A 103 -22.19 -13.78 19.88
N THR A 104 -21.36 -14.69 19.40
CA THR A 104 -21.46 -16.09 19.83
C THR A 104 -20.13 -16.54 20.38
N THR A 105 -20.05 -16.70 21.69
CA THR A 105 -18.79 -17.03 22.34
C THR A 105 -18.53 -18.54 22.34
N ARG A 106 -17.28 -18.91 22.11
CA ARG A 106 -16.87 -20.30 22.17
C ARG A 106 -15.61 -20.38 23.01
N ARG A 107 -15.55 -21.39 23.87
CA ARG A 107 -14.48 -21.46 24.87
C ARG A 107 -13.65 -22.72 24.66
N PHE A 108 -12.35 -22.57 24.82
CA PHE A 108 -11.43 -23.69 24.65
C PHE A 108 -10.37 -23.59 25.75
N SER A 109 -9.35 -24.43 25.67
CA SER A 109 -8.28 -24.40 26.66
C SER A 109 -6.99 -24.97 26.10
N PHE A 110 -5.90 -24.71 26.80
CA PHE A 110 -4.61 -25.25 26.43
C PHE A 110 -3.71 -25.24 27.64
N ILE A 111 -2.59 -25.93 27.57
CA ILE A 111 -1.64 -25.94 28.66
C ILE A 111 -0.29 -25.44 28.18
N THR A 112 0.26 -24.44 28.86
CA THR A 112 1.55 -23.93 28.44
C THR A 112 2.60 -24.97 28.76
N PRO A 113 3.68 -25.01 27.97
CA PRO A 113 4.75 -25.99 28.20
C PRO A 113 5.53 -25.63 29.44
N PRO A 114 6.30 -26.58 29.99
CA PRO A 114 7.16 -26.16 31.10
C PRO A 114 8.23 -25.22 30.56
N GLN A 115 8.88 -24.48 31.42
CA GLN A 115 10.00 -23.65 31.03
C GLN A 115 11.08 -24.53 30.39
N THR A 116 11.79 -23.99 29.40
CA THR A 116 12.81 -24.77 28.73
C THR A 116 13.90 -25.16 29.74
N GLY A 117 14.49 -26.33 29.53
CA GLY A 117 15.48 -26.84 30.44
C GLY A 117 16.06 -28.14 29.91
N LEU A 118 17.17 -28.55 30.51
CA LEU A 118 17.96 -29.69 30.07
C LEU A 118 17.24 -31.05 30.11
N ASP A 119 16.54 -31.35 31.20
CA ASP A 119 15.90 -32.66 31.32
C ASP A 119 14.38 -32.64 31.27
N VAL A 120 13.82 -31.58 30.70
CA VAL A 120 12.37 -31.40 30.68
C VAL A 120 11.66 -32.34 29.69
N PRO A 121 10.82 -33.24 30.20
CA PRO A 121 10.09 -34.17 29.31
C PRO A 121 9.02 -33.48 28.47
N TYR A 122 8.72 -34.05 27.32
CA TYR A 122 7.65 -33.54 26.48
C TYR A 122 7.36 -34.52 25.36
N THR A 123 6.09 -34.65 25.00
CA THR A 123 5.67 -35.57 23.95
C THR A 123 5.15 -34.82 22.71
N PHE A 124 5.87 -34.91 21.58
CA PHE A 124 5.42 -34.28 20.34
C PHE A 124 4.72 -35.26 19.39
N GLY A 125 3.60 -34.84 18.82
CA GLY A 125 3.01 -35.65 17.76
C GLY A 125 3.75 -35.31 16.48
N LEU A 126 3.82 -36.29 15.57
CA LEU A 126 4.27 -36.05 14.20
C LEU A 126 3.23 -36.41 13.16
N ILE A 127 2.83 -35.41 12.40
CA ILE A 127 1.77 -35.56 11.41
C ILE A 127 2.20 -34.89 10.13
N GLY A 128 1.98 -35.57 9.01
CA GLY A 128 2.35 -34.99 7.72
C GLY A 128 1.35 -35.26 6.61
N ASP A 129 1.09 -34.26 5.77
CA ASP A 129 0.29 -34.49 4.58
C ASP A 129 -1.08 -35.03 5.00
N LEU A 130 -1.75 -34.28 5.87
CA LEU A 130 -2.95 -34.77 6.53
C LEU A 130 -4.14 -34.91 5.57
N GLY A 131 -4.49 -33.82 4.91
CA GLY A 131 -5.61 -33.81 4.00
C GLY A 131 -6.93 -33.88 4.72
N GLN A 132 -7.98 -34.25 3.99
CA GLN A 132 -9.31 -34.34 4.55
C GLN A 132 -10.08 -35.50 3.92
N SER A 133 -9.39 -36.63 3.81
CA SER A 133 -10.00 -37.87 3.38
C SER A 133 -10.43 -38.68 4.61
N PHE A 134 -11.11 -39.79 4.40
CA PHE A 134 -11.48 -40.62 5.53
C PHE A 134 -10.25 -41.14 6.26
N ASP A 135 -9.17 -41.40 5.52
CA ASP A 135 -7.92 -41.80 6.16
C ASP A 135 -7.42 -40.69 7.09
N SER A 136 -7.50 -39.45 6.61
CA SER A 136 -7.07 -38.31 7.39
C SER A 136 -7.82 -38.31 8.70
N ASN A 137 -9.10 -38.64 8.65
CA ASN A 137 -9.89 -38.61 9.87
C ASN A 137 -9.45 -39.69 10.86
N THR A 138 -9.13 -40.86 10.34
CA THR A 138 -8.68 -41.97 11.17
C THR A 138 -7.34 -41.65 11.84
N THR A 139 -6.41 -41.07 11.09
CA THR A 139 -5.13 -40.72 11.68
C THR A 139 -5.33 -39.72 12.83
N LEU A 140 -6.16 -38.71 12.61
CA LEU A 140 -6.40 -37.71 13.64
C LEU A 140 -6.97 -38.36 14.90
N SER A 141 -7.90 -39.31 14.74
CA SER A 141 -8.46 -40.06 15.86
C SER A 141 -7.38 -40.85 16.60
N HIS A 142 -6.53 -41.57 15.86
CA HIS A 142 -5.45 -42.33 16.49
C HIS A 142 -4.55 -41.42 17.30
N TYR A 143 -4.26 -40.25 16.77
CA TYR A 143 -3.41 -39.32 17.50
C TYR A 143 -4.08 -38.87 18.80
N GLU A 144 -5.33 -38.43 18.73
CA GLU A 144 -6.00 -37.93 19.91
C GLU A 144 -6.28 -39.07 20.90
N LEU A 145 -6.41 -40.29 20.39
CA LEU A 145 -6.62 -41.43 21.29
C LEU A 145 -5.32 -42.06 21.83
N SER A 146 -4.16 -41.50 21.50
CA SER A 146 -2.92 -42.15 21.92
C SER A 146 -2.67 -42.08 23.43
N PRO A 147 -2.27 -43.20 24.03
CA PRO A 147 -1.97 -43.26 25.46
C PRO A 147 -0.73 -42.45 25.76
N LYS A 148 0.10 -42.24 24.75
CA LYS A 148 1.30 -41.44 24.93
C LYS A 148 0.97 -39.97 25.18
N LYS A 149 -0.23 -39.56 24.74
CA LYS A 149 -0.73 -38.21 24.94
C LYS A 149 0.17 -37.11 24.38
N GLY A 150 0.01 -36.81 23.10
CA GLY A 150 0.78 -35.76 22.46
C GLY A 150 0.39 -34.38 22.95
N GLN A 151 1.38 -33.52 23.12
CA GLN A 151 1.18 -32.22 23.75
C GLN A 151 1.25 -31.07 22.74
N THR A 152 1.83 -31.36 21.59
CA THR A 152 2.06 -30.37 20.53
C THR A 152 2.28 -31.19 19.28
N VAL A 153 1.71 -30.77 18.16
CA VAL A 153 1.93 -31.49 16.92
C VAL A 153 3.00 -30.78 16.11
N LEU A 154 3.97 -31.53 15.62
CA LEU A 154 4.92 -31.03 14.64
C LEU A 154 4.41 -31.44 13.26
N PHE A 155 4.00 -30.45 12.48
CA PHE A 155 3.32 -30.72 11.23
C PHE A 155 4.23 -30.42 10.04
N VAL A 156 4.57 -31.46 9.27
CA VAL A 156 5.59 -31.32 8.24
C VAL A 156 5.07 -30.92 6.85
N GLY A 157 3.84 -30.41 6.79
CA GLY A 157 3.38 -29.74 5.59
C GLY A 157 2.35 -30.51 4.79
N ASP A 158 1.77 -29.82 3.81
CA ASP A 158 0.60 -30.29 3.05
C ASP A 158 -0.60 -30.42 3.96
N LEU A 159 -1.30 -29.31 4.11
CA LEU A 159 -2.41 -29.21 5.04
C LEU A 159 -3.73 -29.69 4.44
N SER A 160 -4.33 -28.86 3.59
CA SER A 160 -5.72 -29.06 3.19
C SER A 160 -5.91 -29.78 1.85
N TYR A 161 -4.93 -29.69 0.97
CA TYR A 161 -5.06 -30.22 -0.37
C TYR A 161 -6.21 -29.55 -1.13
N ALA A 162 -6.52 -28.33 -0.72
CA ALA A 162 -7.49 -27.49 -1.38
C ALA A 162 -7.11 -27.31 -2.85
N ASP A 163 -5.80 -27.28 -3.11
CA ASP A 163 -5.34 -27.00 -4.46
C ASP A 163 -5.63 -28.13 -5.45
N ARG A 164 -6.14 -29.25 -4.97
CA ARG A 164 -6.54 -30.31 -5.90
C ARG A 164 -7.93 -30.06 -6.50
N TYR A 165 -8.66 -29.11 -5.92
CA TYR A 165 -9.99 -28.76 -6.40
C TYR A 165 -9.94 -27.72 -7.50
N PRO A 166 -10.99 -27.61 -8.33
CA PRO A 166 -11.11 -26.60 -9.39
C PRO A 166 -10.85 -25.20 -8.86
N ASN A 167 -9.91 -24.48 -9.47
CA ASN A 167 -9.54 -23.17 -8.98
C ASN A 167 -9.08 -23.21 -7.51
N HIS A 168 -8.59 -24.35 -7.07
CA HIS A 168 -8.13 -24.50 -5.69
C HIS A 168 -9.25 -24.23 -4.68
N ASP A 169 -10.49 -24.48 -5.08
CA ASP A 169 -11.68 -24.09 -4.29
C ASP A 169 -11.36 -23.90 -2.81
N ASN A 170 -11.19 -22.64 -2.40
CA ASN A 170 -10.70 -22.32 -1.07
C ASN A 170 -11.69 -22.67 0.05
N VAL A 171 -12.92 -23.02 -0.35
CA VAL A 171 -13.88 -23.58 0.60
C VAL A 171 -13.26 -24.79 1.31
N ARG A 172 -12.44 -25.54 0.57
CA ARG A 172 -11.77 -26.72 1.12
C ARG A 172 -10.67 -26.40 2.15
N TRP A 173 -10.29 -25.14 2.25
CA TRP A 173 -9.46 -24.71 3.37
C TRP A 173 -10.34 -24.51 4.60
N ASP A 174 -11.51 -23.93 4.38
CA ASP A 174 -12.46 -23.71 5.48
C ASP A 174 -12.86 -25.03 6.14
N THR A 175 -13.18 -26.03 5.32
CA THR A 175 -13.54 -27.33 5.84
C THR A 175 -12.38 -27.94 6.62
N TRP A 176 -11.17 -27.81 6.08
CA TRP A 176 -10.02 -28.36 6.76
C TRP A 176 -9.83 -27.71 8.12
N GLY A 177 -10.10 -26.40 8.20
CA GLY A 177 -9.99 -25.70 9.46
C GLY A 177 -11.02 -26.17 10.46
N ARG A 178 -12.22 -26.46 9.97
CA ARG A 178 -13.28 -26.92 10.87
C ARG A 178 -12.97 -28.35 11.33
N PHE A 179 -12.38 -29.16 10.45
CA PHE A 179 -12.04 -30.55 10.77
C PHE A 179 -10.91 -30.67 11.80
N THR A 180 -9.86 -29.87 11.66
CA THR A 180 -8.69 -29.99 12.51
C THR A 180 -8.88 -29.35 13.90
N GLU A 181 -9.92 -28.53 14.01
CA GLU A 181 -10.17 -27.76 15.24
C GLU A 181 -10.18 -28.61 16.48
N ARG A 182 -10.82 -29.78 16.40
CA ARG A 182 -10.96 -30.66 17.55
C ARG A 182 -9.61 -30.97 18.22
N SER A 183 -8.51 -30.85 17.48
CA SER A 183 -7.18 -31.00 18.09
C SER A 183 -6.46 -29.66 18.27
N VAL A 184 -6.27 -28.94 17.17
CA VAL A 184 -5.44 -27.73 17.17
C VAL A 184 -6.04 -26.52 17.93
N ALA A 185 -7.32 -26.59 18.32
CA ALA A 185 -7.86 -25.54 19.19
C ALA A 185 -7.37 -25.70 20.62
N TYR A 186 -6.92 -26.91 20.96
CA TYR A 186 -6.52 -27.21 22.33
C TYR A 186 -5.02 -27.44 22.55
N GLN A 187 -4.27 -27.66 21.46
CA GLN A 187 -2.82 -27.78 21.58
C GLN A 187 -2.18 -27.23 20.31
N PRO A 188 -1.01 -26.58 20.44
CA PRO A 188 -0.40 -25.98 19.24
C PRO A 188 0.04 -26.99 18.22
N TRP A 189 -0.18 -26.65 16.95
CA TRP A 189 0.43 -27.36 15.84
C TRP A 189 1.52 -26.42 15.33
N ILE A 190 2.72 -26.96 15.14
CA ILE A 190 3.85 -26.17 14.61
C ILE A 190 3.88 -26.32 13.08
N TRP A 191 3.62 -25.24 12.35
CA TRP A 191 3.38 -25.33 10.91
C TRP A 191 4.61 -25.31 9.99
N THR A 192 4.68 -26.29 9.09
CA THR A 192 5.68 -26.31 8.01
C THR A 192 4.95 -26.20 6.69
N ALA A 193 5.51 -25.43 5.75
CA ALA A 193 4.87 -25.22 4.45
C ALA A 193 5.28 -26.30 3.44
N GLY A 194 4.30 -27.01 2.88
CA GLY A 194 4.58 -28.04 1.90
C GLY A 194 4.28 -27.54 0.49
N ASN A 195 4.34 -28.43 -0.50
CA ASN A 195 4.14 -27.98 -1.87
C ASN A 195 2.68 -27.68 -2.23
N HIS A 196 1.75 -28.29 -1.50
CA HIS A 196 0.34 -28.00 -1.72
C HIS A 196 -0.06 -26.64 -1.14
N GLU A 197 0.85 -26.01 -0.41
CA GLU A 197 0.60 -24.65 0.07
C GLU A 197 1.08 -23.57 -0.90
N ILE A 198 1.86 -23.97 -1.90
CA ILE A 198 2.43 -23.01 -2.85
C ILE A 198 1.34 -22.23 -3.58
N GLU A 199 0.39 -22.97 -4.14
CA GLU A 199 -0.75 -22.41 -4.85
C GLU A 199 -0.36 -21.33 -5.86
N PHE A 200 0.66 -21.65 -6.65
CA PHE A 200 1.09 -20.79 -7.75
C PHE A 200 0.25 -21.18 -8.95
N ALA A 201 -0.70 -20.32 -9.30
CA ALA A 201 -1.62 -20.56 -10.41
C ALA A 201 -1.70 -19.31 -11.27
N PRO A 202 -0.68 -19.07 -12.09
CA PRO A 202 -0.64 -17.89 -12.96
C PRO A 202 -1.79 -17.89 -13.99
N GLU A 203 -2.31 -19.07 -14.31
CA GLU A 203 -3.43 -19.18 -15.25
C GLU A 203 -4.71 -18.51 -14.74
N ILE A 204 -4.80 -18.23 -13.44
CA ILE A 204 -5.96 -17.51 -12.91
C ILE A 204 -5.51 -16.32 -12.08
N ASN A 205 -4.38 -15.74 -12.51
CA ASN A 205 -3.76 -14.58 -11.87
C ASN A 205 -3.53 -14.71 -10.36
N GLU A 206 -3.13 -15.89 -9.91
CA GLU A 206 -2.72 -16.07 -8.52
C GLU A 206 -1.24 -16.44 -8.46
N THR A 207 -0.39 -15.43 -8.32
CA THR A 207 1.04 -15.61 -8.51
C THR A 207 1.86 -15.37 -7.24
N GLU A 208 1.21 -15.16 -6.11
CA GLU A 208 1.91 -14.99 -4.84
C GLU A 208 1.94 -16.31 -4.08
N PRO A 209 3.10 -16.95 -4.00
CA PRO A 209 3.19 -18.29 -3.39
C PRO A 209 2.74 -18.29 -1.91
N PHE A 210 2.05 -19.35 -1.49
CA PHE A 210 1.65 -19.53 -0.10
C PHE A 210 0.56 -18.56 0.42
N LYS A 211 -0.08 -17.84 -0.49
CA LYS A 211 -1.02 -16.79 -0.08
C LYS A 211 -2.12 -17.28 0.89
N PRO A 212 -2.97 -18.25 0.48
CA PRO A 212 -4.02 -18.70 1.40
C PRO A 212 -3.47 -19.25 2.72
N PHE A 213 -2.44 -20.10 2.64
CA PHE A 213 -1.82 -20.67 3.84
C PHE A 213 -1.31 -19.58 4.78
N SER A 214 -0.66 -18.58 4.21
CA SER A 214 -0.01 -17.54 5.01
C SER A 214 -0.99 -16.54 5.64
N TYR A 215 -2.16 -16.38 5.02
CA TYR A 215 -3.25 -15.61 5.63
C TYR A 215 -3.93 -16.38 6.78
N ARG A 216 -4.04 -17.70 6.63
CA ARG A 216 -4.78 -18.51 7.58
C ARG A 216 -3.97 -19.01 8.77
N TYR A 217 -2.68 -19.26 8.54
CA TYR A 217 -1.79 -19.86 9.54
C TYR A 217 -0.56 -18.99 9.83
N HIS A 218 -0.58 -18.34 10.98
CA HIS A 218 0.51 -17.47 11.37
C HIS A 218 1.53 -18.23 12.22
N VAL A 219 2.77 -17.75 12.22
CA VAL A 219 3.83 -18.38 13.00
C VAL A 219 4.67 -17.28 13.63
N PRO A 220 5.32 -17.58 14.77
CA PRO A 220 6.08 -16.60 15.54
C PRO A 220 7.45 -16.28 14.93
N TYR A 221 7.50 -16.03 13.63
CA TYR A 221 8.78 -15.97 12.94
C TYR A 221 9.71 -14.85 13.37
N GLU A 222 9.18 -13.70 13.72
CA GLU A 222 10.03 -12.60 14.18
C GLU A 222 10.73 -12.93 15.50
N ALA A 223 10.17 -13.86 16.26
CA ALA A 223 10.74 -14.24 17.55
C ALA A 223 12.13 -14.82 17.40
N SER A 224 12.44 -15.38 16.24
CA SER A 224 13.78 -15.91 16.02
C SER A 224 14.56 -15.09 14.98
N GLN A 225 14.13 -13.85 14.79
CA GLN A 225 14.75 -12.94 13.83
C GLN A 225 14.68 -13.44 12.39
N SER A 226 13.77 -14.35 12.13
CA SER A 226 13.49 -14.68 10.73
C SER A 226 12.72 -13.52 10.12
N THR A 227 12.83 -13.36 8.81
CA THR A 227 12.13 -12.28 8.13
C THR A 227 11.01 -12.83 7.29
N SER A 228 10.72 -14.11 7.48
CA SER A 228 9.68 -14.77 6.68
C SER A 228 8.96 -15.81 7.48
N PRO A 229 7.65 -15.94 7.25
CA PRO A 229 6.90 -16.96 7.98
C PRO A 229 7.25 -18.38 7.55
N PHE A 230 8.03 -18.57 6.50
CA PHE A 230 8.23 -19.95 5.99
C PHE A 230 9.44 -20.68 6.57
N TRP A 231 10.31 -19.95 7.25
CA TRP A 231 11.36 -20.56 8.05
C TRP A 231 11.46 -19.83 9.36
N TYR A 232 11.64 -20.57 10.45
CA TYR A 232 11.66 -19.97 11.77
C TYR A 232 11.98 -21.05 12.81
N SER A 233 12.08 -20.63 14.06
CA SER A 233 12.56 -21.51 15.13
C SER A 233 11.69 -21.33 16.37
N ILE A 234 11.46 -22.39 17.12
CA ILE A 234 10.92 -22.24 18.45
C ILE A 234 11.64 -23.13 19.45
N LYS A 235 11.57 -22.74 20.72
CA LYS A 235 11.99 -23.60 21.81
C LYS A 235 10.78 -23.97 22.66
N ARG A 236 10.65 -25.26 22.92
CA ARG A 236 9.58 -25.79 23.76
C ARG A 236 10.13 -26.96 24.59
N ALA A 237 9.97 -26.85 25.91
CA ALA A 237 10.54 -27.83 26.83
C ALA A 237 12.04 -27.96 26.57
N SER A 238 12.52 -29.17 26.28
CA SER A 238 13.95 -29.38 26.04
C SER A 238 14.31 -29.46 24.57
N ALA A 239 13.41 -29.01 23.70
CA ALA A 239 13.60 -29.15 22.27
C ALA A 239 13.81 -27.80 21.61
N HIS A 240 14.73 -27.77 20.65
CA HIS A 240 14.93 -26.59 19.82
C HIS A 240 14.53 -27.01 18.42
N ILE A 241 13.46 -26.43 17.90
CA ILE A 241 12.85 -26.85 16.65
C ILE A 241 13.07 -25.81 15.56
N ILE A 242 13.66 -26.26 14.46
CA ILE A 242 13.97 -25.41 13.34
C ILE A 242 13.10 -25.82 12.16
N VAL A 243 12.31 -24.88 11.67
CA VAL A 243 11.36 -25.17 10.59
C VAL A 243 11.90 -24.56 9.30
N LEU A 244 11.99 -25.36 8.24
CA LEU A 244 12.57 -24.89 6.98
C LEU A 244 11.57 -24.93 5.85
N SER A 245 11.90 -24.23 4.78
CA SER A 245 11.01 -24.14 3.63
C SER A 245 11.65 -24.73 2.37
N SER A 246 11.21 -25.93 2.01
CA SER A 246 11.71 -26.60 0.82
C SER A 246 11.45 -25.78 -0.47
N TYR A 247 10.39 -24.97 -0.44
CA TYR A 247 9.97 -24.26 -1.65
C TYR A 247 10.26 -22.77 -1.60
N SER A 248 11.17 -22.38 -0.70
CA SER A 248 11.73 -21.03 -0.75
C SER A 248 13.18 -21.09 -1.22
N ALA A 249 13.76 -19.92 -1.49
CA ALA A 249 15.16 -19.85 -1.85
C ALA A 249 16.04 -20.27 -0.67
N TYR A 250 17.10 -21.03 -0.96
CA TYR A 250 18.05 -21.40 0.09
C TYR A 250 19.48 -21.42 -0.45
N GLY A 251 19.70 -20.70 -1.54
CA GLY A 251 21.05 -20.52 -2.06
C GLY A 251 21.89 -19.69 -1.10
N ARG A 252 23.21 -19.80 -1.24
N ARG A 252 23.21 -19.80 -1.24
CA ARG A 252 24.12 -19.04 -0.39
CA ARG A 252 24.12 -19.07 -0.36
C ARG A 252 23.82 -17.55 -0.47
C ARG A 252 23.86 -17.57 -0.46
N GLY A 253 23.67 -16.92 0.69
CA GLY A 253 23.38 -15.51 0.71
C GLY A 253 21.89 -15.15 0.78
N THR A 254 21.00 -16.09 0.48
CA THR A 254 19.57 -15.83 0.51
C THR A 254 19.12 -15.67 1.97
N PRO A 255 17.97 -15.02 2.19
CA PRO A 255 17.46 -14.88 3.56
C PRO A 255 17.37 -16.21 4.35
N GLN A 256 16.81 -17.27 3.77
CA GLN A 256 16.66 -18.52 4.51
C GLN A 256 18.03 -19.14 4.86
N TYR A 257 18.96 -19.07 3.92
CA TYR A 257 20.30 -19.64 4.09
C TYR A 257 21.01 -18.89 5.21
N THR A 258 20.97 -17.57 5.15
CA THR A 258 21.62 -16.73 6.13
C THR A 258 21.04 -16.97 7.52
N TRP A 259 19.72 -17.07 7.58
CA TRP A 259 19.06 -17.27 8.85
C TRP A 259 19.40 -18.63 9.48
N LEU A 260 19.41 -19.67 8.68
CA LEU A 260 19.70 -21.02 9.20
C LEU A 260 21.12 -21.09 9.73
N LYS A 261 22.04 -20.52 8.98
CA LYS A 261 23.44 -20.49 9.38
C LYS A 261 23.59 -19.87 10.78
N LYS A 262 23.01 -18.69 10.97
CA LYS A 262 23.08 -18.02 12.28
C LYS A 262 22.33 -18.80 13.35
N GLU A 263 21.17 -19.33 13.00
CA GLU A 263 20.34 -20.05 13.97
C GLU A 263 21.06 -21.28 14.53
N LEU A 264 21.72 -22.04 13.66
CA LEU A 264 22.40 -23.22 14.14
C LEU A 264 23.49 -22.82 15.12
N ARG A 265 24.14 -21.68 14.86
CA ARG A 265 25.14 -21.14 15.78
C ARG A 265 24.57 -20.73 17.14
N LYS A 266 23.31 -20.32 17.17
CA LYS A 266 22.68 -19.89 18.41
C LYS A 266 22.21 -21.07 19.26
N VAL A 267 22.17 -22.27 18.68
CA VAL A 267 21.67 -23.40 19.44
C VAL A 267 22.56 -23.67 20.66
N LYS A 268 21.94 -23.83 21.83
CA LYS A 268 22.67 -24.17 23.05
C LYS A 268 22.17 -25.52 23.54
N ARG A 269 22.94 -26.56 23.29
CA ARG A 269 22.55 -27.92 23.69
C ARG A 269 22.56 -28.11 25.21
N SER A 270 23.18 -27.19 25.94
CA SER A 270 23.09 -27.23 27.42
C SER A 270 21.79 -26.62 27.94
N GLU A 271 20.97 -26.09 27.04
CA GLU A 271 19.67 -25.51 27.43
C GLU A 271 18.50 -26.29 26.81
N THR A 272 18.60 -26.56 25.51
CA THR A 272 17.63 -27.42 24.84
C THR A 272 18.42 -28.53 24.15
N PRO A 273 18.54 -29.70 24.79
CA PRO A 273 19.43 -30.70 24.23
C PRO A 273 18.91 -31.31 22.93
N TRP A 274 17.60 -31.32 22.72
CA TRP A 274 17.06 -31.97 21.53
C TRP A 274 16.93 -31.00 20.36
N LEU A 275 17.73 -31.24 19.32
CA LEU A 275 17.72 -30.40 18.16
C LEU A 275 16.97 -31.07 17.01
N ILE A 276 15.87 -30.46 16.61
CA ILE A 276 14.94 -31.09 15.67
C ILE A 276 14.71 -30.18 14.48
N VAL A 277 14.78 -30.73 13.28
CA VAL A 277 14.54 -29.96 12.08
C VAL A 277 13.29 -30.46 11.34
N LEU A 278 12.40 -29.53 10.97
CA LEU A 278 11.26 -29.85 10.12
C LEU A 278 11.40 -29.27 8.73
N MET A 279 11.01 -30.04 7.73
CA MET A 279 11.01 -29.57 6.36
C MET A 279 10.03 -30.46 5.66
N HIS A 280 9.45 -29.99 4.55
CA HIS A 280 8.45 -30.79 3.87
C HIS A 280 9.07 -31.91 3.06
N SER A 281 10.08 -31.59 2.26
CA SER A 281 10.62 -32.57 1.30
C SER A 281 11.84 -33.32 1.85
N PRO A 282 11.75 -34.66 1.92
CA PRO A 282 12.77 -35.46 2.61
C PRO A 282 14.11 -35.52 1.91
N LEU A 283 15.19 -35.41 2.67
CA LEU A 283 16.54 -35.47 2.11
C LEU A 283 16.95 -36.90 1.81
N TYR A 284 16.41 -37.84 2.59
CA TYR A 284 16.63 -39.26 2.36
C TYR A 284 15.28 -39.90 2.11
N ASN A 285 15.15 -40.58 0.97
CA ASN A 285 13.87 -41.16 0.56
C ASN A 285 14.17 -42.25 -0.44
N SER A 286 13.72 -43.47 -0.15
CA SER A 286 13.95 -44.60 -1.04
C SER A 286 12.65 -45.07 -1.71
N TYR A 287 11.61 -44.23 -1.67
CA TYR A 287 10.38 -44.50 -2.40
C TYR A 287 10.48 -43.98 -3.84
N ASN A 288 9.75 -44.61 -4.73
CA ASN A 288 9.70 -44.17 -6.12
C ASN A 288 9.16 -42.73 -6.22
N HIS A 289 8.05 -42.46 -5.56
CA HIS A 289 7.41 -41.14 -5.59
C HIS A 289 8.34 -40.03 -5.04
N HIS A 290 8.56 -38.99 -5.84
CA HIS A 290 9.42 -37.87 -5.48
C HIS A 290 10.85 -38.31 -5.20
N PHE A 291 11.22 -39.51 -5.66
CA PHE A 291 12.59 -39.96 -5.54
C PHE A 291 13.57 -38.86 -5.95
N MET A 292 14.49 -38.55 -5.05
CA MET A 292 15.57 -37.60 -5.28
C MET A 292 15.22 -36.12 -5.33
N GLU A 293 13.94 -35.77 -5.11
CA GLU A 293 13.58 -34.35 -5.04
C GLU A 293 14.32 -33.60 -3.94
N GLY A 294 14.61 -34.29 -2.83
CA GLY A 294 15.32 -33.69 -1.73
C GLY A 294 16.79 -33.40 -1.97
N GLU A 295 17.31 -33.77 -3.14
CA GLU A 295 18.75 -33.69 -3.38
C GLU A 295 19.31 -32.28 -3.25
N ALA A 296 18.62 -31.31 -3.85
CA ALA A 296 19.11 -29.94 -3.84
C ALA A 296 19.30 -29.42 -2.43
N MET A 297 18.28 -29.56 -1.58
CA MET A 297 18.44 -29.02 -0.24
C MET A 297 19.50 -29.82 0.51
N ARG A 298 19.56 -31.12 0.26
CA ARG A 298 20.57 -31.93 0.90
C ARG A 298 21.99 -31.40 0.63
N THR A 299 22.29 -31.03 -0.61
CA THR A 299 23.64 -30.57 -0.92
C THR A 299 23.98 -29.28 -0.20
N LYS A 300 22.97 -28.48 0.13
CA LYS A 300 23.19 -27.20 0.81
C LYS A 300 23.35 -27.35 2.32
N PHE A 301 22.53 -28.20 2.94
CA PHE A 301 22.38 -28.17 4.39
C PHE A 301 22.86 -29.41 5.14
N GLU A 302 22.94 -30.55 4.47
CA GLU A 302 23.26 -31.81 5.13
C GLU A 302 24.53 -31.74 5.97
N ALA A 303 25.57 -31.11 5.44
CA ALA A 303 26.82 -30.95 6.18
C ALA A 303 26.63 -30.12 7.45
N TRP A 304 25.72 -29.15 7.42
CA TRP A 304 25.41 -28.36 8.62
C TRP A 304 24.73 -29.21 9.68
N PHE A 305 23.86 -30.11 9.24
CA PHE A 305 23.13 -30.94 10.19
C PHE A 305 24.08 -31.87 10.91
N VAL A 306 25.08 -32.38 10.18
CA VAL A 306 26.07 -33.28 10.73
C VAL A 306 27.01 -32.51 11.66
N LYS A 307 27.50 -31.38 11.17
CA LYS A 307 28.35 -30.52 11.99
C LYS A 307 27.68 -30.11 13.30
N TYR A 308 26.40 -29.75 13.26
CA TYR A 308 25.71 -29.34 14.49
C TYR A 308 25.01 -30.49 15.21
N LYS A 309 25.19 -31.69 14.69
CA LYS A 309 24.71 -32.89 15.36
C LYS A 309 23.21 -32.83 15.60
N VAL A 310 22.46 -32.47 14.56
CA VAL A 310 21.01 -32.50 14.64
C VAL A 310 20.61 -33.90 15.09
N ASP A 311 19.64 -33.98 16.00
CA ASP A 311 19.23 -35.29 16.49
C ASP A 311 18.36 -36.01 15.48
N VAL A 312 17.44 -35.26 14.86
CA VAL A 312 16.43 -35.87 14.00
C VAL A 312 15.87 -34.86 13.01
N VAL A 313 15.62 -35.34 11.79
CA VAL A 313 15.00 -34.49 10.75
C VAL A 313 13.69 -35.14 10.31
N PHE A 314 12.60 -34.38 10.44
CA PHE A 314 11.29 -34.88 10.05
C PHE A 314 10.83 -34.25 8.74
N ALA A 315 10.25 -35.07 7.88
CA ALA A 315 9.69 -34.58 6.63
C ALA A 315 8.44 -35.37 6.24
N GLY A 316 7.75 -34.89 5.21
CA GLY A 316 6.55 -35.53 4.71
C GLY A 316 6.70 -35.69 3.22
N HIS A 317 5.70 -35.19 2.46
CA HIS A 317 5.75 -35.17 1.01
C HIS A 317 5.57 -36.57 0.38
N VAL A 318 6.35 -37.55 0.83
CA VAL A 318 6.10 -38.93 0.41
C VAL A 318 4.98 -39.54 1.26
N HIS A 319 3.99 -40.16 0.63
CA HIS A 319 2.84 -40.66 1.38
C HIS A 319 3.08 -42.07 1.92
N ALA A 320 4.00 -42.16 2.87
CA ALA A 320 4.39 -43.43 3.43
C ALA A 320 5.26 -43.12 4.64
N TYR A 321 5.83 -44.15 5.25
CA TYR A 321 6.71 -43.97 6.38
C TYR A 321 8.08 -44.53 6.09
N GLU A 322 9.11 -43.80 6.47
CA GLU A 322 10.47 -44.29 6.39
C GLU A 322 11.34 -43.71 7.50
N ARG A 323 12.21 -44.56 8.03
CA ARG A 323 13.19 -44.17 9.02
C ARG A 323 14.58 -44.57 8.55
N SER A 324 15.48 -43.60 8.43
CA SER A 324 16.83 -43.86 7.96
C SER A 324 17.74 -44.34 9.10
N GLU A 325 18.92 -44.85 8.74
CA GLU A 325 20.00 -45.03 9.67
C GLU A 325 20.68 -43.68 9.84
N ARG A 326 21.53 -43.52 10.85
CA ARG A 326 22.37 -42.34 10.92
C ARG A 326 23.42 -42.40 9.83
N VAL A 327 23.25 -41.58 8.79
CA VAL A 327 24.12 -41.62 7.64
C VAL A 327 24.41 -40.22 7.15
N SER A 328 25.51 -40.08 6.44
CA SER A 328 25.80 -38.83 5.77
C SER A 328 26.33 -39.17 4.39
N ASN A 329 26.18 -38.21 3.48
CA ASN A 329 26.68 -38.31 2.11
C ASN A 329 27.31 -36.96 1.79
N ILE A 330 28.37 -36.63 2.54
CA ILE A 330 28.91 -35.27 2.52
C ILE A 330 30.37 -35.23 2.09
N ALA A 331 30.88 -36.33 1.56
CA ALA A 331 32.28 -36.40 1.19
C ALA A 331 32.55 -36.15 -0.31
N TYR A 332 31.47 -35.86 -1.05
CA TYR A 332 31.51 -35.81 -2.50
C TYR A 332 32.22 -34.57 -3.01
N LYS A 333 33.04 -34.73 -4.06
CA LYS A 333 33.78 -33.61 -4.62
C LYS A 333 33.89 -33.67 -6.15
N ILE A 334 32.79 -34.12 -6.76
CA ILE A 334 32.64 -34.22 -8.21
C ILE A 334 33.44 -35.36 -8.84
N THR A 335 34.73 -35.43 -8.55
CA THR A 335 35.61 -36.39 -9.21
C THR A 335 36.20 -37.50 -8.31
N ASN A 336 35.91 -37.46 -7.02
CA ASN A 336 36.54 -38.39 -6.08
C ASN A 336 35.74 -39.68 -5.87
N GLY A 337 34.65 -39.82 -6.62
CA GLY A 337 33.80 -41.00 -6.57
C GLY A 337 33.13 -41.30 -5.22
N LEU A 338 33.09 -40.32 -4.33
CA LEU A 338 32.54 -40.54 -2.98
C LEU A 338 31.07 -40.11 -2.88
N CYS A 339 30.18 -40.89 -3.50
CA CYS A 339 28.79 -40.49 -3.60
C CYS A 339 27.86 -41.52 -2.97
N THR A 340 28.39 -42.35 -2.10
CA THR A 340 27.58 -43.34 -1.40
C THR A 340 27.41 -42.94 0.06
N PRO A 341 26.16 -42.96 0.57
CA PRO A 341 25.93 -42.63 1.98
C PRO A 341 26.67 -43.62 2.89
N VAL A 342 27.30 -43.13 3.96
CA VAL A 342 27.97 -44.01 4.91
C VAL A 342 27.43 -43.79 6.33
N LYS A 343 27.56 -44.81 7.17
CA LYS A 343 27.26 -44.64 8.60
C LYS A 343 28.05 -43.45 9.16
N ASP A 344 27.37 -42.66 9.98
CA ASP A 344 27.97 -41.48 10.57
C ASP A 344 27.21 -41.18 11.86
N GLN A 345 27.82 -41.51 12.99
CA GLN A 345 27.14 -41.40 14.26
C GLN A 345 26.88 -39.94 14.64
N SER A 346 27.47 -39.03 13.88
CA SER A 346 27.25 -37.61 14.10
C SER A 346 26.03 -37.04 13.34
N ALA A 347 25.39 -37.84 12.49
CA ALA A 347 24.30 -37.33 11.66
C ALA A 347 22.93 -37.58 12.29
N PRO A 348 21.92 -36.83 11.86
CA PRO A 348 20.58 -37.06 12.39
C PRO A 348 20.00 -38.34 11.81
N VAL A 349 18.90 -38.80 12.39
CA VAL A 349 18.08 -39.80 11.75
C VAL A 349 17.07 -39.04 10.89
N TYR A 350 16.88 -39.50 9.67
CA TYR A 350 15.90 -38.89 8.77
C TYR A 350 14.62 -39.71 8.77
N ILE A 351 13.53 -39.08 9.16
CA ILE A 351 12.26 -39.77 9.18
C ILE A 351 11.28 -39.11 8.23
N THR A 352 10.65 -39.94 7.40
CA THR A 352 9.58 -39.52 6.53
C THR A 352 8.27 -39.96 7.15
N ILE A 353 7.38 -39.00 7.34
CA ILE A 353 6.15 -39.26 8.08
C ILE A 353 4.95 -38.60 7.39
N GLY A 354 4.97 -38.58 6.05
CA GLY A 354 3.92 -37.93 5.29
C GLY A 354 2.73 -38.82 4.99
N ASP A 355 2.34 -39.62 5.97
CA ASP A 355 1.38 -40.70 5.71
C ASP A 355 0.08 -40.57 6.51
N ALA A 356 -0.29 -39.34 6.84
CA ALA A 356 -1.51 -39.10 7.63
C ALA A 356 -2.82 -39.27 6.88
N GLY A 357 -2.77 -39.33 5.54
CA GLY A 357 -3.96 -39.61 4.78
C GLY A 357 -4.08 -38.90 3.43
N ASN A 358 -3.53 -37.70 3.33
CA ASN A 358 -3.66 -36.90 2.10
C ASN A 358 -5.08 -36.98 1.50
N TYR A 359 -5.19 -37.33 0.22
CA TYR A 359 -6.51 -37.51 -0.38
C TYR A 359 -6.83 -39.00 -0.57
N GLY A 360 -6.19 -39.85 0.25
CA GLY A 360 -6.54 -41.26 0.34
C GLY A 360 -5.66 -42.21 -0.44
N VAL A 361 -4.51 -41.71 -0.88
CA VAL A 361 -3.62 -42.52 -1.69
C VAL A 361 -2.26 -42.75 -0.99
N ILE A 362 -1.87 -44.01 -0.87
CA ILE A 362 -0.60 -44.36 -0.26
C ILE A 362 0.49 -44.60 -1.32
N ASP A 363 1.72 -44.15 -1.05
CA ASP A 363 2.84 -44.44 -1.98
C ASP A 363 3.46 -45.80 -1.65
N SER A 364 3.11 -46.80 -2.44
CA SER A 364 3.52 -48.17 -2.15
C SER A 364 4.75 -48.64 -2.93
N ASN A 365 5.05 -48.02 -4.06
CA ASN A 365 6.20 -48.43 -4.87
C ASN A 365 7.55 -48.00 -4.27
N MET A 366 8.41 -48.98 -3.99
CA MET A 366 9.69 -48.69 -3.35
C MET A 366 10.84 -49.11 -4.24
N ILE A 367 11.94 -48.36 -4.22
CA ILE A 367 13.14 -48.80 -4.90
C ILE A 367 13.61 -50.10 -4.19
N GLN A 368 13.83 -51.15 -4.95
CA GLN A 368 14.26 -52.44 -4.40
C GLN A 368 15.67 -52.76 -4.84
N PRO A 369 16.47 -53.40 -3.96
CA PRO A 369 16.09 -53.71 -2.57
C PRO A 369 16.23 -52.48 -1.69
N GLN A 370 15.80 -52.60 -0.44
CA GLN A 370 15.96 -51.53 0.54
C GLN A 370 17.44 -51.17 0.67
N PRO A 371 17.76 -49.90 0.42
CA PRO A 371 19.16 -49.47 0.50
C PRO A 371 19.69 -49.52 1.93
N GLU A 372 21.01 -49.56 2.07
CA GLU A 372 21.66 -49.59 3.37
C GLU A 372 21.24 -48.44 4.26
N TYR A 373 21.03 -47.27 3.67
CA TYR A 373 20.74 -46.09 4.47
C TYR A 373 19.33 -46.14 5.07
N SER A 374 18.49 -47.05 4.59
CA SER A 374 17.11 -47.15 5.07
C SER A 374 16.97 -48.25 6.12
N ALA A 375 16.52 -47.87 7.33
CA ALA A 375 16.41 -48.84 8.42
C ALA A 375 15.07 -49.52 8.39
N PHE A 376 14.03 -48.72 8.18
CA PHE A 376 12.67 -49.23 8.19
C PHE A 376 11.82 -48.37 7.27
N ARG A 377 10.96 -49.00 6.47
CA ARG A 377 10.04 -48.27 5.63
C ARG A 377 8.79 -49.08 5.44
N GLU A 378 7.65 -48.41 5.40
CA GLU A 378 6.39 -49.11 5.14
C GLU A 378 5.31 -48.19 4.60
N ALA A 379 4.62 -48.66 3.57
CA ALA A 379 3.55 -47.91 2.93
C ALA A 379 2.24 -48.09 3.69
N SER A 380 2.08 -47.38 4.80
CA SER A 380 0.86 -47.45 5.59
C SER A 380 0.47 -46.08 6.07
N PHE A 381 -0.82 -45.88 6.28
CA PHE A 381 -1.29 -44.63 6.85
C PHE A 381 -0.98 -44.66 8.35
N GLY A 382 -0.58 -43.52 8.90
CA GLY A 382 -0.35 -43.40 10.31
C GLY A 382 0.28 -42.10 10.73
N HIS A 383 0.75 -42.06 11.99
CA HIS A 383 1.38 -40.87 12.52
C HIS A 383 2.49 -41.28 13.52
N GLY A 384 3.35 -40.33 13.86
CA GLY A 384 4.46 -40.59 14.78
C GLY A 384 4.36 -39.86 16.10
N MET A 385 5.16 -40.31 17.09
CA MET A 385 5.28 -39.67 18.39
C MET A 385 6.75 -39.56 18.80
N PHE A 386 7.19 -38.37 19.19
CA PHE A 386 8.58 -38.21 19.62
C PHE A 386 8.56 -37.79 21.09
N ASP A 387 8.75 -38.78 21.95
CA ASP A 387 8.56 -38.64 23.41
C ASP A 387 9.88 -38.47 24.15
N ILE A 388 10.20 -37.24 24.53
CA ILE A 388 11.46 -36.91 25.17
C ILE A 388 11.42 -37.23 26.65
N LYS A 389 12.37 -38.02 27.12
CA LYS A 389 12.40 -38.38 28.54
C LYS A 389 13.31 -37.47 29.34
N ASN A 390 14.50 -37.20 28.81
CA ASN A 390 15.47 -36.34 29.47
C ASN A 390 16.54 -36.00 28.45
N ARG A 391 17.62 -35.35 28.88
CA ARG A 391 18.64 -34.87 27.95
C ARG A 391 19.31 -35.97 27.11
N THR A 392 19.25 -37.23 27.55
CA THR A 392 19.94 -38.30 26.83
C THR A 392 19.02 -39.21 26.01
N HIS A 393 17.76 -39.34 26.42
CA HIS A 393 16.86 -40.34 25.86
C HIS A 393 15.58 -39.72 25.35
N ALA A 394 15.17 -40.18 24.16
CA ALA A 394 13.86 -39.85 23.62
C ALA A 394 13.37 -41.09 22.90
N HIS A 395 12.09 -41.39 23.04
N HIS A 395 12.08 -41.36 23.02
CA HIS A 395 11.53 -42.56 22.38
CA HIS A 395 11.52 -42.55 22.39
C HIS A 395 10.62 -42.16 21.23
C HIS A 395 10.61 -42.16 21.22
N PHE A 396 10.93 -42.65 20.03
CA PHE A 396 10.10 -42.40 18.86
C PHE A 396 9.27 -43.62 18.51
N SER A 397 8.00 -43.41 18.21
CA SER A 397 7.17 -44.52 17.77
C SER A 397 6.27 -44.18 16.59
N TRP A 398 5.96 -45.18 15.79
CA TRP A 398 5.07 -45.01 14.66
C TRP A 398 3.82 -45.88 14.88
N ASN A 399 2.63 -45.28 14.74
CA ASN A 399 1.37 -46.02 14.88
C ASN A 399 0.59 -46.04 13.57
N ARG A 400 0.08 -47.22 13.20
CA ARG A 400 -0.57 -47.44 11.91
C ARG A 400 -2.08 -47.38 12.09
N ASN A 401 -2.76 -46.86 11.07
CA ASN A 401 -4.21 -46.70 11.15
C ASN A 401 -4.93 -48.03 11.30
N GLN A 402 -4.32 -49.10 10.76
CA GLN A 402 -4.93 -50.44 10.81
C GLN A 402 -4.62 -51.18 12.11
N ASP A 403 -3.83 -50.57 12.98
CA ASP A 403 -3.52 -51.14 14.28
C ASP A 403 -4.32 -50.50 15.41
N GLY A 404 -4.37 -51.14 16.57
CA GLY A 404 -4.92 -50.51 17.76
C GLY A 404 -4.19 -49.20 18.06
N VAL A 405 -4.87 -48.27 18.71
CA VAL A 405 -4.29 -46.96 18.97
C VAL A 405 -3.08 -47.03 19.90
N ALA A 406 -2.95 -48.16 20.60
CA ALA A 406 -1.89 -48.27 21.59
C ALA A 406 -0.74 -49.09 21.03
N VAL A 407 -0.88 -49.55 19.79
CA VAL A 407 0.12 -50.41 19.15
C VAL A 407 1.19 -49.63 18.36
N GLU A 408 2.46 -49.92 18.61
CA GLU A 408 3.55 -49.30 17.86
C GLU A 408 4.13 -50.26 16.82
N ALA A 409 3.90 -50.00 15.54
CA ALA A 409 4.47 -50.84 14.48
C ALA A 409 5.98 -50.60 14.34
N ASP A 410 6.46 -49.43 14.73
CA ASP A 410 7.89 -49.19 14.75
C ASP A 410 8.19 -48.32 15.95
N SER A 411 9.37 -48.51 16.52
CA SER A 411 9.77 -47.71 17.68
C SER A 411 11.25 -47.84 17.86
N VAL A 412 11.87 -46.77 18.35
CA VAL A 412 13.31 -46.79 18.51
C VAL A 412 13.64 -45.72 19.54
N TRP A 413 14.68 -45.99 20.31
CA TRP A 413 15.18 -45.01 21.25
C TRP A 413 16.20 -44.11 20.58
N PHE A 414 16.01 -42.80 20.68
CA PHE A 414 17.03 -41.87 20.26
C PHE A 414 17.96 -41.60 21.43
N PHE A 415 19.25 -41.78 21.18
CA PHE A 415 20.27 -41.34 22.11
C PHE A 415 20.77 -40.01 21.62
N ASN A 416 20.72 -39.02 22.49
CA ASN A 416 21.05 -37.67 22.12
C ASN A 416 22.47 -37.52 21.54
N ARG A 417 22.61 -36.79 20.45
CA ARG A 417 23.91 -36.66 19.77
C ARG A 417 24.93 -35.83 20.55
N HIS A 418 24.46 -34.89 21.36
CA HIS A 418 25.35 -34.04 22.14
C HIS A 418 25.69 -34.68 23.50
N TRP A 419 24.66 -35.13 24.21
CA TRP A 419 24.80 -35.64 25.57
C TRP A 419 25.00 -37.15 25.72
N TYR A 420 24.73 -37.92 24.67
CA TYR A 420 24.83 -39.38 24.80
C TYR A 420 24.97 -40.05 23.44
N PRO A 421 26.08 -39.76 22.74
CA PRO A 421 26.30 -40.18 21.35
C PRO A 421 26.73 -41.65 21.25
N VAL A 422 25.86 -42.53 21.73
CA VAL A 422 26.08 -43.96 21.70
C VAL A 422 25.26 -44.51 20.54
N ASP A 423 25.77 -45.56 19.91
CA ASP A 423 25.08 -46.16 18.78
C ASP A 423 23.64 -46.54 19.15
N ASP A 424 22.68 -45.77 18.69
CA ASP A 424 21.26 -46.08 18.91
C ASP A 424 20.63 -46.80 17.72
N SER A 425 21.49 -47.33 16.84
CA SER A 425 21.04 -48.05 15.66
C SER A 425 19.87 -48.99 15.94
N LYS B 1 11.67 43.09 3.39
CA LYS B 1 10.41 42.43 3.70
C LYS B 1 10.64 41.11 4.43
N ASN B 2 11.70 40.40 4.05
CA ASN B 2 12.00 39.12 4.68
C ASN B 2 12.43 39.30 6.14
N ARG B 3 11.55 38.93 7.06
CA ARG B 3 11.84 39.11 8.47
C ARG B 3 11.97 37.77 9.15
N ASP B 4 12.05 36.70 8.37
CA ASP B 4 12.24 35.37 8.94
C ASP B 4 13.66 35.26 9.48
N MET B 5 13.80 34.60 10.62
CA MET B 5 15.12 34.39 11.17
C MET B 5 15.96 33.60 10.18
N PRO B 6 17.24 33.99 10.02
CA PRO B 6 18.13 33.30 9.08
C PRO B 6 18.50 31.92 9.57
N LEU B 7 18.87 31.05 8.65
CA LEU B 7 19.14 29.64 8.98
C LEU B 7 20.15 29.42 10.13
N ASP B 8 21.11 30.32 10.30
CA ASP B 8 22.14 30.12 11.31
C ASP B 8 21.84 30.84 12.63
N SER B 9 20.58 31.19 12.84
CA SER B 9 20.19 31.81 14.10
C SER B 9 20.34 30.83 15.26
N ASP B 10 20.62 31.35 16.44
CA ASP B 10 20.81 30.48 17.59
C ASP B 10 19.64 29.52 17.80
N VAL B 11 18.43 29.98 17.56
CA VAL B 11 17.23 29.16 17.81
C VAL B 11 17.13 27.93 16.92
N PHE B 12 17.78 27.95 15.74
CA PHE B 12 17.75 26.82 14.82
C PHE B 12 18.91 25.83 14.99
N ARG B 13 19.64 25.94 16.09
CA ARG B 13 20.83 25.12 16.28
C ARG B 13 20.52 23.64 16.37
N VAL B 14 21.38 22.84 15.76
CA VAL B 14 21.25 21.40 15.77
C VAL B 14 21.89 20.87 17.05
N PRO B 15 21.15 20.06 17.80
CA PRO B 15 21.73 19.44 19.00
C PRO B 15 22.93 18.59 18.61
N PRO B 16 24.04 18.71 19.35
CA PRO B 16 25.31 18.00 19.10
C PRO B 16 25.20 16.50 19.40
N GLY B 17 25.99 15.69 18.71
CA GLY B 17 26.02 14.26 18.95
C GLY B 17 25.46 13.46 17.80
N TYR B 18 26.07 12.30 17.52
CA TYR B 18 25.60 11.50 16.40
C TYR B 18 24.13 11.13 16.56
N ASN B 19 23.36 11.34 15.50
CA ASN B 19 21.93 11.04 15.47
C ASN B 19 21.14 11.59 16.66
N ALA B 20 21.55 12.76 17.14
CA ALA B 20 20.86 13.40 18.25
C ALA B 20 19.42 13.75 17.88
N PRO B 21 18.46 13.27 18.68
CA PRO B 21 17.07 13.67 18.45
C PRO B 21 16.96 15.18 18.41
N GLN B 22 16.15 15.70 17.49
CA GLN B 22 15.84 17.12 17.44
C GLN B 22 14.33 17.34 17.20
N GLN B 23 13.91 18.60 17.25
CA GLN B 23 12.50 18.93 17.02
C GLN B 23 11.61 18.09 17.92
N VAL B 24 12.00 17.99 19.18
CA VAL B 24 11.24 17.25 20.16
C VAL B 24 9.99 18.03 20.52
N HIS B 25 8.86 17.34 20.57
CA HIS B 25 7.62 17.97 20.94
C HIS B 25 6.66 16.95 21.52
N ILE B 26 5.80 17.40 22.41
CA ILE B 26 4.86 16.52 23.08
C ILE B 26 3.46 17.09 23.01
N THR B 27 2.46 16.23 23.10
CA THR B 27 1.09 16.70 23.22
C THR B 27 0.28 15.62 23.91
N GLN B 28 -0.90 15.97 24.40
CA GLN B 28 -1.71 15.01 25.13
C GLN B 28 -1.99 13.78 24.26
N GLY B 29 -1.86 12.60 24.85
CA GLY B 29 -1.97 11.36 24.09
C GLY B 29 -3.26 10.60 24.30
N ASP B 30 -4.14 11.12 25.14
CA ASP B 30 -5.42 10.46 25.39
C ASP B 30 -6.52 11.47 25.68
N LEU B 31 -7.70 10.97 26.01
CA LEU B 31 -8.83 11.83 26.29
C LEU B 31 -8.66 12.67 27.57
N VAL B 32 -8.14 12.08 28.64
CA VAL B 32 -8.19 12.71 29.96
C VAL B 32 -6.85 13.14 30.59
N GLY B 33 -5.74 12.90 29.90
CA GLY B 33 -4.47 13.45 30.38
C GLY B 33 -3.50 12.47 31.01
N ARG B 34 -3.87 11.19 31.06
CA ARG B 34 -2.97 10.14 31.53
C ARG B 34 -2.01 9.65 30.45
N ALA B 35 -2.05 10.25 29.27
CA ALA B 35 -1.14 9.83 28.21
C ALA B 35 -0.46 11.02 27.55
N MET B 36 0.63 10.73 26.85
CA MET B 36 1.38 11.77 26.16
C MET B 36 1.99 11.22 24.87
N ILE B 37 1.87 11.98 23.79
CA ILE B 37 2.54 11.62 22.54
C ILE B 37 3.87 12.34 22.49
N ILE B 38 4.94 11.55 22.39
CA ILE B 38 6.29 12.09 22.31
C ILE B 38 6.73 12.02 20.85
N SER B 39 7.24 13.14 20.34
CA SER B 39 7.60 13.23 18.93
C SER B 39 8.99 13.79 18.78
N TRP B 40 9.75 13.27 17.82
CA TRP B 40 11.06 13.82 17.50
C TRP B 40 11.58 13.35 16.15
N VAL B 41 12.61 14.03 15.65
CA VAL B 41 13.24 13.68 14.39
C VAL B 41 14.72 13.32 14.58
N THR B 42 15.18 12.28 13.90
CA THR B 42 16.61 11.99 13.80
C THR B 42 17.05 12.14 12.34
N MET B 43 18.20 12.80 12.15
CA MET B 43 18.66 13.19 10.81
C MET B 43 19.71 12.23 10.22
N ASP B 44 20.42 11.51 11.08
CA ASP B 44 21.55 10.70 10.60
C ASP B 44 21.16 9.31 10.18
N GLU B 45 20.42 8.61 11.03
CA GLU B 45 19.88 7.31 10.66
C GLU B 45 18.55 7.10 11.38
N PRO B 46 17.77 6.08 10.98
CA PRO B 46 16.48 5.86 11.64
C PRO B 46 16.52 5.96 13.17
N GLY B 47 17.40 5.22 13.82
CA GLY B 47 17.44 5.24 15.27
C GLY B 47 16.29 4.48 15.93
N SER B 48 16.26 4.54 17.25
CA SER B 48 15.23 3.88 18.02
C SER B 48 13.99 4.78 18.20
N SER B 49 12.82 4.17 18.21
CA SER B 49 11.58 4.88 18.49
C SER B 49 11.13 4.63 19.91
N ALA B 50 12.05 4.15 20.74
CA ALA B 50 11.74 3.88 22.14
C ALA B 50 11.96 5.10 23.03
N VAL B 51 11.04 5.33 23.96
CA VAL B 51 11.13 6.42 24.92
C VAL B 51 11.27 5.83 26.32
N ARG B 52 12.28 6.29 27.06
CA ARG B 52 12.45 5.85 28.43
C ARG B 52 11.89 6.93 29.35
N TYR B 53 11.03 6.54 30.30
CA TYR B 53 10.37 7.52 31.16
C TYR B 53 10.13 7.01 32.57
N TRP B 54 10.18 7.94 33.53
CA TRP B 54 9.96 7.62 34.93
C TRP B 54 9.49 8.85 35.69
N SER B 55 8.71 8.64 36.75
CA SER B 55 8.24 9.75 37.55
C SER B 55 9.30 10.20 38.52
N GLU B 56 9.23 11.46 38.92
CA GLU B 56 10.14 12.04 39.89
C GLU B 56 9.89 11.34 41.21
N LYS B 57 8.65 10.90 41.40
CA LYS B 57 8.25 10.13 42.58
C LYS B 57 9.09 8.85 42.66
N ASN B 58 8.47 7.73 42.30
CA ASN B 58 9.19 6.46 42.22
C ASN B 58 10.14 6.44 41.02
N GLY B 59 9.71 5.77 39.95
CA GLY B 59 10.49 5.66 38.74
C GLY B 59 11.76 4.88 38.98
N ARG B 60 11.72 3.56 38.76
CA ARG B 60 10.67 2.85 38.03
C ARG B 60 10.73 3.31 36.58
N LYS B 61 11.86 3.04 35.94
CA LYS B 61 12.05 3.43 34.55
C LYS B 61 11.38 2.43 33.62
N ARG B 62 10.65 2.95 32.65
CA ARG B 62 9.91 2.10 31.73
C ARG B 62 10.21 2.52 30.30
N ILE B 63 9.91 1.62 29.37
CA ILE B 63 10.11 1.89 27.96
C ILE B 63 8.77 1.85 27.25
N ALA B 64 8.57 2.82 26.37
CA ALA B 64 7.44 2.78 25.45
C ALA B 64 8.01 2.71 24.03
N LYS B 65 7.43 1.87 23.21
CA LYS B 65 7.90 1.67 21.85
C LYS B 65 6.98 2.40 20.88
N GLY B 66 7.56 3.18 19.96
CA GLY B 66 6.80 3.99 19.03
C GLY B 66 6.95 3.54 17.59
N LYS B 67 6.77 4.48 16.66
CA LYS B 67 6.89 4.14 15.25
C LYS B 67 7.67 5.21 14.52
N MET B 68 8.32 4.81 13.43
CA MET B 68 9.11 5.73 12.64
C MET B 68 8.45 5.91 11.28
N SER B 69 8.47 7.13 10.76
CA SER B 69 8.02 7.38 9.39
C SER B 69 8.87 8.46 8.72
N THR B 70 8.70 8.57 7.40
CA THR B 70 9.41 9.54 6.58
C THR B 70 8.46 9.96 5.46
N TYR B 71 8.75 11.09 4.81
CA TYR B 71 7.99 11.46 3.64
C TYR B 71 8.91 12.20 2.70
N ARG B 72 8.48 12.34 1.46
CA ARG B 72 9.15 13.26 0.54
C ARG B 72 8.16 14.36 0.14
N PHE B 73 8.66 15.56 -0.10
CA PHE B 73 7.85 16.63 -0.64
C PHE B 73 8.62 17.22 -1.80
N PHE B 74 8.16 17.00 -3.03
CA PHE B 74 8.91 17.46 -4.20
C PHE B 74 10.35 16.90 -4.12
N ASN B 75 11.36 17.78 -4.12
CA ASN B 75 12.76 17.37 -4.04
C ASN B 75 13.33 17.33 -2.61
N TYR B 76 12.45 17.41 -1.63
CA TYR B 76 12.83 17.31 -0.23
C TYR B 76 12.56 15.90 0.32
N SER B 77 13.49 15.40 1.11
CA SER B 77 13.33 14.12 1.76
C SER B 77 13.54 14.35 3.24
N SER B 78 12.61 13.87 4.06
CA SER B 78 12.65 14.16 5.49
C SER B 78 13.67 13.30 6.21
N GLY B 79 14.02 13.71 7.42
CA GLY B 79 14.71 12.85 8.35
C GLY B 79 13.72 11.83 8.85
N PHE B 80 14.09 11.10 9.91
CA PHE B 80 13.26 10.03 10.42
C PHE B 80 12.42 10.50 11.59
N ILE B 81 11.10 10.37 11.42
CA ILE B 81 10.15 10.97 12.34
C ILE B 81 9.63 9.90 13.29
N HIS B 82 9.71 10.18 14.58
CA HIS B 82 9.26 9.22 15.58
C HIS B 82 8.06 9.76 16.34
N HIS B 83 7.04 8.93 16.48
CA HIS B 83 5.93 9.25 17.35
C HIS B 83 5.73 8.08 18.27
N THR B 84 5.75 8.36 19.58
CA THR B 84 5.62 7.33 20.60
C THR B 84 4.65 7.81 21.68
N THR B 85 3.67 6.97 22.00
CA THR B 85 2.72 7.30 23.05
C THR B 85 3.07 6.64 24.40
N ILE B 86 3.12 7.45 25.45
CA ILE B 86 3.29 6.96 26.81
C ILE B 86 1.94 6.95 27.49
N ARG B 87 1.52 5.80 28.00
CA ARG B 87 0.17 5.68 28.58
C ARG B 87 0.17 5.40 30.08
N LYS B 88 -1.03 5.42 30.66
CA LYS B 88 -1.20 5.05 32.06
C LYS B 88 -0.33 5.84 33.04
N LEU B 89 -0.22 7.14 32.82
CA LEU B 89 0.56 8.00 33.71
C LEU B 89 -0.24 8.44 34.94
N LYS B 90 0.48 8.90 35.96
CA LYS B 90 -0.16 9.44 37.16
C LYS B 90 -0.53 10.88 36.94
N TYR B 91 -1.68 11.28 37.50
CA TYR B 91 -2.09 12.67 37.45
C TYR B 91 -1.16 13.53 38.28
N ASN B 92 -1.01 14.78 37.86
CA ASN B 92 -0.31 15.78 38.66
C ASN B 92 1.10 15.36 39.11
N THR B 93 1.80 14.67 38.23
CA THR B 93 3.12 14.13 38.53
C THR B 93 4.16 14.61 37.52
N LYS B 94 5.33 15.05 38.00
CA LYS B 94 6.44 15.37 37.10
C LYS B 94 7.12 14.09 36.61
N TYR B 95 7.32 13.99 35.30
CA TYR B 95 7.91 12.79 34.68
C TYR B 95 9.12 13.22 33.88
N TYR B 96 10.14 12.37 33.87
CA TYR B 96 11.27 12.60 33.00
C TYR B 96 11.13 11.61 31.87
N TYR B 97 11.61 11.99 30.69
CA TYR B 97 11.63 11.08 29.56
C TYR B 97 12.91 11.33 28.74
N GLU B 98 13.36 10.29 28.04
CA GLU B 98 14.56 10.37 27.22
C GLU B 98 14.29 9.73 25.87
N VAL B 99 14.88 10.31 24.83
CA VAL B 99 14.75 9.80 23.47
C VAL B 99 16.15 9.73 22.86
N GLY B 100 16.32 8.84 21.89
CA GLY B 100 17.62 8.67 21.25
C GLY B 100 18.43 7.66 22.05
N LEU B 101 17.78 6.56 22.41
CA LEU B 101 18.35 5.59 23.32
C LEU B 101 19.60 4.89 22.78
N ARG B 102 19.73 4.84 21.46
CA ARG B 102 20.76 4.04 20.81
C ARG B 102 22.11 4.76 20.65
N ASN B 103 22.08 6.06 20.40
CA ASN B 103 23.32 6.80 20.25
C ASN B 103 23.45 8.00 21.20
N THR B 104 22.82 9.12 20.86
CA THR B 104 22.90 10.31 21.68
C THR B 104 21.56 10.55 22.38
N THR B 105 21.51 10.28 23.67
CA THR B 105 20.30 10.46 24.45
C THR B 105 20.09 11.91 24.88
N ARG B 106 18.85 12.39 24.81
CA ARG B 106 18.49 13.71 25.33
C ARG B 106 17.34 13.54 26.30
N ARG B 107 17.37 14.32 27.39
CA ARG B 107 16.41 14.17 28.48
C ARG B 107 15.53 15.40 28.66
N PHE B 108 14.25 15.17 28.89
CA PHE B 108 13.29 16.25 29.08
C PHE B 108 12.33 15.85 30.20
N SER B 109 11.31 16.68 30.42
CA SER B 109 10.32 16.38 31.44
C SER B 109 9.02 17.12 31.16
N PHE B 110 7.93 16.59 31.70
CA PHE B 110 6.64 17.25 31.65
C PHE B 110 5.90 16.96 32.93
N ILE B 111 4.85 17.74 33.20
CA ILE B 111 4.00 17.51 34.36
C ILE B 111 2.58 17.20 33.91
N THR B 112 2.12 16.01 34.24
CA THR B 112 0.77 15.61 33.86
C THR B 112 -0.26 16.51 34.52
N PRO B 113 -1.36 16.80 33.82
CA PRO B 113 -2.37 17.67 34.43
C PRO B 113 -3.02 16.97 35.61
N PRO B 114 -3.63 17.74 36.52
CA PRO B 114 -4.38 17.10 37.61
C PRO B 114 -5.59 16.40 37.03
N GLN B 115 -6.19 15.49 37.78
CA GLN B 115 -7.39 14.79 37.31
C GLN B 115 -8.49 15.82 36.99
N THR B 116 -9.36 15.50 36.03
CA THR B 116 -10.42 16.44 35.67
C THR B 116 -11.34 16.59 36.87
N GLY B 117 -11.85 17.80 37.06
CA GLY B 117 -12.66 18.12 38.22
C GLY B 117 -13.20 19.54 38.12
N LEU B 118 -14.29 19.80 38.82
CA LEU B 118 -15.01 21.05 38.74
C LEU B 118 -14.14 22.28 38.94
N ASP B 119 -13.36 22.29 40.02
CA ASP B 119 -12.65 23.50 40.40
C ASP B 119 -11.14 23.45 40.14
N VAL B 120 -10.69 22.43 39.42
CA VAL B 120 -9.28 22.29 39.07
C VAL B 120 -8.75 23.53 38.35
N PRO B 121 -7.79 24.22 38.96
CA PRO B 121 -7.19 25.39 38.29
C PRO B 121 -6.24 24.97 37.16
N TYR B 122 -6.08 25.83 36.15
CA TYR B 122 -5.15 25.55 35.06
C TYR B 122 -4.94 26.76 34.18
N THR B 123 -3.72 26.90 33.67
CA THR B 123 -3.40 28.05 32.84
C THR B 123 -3.01 27.66 31.43
N PHE B 124 -3.86 28.03 30.47
CA PHE B 124 -3.60 27.77 29.07
C PHE B 124 -2.98 28.99 28.39
N GLY B 125 -1.93 28.75 27.60
CA GLY B 125 -1.41 29.78 26.75
C GLY B 125 -2.19 29.74 25.45
N LEU B 126 -2.35 30.90 24.83
CA LEU B 126 -2.94 30.99 23.51
C LEU B 126 -2.01 31.66 22.54
N ILE B 127 -1.69 30.92 21.48
CA ILE B 127 -0.73 31.38 20.49
C ILE B 127 -1.29 30.99 19.14
N GLY B 128 -1.21 31.89 18.15
CA GLY B 128 -1.70 31.57 16.83
C GLY B 128 -0.76 32.15 15.80
N ASP B 129 -0.59 31.45 14.69
CA ASP B 129 0.13 32.01 13.55
C ASP B 129 1.53 32.44 13.96
N LEU B 130 2.29 31.50 14.53
CA LEU B 130 3.58 31.81 15.11
C LEU B 130 4.65 32.12 14.06
N GLY B 131 4.88 31.20 13.14
CA GLY B 131 5.93 31.38 12.14
C GLY B 131 7.32 31.33 12.75
N GLN B 132 8.28 31.98 12.07
CA GLN B 132 9.66 31.95 12.53
C GLN B 132 10.38 33.26 12.22
N SER B 133 9.68 34.37 12.42
CA SER B 133 10.26 35.69 12.27
C SER B 133 10.79 36.15 13.61
N PHE B 134 11.50 37.28 13.64
CA PHE B 134 12.04 37.75 14.91
C PHE B 134 10.89 38.05 15.87
N ASP B 135 9.78 38.55 15.32
CA ASP B 135 8.57 38.75 16.11
C ASP B 135 8.11 37.44 16.74
N SER B 136 8.14 36.38 15.94
CA SER B 136 7.79 35.05 16.43
C SER B 136 8.61 34.75 17.69
N ASN B 137 9.91 35.00 17.63
CA ASN B 137 10.78 34.73 18.77
C ASN B 137 10.44 35.54 20.02
N THR B 138 10.14 36.83 19.84
CA THR B 138 9.73 37.67 20.95
C THR B 138 8.46 37.15 21.64
N THR B 139 7.49 36.69 20.85
CA THR B 139 6.24 36.20 21.43
C THR B 139 6.47 34.97 22.29
N LEU B 140 7.28 34.04 21.79
CA LEU B 140 7.56 32.81 22.52
C LEU B 140 8.24 33.10 23.85
N SER B 141 9.19 34.05 23.82
CA SER B 141 9.89 34.48 25.02
C SER B 141 8.92 35.04 26.04
N HIS B 142 8.06 35.96 25.61
CA HIS B 142 7.05 36.52 26.51
C HIS B 142 6.16 35.44 27.10
N TYR B 143 5.81 34.44 26.31
CA TYR B 143 4.99 33.35 26.84
C TYR B 143 5.72 32.60 27.94
N GLU B 144 6.98 32.27 27.69
CA GLU B 144 7.73 31.46 28.64
C GLU B 144 8.18 32.22 29.89
N LEU B 145 8.28 33.55 29.80
CA LEU B 145 8.68 34.36 30.94
C LEU B 145 7.48 34.87 31.72
N SER B 146 6.27 34.55 31.22
CA SER B 146 5.05 35.07 31.81
C SER B 146 4.93 34.66 33.27
N PRO B 147 4.60 35.63 34.14
CA PRO B 147 4.39 35.41 35.57
C PRO B 147 3.23 34.43 35.83
N LYS B 148 2.30 34.33 34.88
CA LYS B 148 1.15 33.44 35.05
C LYS B 148 1.49 31.95 34.86
N LYS B 149 2.65 31.67 34.27
CA LYS B 149 3.11 30.29 34.09
C LYS B 149 2.16 29.40 33.29
N GLY B 150 2.14 29.59 31.97
CA GLY B 150 1.37 28.72 31.10
C GLY B 150 1.76 27.27 31.31
N GLN B 151 0.77 26.37 31.25
CA GLN B 151 1.00 24.97 31.52
C GLN B 151 0.73 24.11 30.29
N THR B 152 0.00 24.67 29.33
CA THR B 152 -0.32 23.99 28.08
C THR B 152 -0.65 25.09 27.06
N VAL B 153 -0.16 24.95 25.83
CA VAL B 153 -0.45 25.91 24.78
C VAL B 153 -1.58 25.43 23.89
N LEU B 154 -2.63 26.23 23.75
CA LEU B 154 -3.65 25.98 22.75
C LEU B 154 -3.22 26.71 21.48
N PHE B 155 -2.94 25.96 20.43
CA PHE B 155 -2.34 26.53 19.24
C PHE B 155 -3.35 26.56 18.08
N VAL B 156 -3.70 27.78 17.66
CA VAL B 156 -4.83 27.93 16.73
C VAL B 156 -4.47 27.91 15.25
N GLY B 157 -3.29 27.39 14.90
CA GLY B 157 -2.97 27.10 13.51
C GLY B 157 -1.99 28.07 12.86
N ASP B 158 -1.47 27.65 11.70
CA ASP B 158 -0.39 28.34 11.01
C ASP B 158 0.90 28.22 11.79
N LEU B 159 1.59 27.10 11.57
CA LEU B 159 2.77 26.74 12.33
C LEU B 159 4.04 27.39 11.81
N SER B 160 4.64 26.79 10.78
CA SER B 160 5.99 27.16 10.33
C SER B 160 6.04 28.21 9.23
N TYR B 161 4.98 28.33 8.45
CA TYR B 161 4.98 29.14 7.25
C TYR B 161 6.04 28.69 6.24
N ALA B 162 6.40 27.40 6.30
CA ALA B 162 7.32 26.82 5.33
C ALA B 162 6.80 27.00 3.91
N ASP B 163 5.48 26.98 3.75
CA ASP B 163 4.89 27.02 2.42
C ASP B 163 5.12 28.35 1.69
N ARG B 164 5.61 29.38 2.39
CA ARG B 164 5.93 30.64 1.74
C ARG B 164 7.25 30.56 0.96
N TYR B 165 8.06 29.56 1.28
CA TYR B 165 9.34 29.36 0.60
C TYR B 165 9.14 28.64 -0.73
N PRO B 166 10.16 28.72 -1.62
CA PRO B 166 10.15 28.02 -2.92
C PRO B 166 9.95 26.51 -2.80
N ASN B 167 8.97 25.96 -3.53
CA ASN B 167 8.57 24.55 -3.37
C ASN B 167 8.31 24.21 -1.91
N HIS B 168 7.88 25.20 -1.14
CA HIS B 168 7.53 25.02 0.27
C HIS B 168 8.71 24.52 1.09
N ASP B 169 9.92 24.89 0.67
CA ASP B 169 11.15 24.37 1.27
C ASP B 169 10.94 23.77 2.65
N ASN B 170 10.77 22.44 2.71
CA ASN B 170 10.43 21.76 3.95
C ASN B 170 11.51 21.82 5.01
N VAL B 171 12.70 22.31 4.64
CA VAL B 171 13.75 22.58 5.61
C VAL B 171 13.25 23.59 6.68
N ARG B 172 12.28 24.42 6.29
CA ARG B 172 11.71 25.41 7.20
C ARG B 172 10.72 24.79 8.19
N TRP B 173 10.35 23.53 7.96
CA TRP B 173 9.61 22.78 8.95
C TRP B 173 10.57 22.30 10.02
N ASP B 174 11.77 21.89 9.58
CA ASP B 174 12.80 21.39 10.48
C ASP B 174 13.30 22.51 11.41
N THR B 175 13.49 23.70 10.84
CA THR B 175 13.89 24.84 11.65
C THR B 175 12.83 25.21 12.69
N TRP B 176 11.57 25.25 12.26
CA TRP B 176 10.49 25.64 13.18
C TRP B 176 10.40 24.65 14.34
N GLY B 177 10.64 23.38 14.05
CA GLY B 177 10.66 22.36 15.09
C GLY B 177 11.80 22.57 16.09
N ARG B 178 12.96 23.00 15.61
CA ARG B 178 14.11 23.21 16.50
C ARG B 178 13.90 24.43 17.38
N PHE B 179 13.30 25.46 16.78
CA PHE B 179 12.96 26.70 17.46
C PHE B 179 11.95 26.52 18.60
N THR B 180 10.89 25.77 18.36
CA THR B 180 9.80 25.66 19.32
C THR B 180 10.08 24.59 20.38
N GLU B 181 11.15 23.82 20.19
CA GLU B 181 11.49 22.75 21.12
C GLU B 181 11.57 23.25 22.56
N ARG B 182 12.18 24.41 22.75
CA ARG B 182 12.42 24.94 24.08
C ARG B 182 11.13 25.10 24.88
N SER B 183 9.98 25.05 24.21
CA SER B 183 8.70 25.07 24.92
C SER B 183 7.94 23.75 24.78
N VAL B 184 7.75 23.31 23.54
CA VAL B 184 6.85 22.18 23.33
C VAL B 184 7.45 20.83 23.72
N ALA B 185 8.75 20.78 24.00
CA ALA B 185 9.32 19.55 24.53
C ALA B 185 8.92 19.34 25.99
N TYR B 186 8.61 20.42 26.69
CA TYR B 186 8.33 20.36 28.14
C TYR B 186 6.84 20.48 28.52
N GLN B 187 6.00 20.95 27.60
CA GLN B 187 4.57 20.99 27.86
C GLN B 187 3.82 20.78 26.54
N PRO B 188 2.65 20.14 26.60
CA PRO B 188 1.92 19.91 25.36
C PRO B 188 1.50 21.21 24.71
N TRP B 189 1.64 21.27 23.39
CA TRP B 189 0.92 22.26 22.60
C TRP B 189 -0.21 21.49 21.93
N ILE B 190 -1.42 22.04 21.94
CA ILE B 190 -2.59 21.38 21.34
C ILE B 190 -2.86 21.93 19.92
N TRP B 191 -2.64 21.12 18.89
CA TRP B 191 -2.58 21.63 17.52
C TRP B 191 -3.92 21.83 16.80
N THR B 192 -4.06 22.99 16.17
CA THR B 192 -5.14 23.27 15.23
C THR B 192 -4.52 23.42 13.85
N ALA B 193 -5.15 22.87 12.82
CA ALA B 193 -4.64 22.98 11.46
C ALA B 193 -5.09 24.28 10.80
N GLY B 194 -4.12 25.09 10.37
CA GLY B 194 -4.42 26.37 9.72
C GLY B 194 -4.26 26.31 8.20
N ASN B 195 -4.49 27.41 7.50
CA ASN B 195 -4.41 27.36 6.03
C ASN B 195 -2.98 27.15 5.53
N HIS B 196 -1.99 27.53 6.32
CA HIS B 196 -0.61 27.33 5.89
C HIS B 196 -0.16 25.86 5.99
N GLU B 197 -0.95 25.03 6.66
CA GLU B 197 -0.67 23.60 6.77
C GLU B 197 -1.26 22.78 5.61
N ILE B 198 -2.22 23.36 4.89
CA ILE B 198 -2.84 22.69 3.76
C ILE B 198 -1.82 22.22 2.72
N GLU B 199 -0.92 23.12 2.33
CA GLU B 199 0.17 22.84 1.39
C GLU B 199 -0.28 22.07 0.17
N PHE B 200 -1.33 22.58 -0.46
CA PHE B 200 -1.82 22.04 -1.72
C PHE B 200 -1.00 22.64 -2.85
N ALA B 201 -0.15 21.81 -3.46
CA ALA B 201 0.75 22.28 -4.49
C ALA B 201 0.74 21.40 -5.74
N PRO B 202 -0.38 21.38 -6.48
CA PRO B 202 -0.51 20.50 -7.65
C PRO B 202 0.57 20.79 -8.69
N GLU B 203 0.98 22.04 -8.79
CA GLU B 203 1.98 22.42 -9.78
C GLU B 203 3.29 21.64 -9.61
N ILE B 204 3.53 21.11 -8.40
CA ILE B 204 4.69 20.26 -8.15
C ILE B 204 4.26 18.87 -7.68
N ASN B 205 3.07 18.46 -8.09
CA ASN B 205 2.53 17.13 -7.76
C ASN B 205 2.47 16.81 -6.26
N GLU B 206 2.21 17.82 -5.44
CA GLU B 206 1.90 17.60 -4.03
C GLU B 206 0.42 17.93 -3.79
N THR B 207 -0.41 16.90 -3.83
CA THR B 207 -1.85 17.12 -3.85
C THR B 207 -2.58 16.64 -2.59
N GLU B 208 -1.82 16.19 -1.60
CA GLU B 208 -2.40 15.65 -0.36
C GLU B 208 -2.45 16.75 0.70
N PRO B 209 -3.65 17.30 0.97
CA PRO B 209 -3.73 18.39 1.95
C PRO B 209 -3.14 18.01 3.32
N PHE B 210 -2.39 18.94 3.92
CA PHE B 210 -1.80 18.78 5.25
C PHE B 210 -0.70 17.73 5.35
N LYS B 211 -0.16 17.27 4.22
CA LYS B 211 0.84 16.19 4.27
C LYS B 211 1.97 16.41 5.30
N PRO B 212 2.81 17.44 5.12
CA PRO B 212 3.95 17.60 6.04
C PRO B 212 3.51 17.74 7.50
N PHE B 213 2.53 18.61 7.74
CA PHE B 213 1.97 18.79 9.05
C PHE B 213 1.51 17.46 9.66
N SER B 214 0.72 16.71 8.91
CA SER B 214 0.14 15.47 9.43
C SER B 214 1.21 14.41 9.77
N TYR B 215 2.31 14.40 9.01
CA TYR B 215 3.45 13.52 9.32
C TYR B 215 4.23 13.94 10.56
N ARG B 216 4.38 15.24 10.78
CA ARG B 216 5.22 15.75 11.85
C ARG B 216 4.49 15.94 13.18
N TYR B 217 3.19 16.25 13.10
CA TYR B 217 2.43 16.52 14.31
C TYR B 217 1.23 15.59 14.47
N HIS B 218 1.28 14.74 15.49
CA HIS B 218 0.19 13.79 15.73
C HIS B 218 -0.70 14.24 16.85
N VAL B 219 -1.97 13.87 16.78
CA VAL B 219 -2.95 14.24 17.79
C VAL B 219 -3.71 12.98 18.20
N PRO B 220 -4.28 12.95 19.42
CA PRO B 220 -4.96 11.75 19.92
C PRO B 220 -6.40 11.69 19.43
N TYR B 221 -6.61 11.67 18.12
CA TYR B 221 -7.97 11.86 17.62
C TYR B 221 -8.90 10.67 17.82
N GLU B 222 -8.36 9.45 17.87
CA GLU B 222 -9.20 8.26 18.05
C GLU B 222 -9.82 8.21 19.45
N ALA B 223 -9.20 8.91 20.40
CA ALA B 223 -9.69 8.90 21.76
C ALA B 223 -11.07 9.57 21.86
N SER B 224 -11.38 10.47 20.94
CA SER B 224 -12.70 11.09 20.96
C SER B 224 -13.54 10.53 19.83
N GLN B 225 -13.11 9.39 19.30
CA GLN B 225 -13.81 8.70 18.21
C GLN B 225 -13.85 9.51 16.91
N SER B 226 -13.00 10.52 16.78
CA SER B 226 -12.84 11.18 15.50
C SER B 226 -12.16 10.22 14.54
N THR B 227 -12.39 10.41 13.24
CA THR B 227 -11.73 9.59 12.24
C THR B 227 -10.67 10.38 11.50
N SER B 228 -10.22 11.49 12.07
CA SER B 228 -9.24 12.31 11.38
C SER B 228 -8.46 13.15 12.37
N PRO B 229 -7.16 13.34 12.10
CA PRO B 229 -6.33 14.19 12.96
C PRO B 229 -6.81 15.64 13.00
N PHE B 230 -7.64 16.05 12.05
CA PHE B 230 -7.90 17.48 11.88
C PHE B 230 -9.02 18.04 12.76
N TRP B 231 -9.87 17.16 13.27
CA TRP B 231 -10.84 17.53 14.30
C TRP B 231 -10.81 16.49 15.41
N TYR B 232 -10.88 16.94 16.66
CA TYR B 232 -10.79 16.02 17.79
C TYR B 232 -11.01 16.77 19.08
N SER B 233 -11.17 16.02 20.17
CA SER B 233 -11.45 16.59 21.46
C SER B 233 -10.52 16.06 22.55
N ILE B 234 -10.15 16.91 23.50
CA ILE B 234 -9.50 16.45 24.72
C ILE B 234 -10.10 17.12 25.96
N LYS B 235 -9.95 16.45 27.09
CA LYS B 235 -10.23 17.06 28.39
C LYS B 235 -8.91 17.22 29.12
N ARG B 236 -8.72 18.38 29.75
CA ARG B 236 -7.52 18.65 30.51
C ARG B 236 -7.88 19.56 31.70
N ALA B 237 -7.68 19.03 32.90
CA ALA B 237 -8.10 19.74 34.11
C ALA B 237 -9.61 20.00 34.07
N SER B 238 -10.02 21.25 34.22
CA SER B 238 -11.46 21.55 34.22
C SER B 238 -12.03 21.91 32.84
N ALA B 239 -11.24 21.74 31.80
CA ALA B 239 -11.63 22.16 30.45
C ALA B 239 -11.91 21.01 29.50
N HIS B 240 -12.97 21.17 28.70
CA HIS B 240 -13.25 20.28 27.60
C HIS B 240 -12.95 21.09 26.33
N ILE B 241 -11.96 20.64 25.55
CA ILE B 241 -11.48 21.39 24.40
C ILE B 241 -11.79 20.70 23.09
N ILE B 242 -12.50 21.41 22.21
CA ILE B 242 -12.90 20.87 20.92
C ILE B 242 -12.11 21.58 19.83
N VAL B 243 -11.42 20.79 19.01
CA VAL B 243 -10.59 21.32 17.94
C VAL B 243 -11.23 21.03 16.59
N LEU B 244 -11.36 22.06 15.75
CA LEU B 244 -12.06 21.93 14.48
C LEU B 244 -11.20 22.29 13.28
N SER B 245 -11.64 21.89 12.08
CA SER B 245 -10.84 22.06 10.88
C SER B 245 -11.50 22.99 9.88
N SER B 246 -11.06 24.23 9.85
CA SER B 246 -11.58 25.21 8.91
C SER B 246 -11.47 24.75 7.45
N TYR B 247 -10.48 23.91 7.14
CA TYR B 247 -10.15 23.57 5.77
C TYR B 247 -10.41 22.09 5.47
N SER B 248 -11.29 21.49 6.27
CA SER B 248 -11.86 20.20 5.94
C SER B 248 -13.36 20.38 5.65
N ALA B 249 -13.98 19.37 5.05
CA ALA B 249 -15.42 19.40 4.81
C ALA B 249 -16.16 19.57 6.14
N TYR B 250 -17.28 20.28 6.12
CA TYR B 250 -18.13 20.35 7.31
C TYR B 250 -19.60 20.49 6.93
N GLY B 251 -19.91 20.11 5.70
CA GLY B 251 -21.30 20.09 5.26
C GLY B 251 -22.09 19.06 6.06
N ARG B 252 -23.41 19.20 6.04
CA ARG B 252 -24.27 18.26 6.73
C ARG B 252 -24.01 16.82 6.25
N GLY B 253 -23.76 15.91 7.18
CA GLY B 253 -23.48 14.53 6.81
C GLY B 253 -22.01 14.17 6.61
N THR B 254 -21.12 15.17 6.58
CA THR B 254 -19.69 14.89 6.47
C THR B 254 -19.15 14.36 7.80
N PRO B 255 -17.99 13.69 7.79
CA PRO B 255 -17.38 13.21 9.04
C PRO B 255 -17.22 14.27 10.13
N GLN B 256 -16.66 15.44 9.81
CA GLN B 256 -16.41 16.45 10.85
C GLN B 256 -17.72 16.98 11.44
N TYR B 257 -18.70 17.20 10.57
CA TYR B 257 -20.02 17.67 10.96
C TYR B 257 -20.66 16.65 11.89
N THR B 258 -20.71 15.40 11.45
CA THR B 258 -21.29 14.32 12.23
C THR B 258 -20.56 14.17 13.55
N TRP B 259 -19.24 14.28 13.52
CA TRP B 259 -18.46 14.11 14.73
C TRP B 259 -18.75 15.22 15.73
N LEU B 260 -18.81 16.46 15.24
CA LEU B 260 -18.98 17.60 16.13
C LEU B 260 -20.36 17.58 16.77
N LYS B 261 -21.37 17.21 15.99
CA LYS B 261 -22.72 17.12 16.52
C LYS B 261 -22.77 16.16 17.72
N LYS B 262 -22.13 15.01 17.56
CA LYS B 262 -22.12 13.99 18.60
C LYS B 262 -21.20 14.36 19.76
N GLU B 263 -20.10 15.06 19.47
CA GLU B 263 -19.20 15.50 20.53
C GLU B 263 -19.85 16.49 21.50
N LEU B 264 -20.63 17.43 20.97
CA LEU B 264 -21.30 18.41 21.82
C LEU B 264 -22.29 17.73 22.74
N ARG B 265 -22.92 16.65 22.29
CA ARG B 265 -23.85 15.90 23.14
C ARG B 265 -23.10 15.30 24.33
N LYS B 266 -21.87 14.89 24.12
CA LYS B 266 -21.12 14.18 25.16
C LYS B 266 -20.59 15.12 26.24
N VAL B 267 -20.61 16.43 25.98
CA VAL B 267 -20.09 17.38 26.95
C VAL B 267 -20.89 17.33 28.25
N LYS B 268 -20.22 17.36 29.39
CA LYS B 268 -20.89 17.38 30.69
C LYS B 268 -20.37 18.54 31.50
N ARG B 269 -21.15 19.59 31.62
CA ARG B 269 -20.61 20.78 32.27
C ARG B 269 -20.54 20.55 33.77
N SER B 270 -21.16 19.47 34.23
CA SER B 270 -21.07 19.07 35.63
C SER B 270 -19.74 18.38 35.95
N GLU B 271 -18.94 18.07 34.93
CA GLU B 271 -17.62 17.46 35.12
C GLU B 271 -16.49 18.35 34.61
N THR B 272 -16.65 18.88 33.39
CA THR B 272 -15.74 19.91 32.89
C THR B 272 -16.52 21.18 32.57
N PRO B 273 -16.47 22.16 33.49
CA PRO B 273 -17.28 23.38 33.33
C PRO B 273 -16.89 24.25 32.14
N TRP B 274 -15.60 24.30 31.82
CA TRP B 274 -15.12 25.15 30.74
C TRP B 274 -15.15 24.46 29.38
N LEU B 275 -15.96 25.03 28.49
CA LEU B 275 -16.10 24.48 27.14
C LEU B 275 -15.44 25.43 26.18
N ILE B 276 -14.35 24.96 25.57
CA ILE B 276 -13.52 25.77 24.73
C ILE B 276 -13.47 25.17 23.33
N VAL B 277 -13.60 26.01 22.33
CA VAL B 277 -13.49 25.57 20.94
C VAL B 277 -12.31 26.25 20.23
N LEU B 278 -11.52 25.46 19.50
CA LEU B 278 -10.41 25.98 18.71
C LEU B 278 -10.69 25.75 17.23
N MET B 279 -10.38 26.76 16.43
CA MET B 279 -10.47 26.67 14.97
C MET B 279 -9.57 27.73 14.41
N HIS B 280 -9.14 27.57 13.16
CA HIS B 280 -8.21 28.55 12.59
C HIS B 280 -8.87 29.88 12.16
N SER B 281 -9.92 29.78 11.37
CA SER B 281 -10.55 30.96 10.76
C SER B 281 -11.66 31.56 11.66
N PRO B 282 -11.54 32.85 12.04
CA PRO B 282 -12.48 33.48 12.99
C PRO B 282 -13.92 33.54 12.45
N LEU B 283 -14.90 33.14 13.25
CA LEU B 283 -16.30 33.32 12.87
C LEU B 283 -16.74 34.79 12.96
N TYR B 284 -16.10 35.53 13.86
CA TYR B 284 -16.36 36.96 14.04
C TYR B 284 -15.04 37.67 13.92
N ASN B 285 -15.00 38.70 13.09
CA ASN B 285 -13.74 39.33 12.71
C ASN B 285 -14.02 40.66 12.02
N SER B 286 -13.54 41.75 12.59
CA SER B 286 -13.81 43.06 12.02
C SER B 286 -12.59 43.71 11.36
N TYR B 287 -11.57 42.90 11.06
CA TYR B 287 -10.42 43.35 10.27
C TYR B 287 -10.70 43.16 8.80
N ASN B 288 -10.10 43.98 7.96
CA ASN B 288 -10.33 43.84 6.54
C ASN B 288 -9.74 42.53 6.00
N HIS B 289 -8.52 42.24 6.41
CA HIS B 289 -7.87 40.99 6.02
C HIS B 289 -8.74 39.79 6.43
N HIS B 290 -9.04 38.94 5.45
CA HIS B 290 -9.90 37.77 5.64
C HIS B 290 -11.29 38.10 6.18
N PHE B 291 -11.75 39.32 5.95
CA PHE B 291 -13.10 39.69 6.35
C PHE B 291 -14.12 38.68 5.81
N MET B 292 -14.95 38.18 6.71
CA MET B 292 -16.06 37.28 6.36
C MET B 292 -15.70 35.89 5.81
N GLU B 293 -14.42 35.52 5.83
CA GLU B 293 -14.07 34.14 5.43
C GLU B 293 -14.69 33.11 6.38
N GLY B 294 -14.94 33.52 7.62
CA GLY B 294 -15.54 32.62 8.59
C GLY B 294 -17.04 32.37 8.43
N GLU B 295 -17.66 33.02 7.46
CA GLU B 295 -19.12 33.01 7.34
C GLU B 295 -19.66 31.61 7.05
N ALA B 296 -18.96 30.87 6.20
CA ALA B 296 -19.40 29.53 5.84
C ALA B 296 -19.54 28.64 7.08
N MET B 297 -18.50 28.59 7.90
CA MET B 297 -18.57 27.74 9.09
C MET B 297 -19.54 28.32 10.11
N ARG B 298 -19.62 29.65 10.19
CA ARG B 298 -20.57 30.25 11.10
C ARG B 298 -21.97 29.71 10.81
N THR B 299 -22.34 29.68 9.53
CA THR B 299 -23.70 29.28 9.18
C THR B 299 -23.99 27.86 9.64
N LYS B 300 -22.96 27.02 9.66
CA LYS B 300 -23.10 25.62 10.07
C LYS B 300 -23.11 25.39 11.57
N PHE B 301 -22.22 26.05 12.31
CA PHE B 301 -21.95 25.67 13.70
C PHE B 301 -22.31 26.70 14.76
N GLU B 302 -22.50 27.96 14.37
CA GLU B 302 -22.73 29.02 15.34
C GLU B 302 -23.90 28.70 16.25
N ALA B 303 -25.02 28.29 15.67
CA ALA B 303 -26.19 27.98 16.47
C ALA B 303 -25.88 26.86 17.47
N TRP B 304 -25.05 25.90 17.08
CA TRP B 304 -24.62 24.83 17.98
C TRP B 304 -23.85 25.37 19.18
N PHE B 305 -22.95 26.31 18.92
CA PHE B 305 -22.15 26.93 19.98
C PHE B 305 -23.01 27.66 21.01
N VAL B 306 -24.08 28.30 20.52
CA VAL B 306 -25.02 29.00 21.38
C VAL B 306 -25.87 27.98 22.13
N LYS B 307 -26.42 27.02 21.40
CA LYS B 307 -27.22 25.96 21.99
C LYS B 307 -26.50 25.27 23.17
N TYR B 308 -25.19 25.02 23.02
CA TYR B 308 -24.41 24.35 24.08
C TYR B 308 -23.65 25.31 24.96
N LYS B 309 -23.88 26.59 24.77
CA LYS B 309 -23.29 27.59 25.63
C LYS B 309 -21.78 27.43 25.76
N VAL B 310 -21.11 27.36 24.62
CA VAL B 310 -19.66 27.42 24.61
C VAL B 310 -19.20 28.68 25.35
N ASP B 311 -18.18 28.54 26.19
CA ASP B 311 -17.65 29.69 26.91
C ASP B 311 -16.88 30.65 26.02
N VAL B 312 -16.02 30.09 25.18
CA VAL B 312 -15.08 30.89 24.40
C VAL B 312 -14.64 30.15 23.14
N VAL B 313 -14.59 30.87 22.02
CA VAL B 313 -14.04 30.32 20.79
C VAL B 313 -12.75 31.07 20.43
N PHE B 314 -11.66 30.33 20.24
CA PHE B 314 -10.38 30.95 19.92
C PHE B 314 -10.02 30.67 18.45
N ALA B 315 -9.48 31.68 17.78
CA ALA B 315 -9.06 31.52 16.39
C ALA B 315 -7.88 32.39 16.10
N GLY B 316 -7.26 32.16 14.95
CA GLY B 316 -6.13 32.95 14.51
C GLY B 316 -6.38 33.52 13.13
N HIS B 317 -5.47 33.25 12.20
CA HIS B 317 -5.65 33.55 10.77
C HIS B 317 -5.50 35.05 10.50
N VAL B 318 -6.27 35.85 11.22
CA VAL B 318 -6.10 37.30 11.15
C VAL B 318 -4.91 37.67 12.03
N HIS B 319 -3.94 38.35 11.46
CA HIS B 319 -2.71 38.71 12.19
C HIS B 319 -2.84 39.92 13.12
N ALA B 320 -3.60 39.74 14.19
CA ALA B 320 -3.91 40.83 15.11
C ALA B 320 -4.71 40.27 16.26
N TYR B 321 -5.19 41.14 17.14
CA TYR B 321 -5.96 40.70 18.28
C TYR B 321 -7.38 41.26 18.26
N GLU B 322 -8.36 40.40 18.57
CA GLU B 322 -9.72 40.87 18.71
C GLU B 322 -10.54 40.07 19.73
N ARG B 323 -11.43 40.75 20.43
CA ARG B 323 -12.25 40.13 21.44
C ARG B 323 -13.68 40.60 21.20
N SER B 324 -14.60 39.67 20.99
CA SER B 324 -15.99 40.04 20.72
C SER B 324 -16.79 40.18 22.00
N GLU B 325 -17.97 40.77 21.88
CA GLU B 325 -19.00 40.70 22.92
C GLU B 325 -19.67 39.34 22.75
N ARG B 326 -20.42 38.89 23.75
CA ARG B 326 -21.22 37.70 23.57
C ARG B 326 -22.37 38.02 22.61
N VAL B 327 -22.21 37.60 21.36
CA VAL B 327 -23.23 37.88 20.35
C VAL B 327 -23.65 36.63 19.60
N SER B 328 -24.80 36.73 18.95
CA SER B 328 -25.25 35.66 18.10
C SER B 328 -25.90 36.28 16.87
N ASN B 329 -25.95 35.52 15.79
CA ASN B 329 -26.51 35.98 14.54
C ASN B 329 -27.14 34.77 13.87
N ILE B 330 -28.22 34.27 14.47
CA ILE B 330 -28.74 32.96 14.12
C ILE B 330 -30.22 32.95 13.80
N ALA B 331 -30.80 34.14 13.62
CA ALA B 331 -32.23 34.27 13.37
C ALA B 331 -32.55 34.54 11.88
N TYR B 332 -31.52 34.56 11.04
CA TYR B 332 -31.67 34.87 9.61
C TYR B 332 -32.42 33.76 8.85
N LYS B 333 -33.36 34.17 8.01
CA LYS B 333 -34.12 33.22 7.20
C LYS B 333 -34.21 33.67 5.74
N ILE B 334 -33.14 34.32 5.28
CA ILE B 334 -33.06 34.81 3.89
C ILE B 334 -33.88 36.09 3.64
N THR B 335 -35.19 36.03 3.90
CA THR B 335 -36.08 37.16 3.56
C THR B 335 -36.58 38.01 4.73
N ASN B 336 -36.25 37.63 5.95
CA ASN B 336 -36.88 38.23 7.13
C ASN B 336 -36.09 39.42 7.68
N GLY B 337 -34.96 39.73 7.04
CA GLY B 337 -34.13 40.83 7.46
C GLY B 337 -33.44 40.74 8.81
N LEU B 338 -33.40 39.55 9.41
CA LEU B 338 -32.74 39.42 10.71
C LEU B 338 -31.30 38.95 10.54
N CYS B 339 -30.39 39.90 10.32
CA CYS B 339 -29.04 39.59 9.86
C CYS B 339 -27.98 40.43 10.57
N THR B 340 -28.40 41.10 11.64
CA THR B 340 -27.48 41.85 12.49
C THR B 340 -27.17 41.03 13.76
N PRO B 341 -25.89 40.91 14.13
CA PRO B 341 -25.60 40.20 15.38
C PRO B 341 -26.25 40.94 16.55
N VAL B 342 -26.71 40.20 17.55
CA VAL B 342 -27.31 40.81 18.73
C VAL B 342 -26.70 40.22 19.97
N LYS B 343 -26.76 40.99 21.06
CA LYS B 343 -26.31 40.51 22.35
C LYS B 343 -27.01 39.20 22.75
N ASP B 344 -26.22 38.22 23.12
CA ASP B 344 -26.75 36.92 23.50
C ASP B 344 -25.87 36.33 24.59
N GLN B 345 -26.34 36.40 25.83
CA GLN B 345 -25.55 35.97 26.98
C GLN B 345 -25.32 34.47 26.95
N SER B 346 -26.08 33.80 26.10
CA SER B 346 -25.95 32.38 25.91
C SER B 346 -24.80 32.03 24.92
N ALA B 347 -24.24 33.03 24.25
CA ALA B 347 -23.19 32.78 23.25
C ALA B 347 -21.77 32.84 23.81
N PRO B 348 -20.81 32.20 23.10
CA PRO B 348 -19.39 32.29 23.44
C PRO B 348 -18.82 33.68 23.17
N VAL B 349 -17.73 34.03 23.84
CA VAL B 349 -16.91 35.14 23.41
C VAL B 349 -16.03 34.61 22.28
N TYR B 350 -15.88 35.39 21.21
CA TYR B 350 -15.00 35.03 20.11
C TYR B 350 -13.72 35.85 20.22
N ILE B 351 -12.59 35.16 20.28
CA ILE B 351 -11.31 35.82 20.37
C ILE B 351 -10.42 35.44 19.19
N THR B 352 -9.84 36.47 18.57
CA THR B 352 -8.89 36.29 17.51
C THR B 352 -7.54 36.58 18.13
N ILE B 353 -6.64 35.60 18.02
CA ILE B 353 -5.34 35.64 18.68
C ILE B 353 -4.26 35.09 17.73
N GLY B 354 -4.33 35.49 16.47
CA GLY B 354 -3.37 35.04 15.48
C GLY B 354 -2.24 36.05 15.28
N ASP B 355 -1.75 36.61 16.37
CA ASP B 355 -0.78 37.70 16.30
C ASP B 355 0.60 37.36 16.90
N ALA B 356 0.97 36.08 16.89
CA ALA B 356 2.23 35.68 17.52
C ALA B 356 3.47 36.03 16.69
N GLY B 357 3.28 36.38 15.41
CA GLY B 357 4.40 36.86 14.62
C GLY B 357 4.45 36.53 13.13
N ASN B 358 3.87 35.40 12.74
CA ASN B 358 3.92 34.95 11.33
C ASN B 358 5.27 35.25 10.68
N TYR B 359 5.26 35.88 9.51
CA TYR B 359 6.50 36.28 8.85
C TYR B 359 6.79 37.77 9.04
N GLY B 360 6.34 38.31 10.17
CA GLY B 360 6.69 39.68 10.57
C GLY B 360 5.72 40.76 10.12
N VAL B 361 4.52 40.38 9.73
CA VAL B 361 3.53 41.35 9.29
C VAL B 361 2.26 41.33 10.15
N ILE B 362 1.84 42.51 10.59
CA ILE B 362 0.63 42.70 11.39
C ILE B 362 -0.52 43.13 10.48
N ASP B 363 -1.75 42.75 10.82
CA ASP B 363 -2.92 43.22 10.07
C ASP B 363 -3.53 44.46 10.74
N SER B 364 -3.34 45.64 10.16
CA SER B 364 -3.77 46.86 10.81
C SER B 364 -4.97 47.56 10.18
N ASN B 365 -5.40 47.13 8.99
CA ASN B 365 -6.60 47.72 8.37
C ASN B 365 -7.89 47.15 8.97
N MET B 366 -8.63 47.97 9.72
CA MET B 366 -9.88 47.53 10.32
C MET B 366 -11.10 48.17 9.65
N ILE B 367 -12.22 47.47 9.62
CA ILE B 367 -13.49 48.08 9.23
C ILE B 367 -13.86 49.12 10.29
N GLN B 368 -14.08 50.37 9.86
CA GLN B 368 -14.48 51.47 10.74
C GLN B 368 -15.95 51.82 10.52
N PRO B 369 -16.65 52.23 11.59
CA PRO B 369 -16.12 52.28 12.94
C PRO B 369 -16.22 50.91 13.56
N GLN B 370 -15.62 50.69 14.72
CA GLN B 370 -15.71 49.41 15.40
C GLN B 370 -17.17 49.02 15.59
N PRO B 371 -17.57 47.82 15.13
CA PRO B 371 -18.94 47.34 15.23
C PRO B 371 -19.32 46.99 16.68
N GLU B 372 -20.62 46.97 16.96
CA GLU B 372 -21.10 46.65 18.30
C GLU B 372 -20.60 45.29 18.79
N TYR B 373 -20.53 44.32 17.87
CA TYR B 373 -20.20 42.96 18.26
C TYR B 373 -18.74 42.82 18.68
N SER B 374 -17.96 43.87 18.48
CA SER B 374 -16.55 43.86 18.80
C SER B 374 -16.25 44.62 20.10
N ALA B 375 -15.73 43.92 21.10
CA ALA B 375 -15.46 44.52 22.38
C ALA B 375 -14.12 45.27 22.39
N PHE B 376 -13.06 44.63 21.90
CA PHE B 376 -11.72 45.21 21.94
C PHE B 376 -10.93 44.63 20.78
N ARG B 377 -10.13 45.47 20.14
CA ARG B 377 -9.32 45.03 19.02
C ARG B 377 -8.06 45.88 18.97
N GLU B 378 -6.94 45.29 18.54
CA GLU B 378 -5.71 46.02 18.36
C GLU B 378 -4.69 45.27 17.49
N ALA B 379 -3.98 46.01 16.66
CA ALA B 379 -2.98 45.44 15.77
C ALA B 379 -1.59 45.46 16.39
N SER B 380 -1.35 44.52 17.30
CA SER B 380 -0.02 44.35 17.87
C SER B 380 0.29 42.87 17.91
N PHE B 381 1.57 42.54 17.89
CA PHE B 381 1.99 41.16 18.08
C PHE B 381 1.83 40.76 19.54
N GLY B 382 1.55 39.49 19.80
CA GLY B 382 1.48 39.04 21.17
C GLY B 382 0.82 37.68 21.35
N HIS B 383 0.44 37.36 22.58
CA HIS B 383 -0.17 36.08 22.90
C HIS B 383 -1.17 36.25 24.03
N GLY B 384 -1.99 35.24 24.25
CA GLY B 384 -3.02 35.31 25.29
C GLY B 384 -2.82 34.26 26.36
N MET B 385 -3.48 34.45 27.51
CA MET B 385 -3.49 33.44 28.56
C MET B 385 -4.92 33.26 29.04
N PHE B 386 -5.39 32.02 29.03
CA PHE B 386 -6.71 31.71 29.55
C PHE B 386 -6.53 30.98 30.86
N ASP B 387 -6.72 31.72 31.96
CA ASP B 387 -6.28 31.29 33.28
C ASP B 387 -7.46 30.91 34.16
N ILE B 388 -7.76 29.61 34.22
CA ILE B 388 -8.94 29.09 34.91
C ILE B 388 -8.76 29.00 36.42
N LYS B 389 -9.63 29.66 37.17
CA LYS B 389 -9.51 29.71 38.62
C LYS B 389 -10.33 28.62 39.30
N ASN B 390 -11.52 28.36 38.76
CA ASN B 390 -12.47 27.41 39.34
C ASN B 390 -13.65 27.23 38.39
N ARG B 391 -14.73 26.61 38.86
CA ARG B 391 -15.86 26.33 37.97
C ARG B 391 -16.60 27.58 37.46
N THR B 392 -16.43 28.73 38.13
CA THR B 392 -17.20 29.93 37.78
C THR B 392 -16.38 31.00 37.08
N HIS B 393 -15.10 31.11 37.44
CA HIS B 393 -14.25 32.20 36.96
C HIS B 393 -13.04 31.74 36.15
N ALA B 394 -12.77 32.44 35.04
CA ALA B 394 -11.54 32.25 34.29
C ALA B 394 -11.07 33.61 33.85
N HIS B 395 -9.76 33.84 33.95
CA HIS B 395 -9.24 35.15 33.63
C HIS B 395 -8.51 35.09 32.29
N PHE B 396 -8.96 35.90 31.34
CA PHE B 396 -8.26 36.02 30.08
C PHE B 396 -7.49 37.33 30.00
N SER B 397 -6.22 37.22 29.60
CA SER B 397 -5.38 38.38 29.42
C SER B 397 -4.65 38.31 28.09
N TRP B 398 -4.28 39.47 27.56
CA TRP B 398 -3.57 39.58 26.30
C TRP B 398 -2.29 40.36 26.57
N ASN B 399 -1.15 39.79 26.19
CA ASN B 399 0.13 40.44 26.43
C ASN B 399 0.81 40.80 25.13
N ARG B 400 1.22 42.07 25.00
CA ARG B 400 1.83 42.55 23.77
C ARG B 400 3.36 42.45 23.83
N ASN B 401 3.97 42.16 22.68
CA ASN B 401 5.42 42.05 22.58
C ASN B 401 6.16 43.34 22.94
N GLN B 402 5.51 44.48 22.77
N GLN B 402 5.52 44.49 22.72
CA GLN B 402 6.15 45.76 23.05
CA GLN B 402 6.14 45.77 23.04
C GLN B 402 6.07 46.14 24.53
C GLN B 402 5.99 46.18 24.51
N ASP B 403 5.25 45.39 25.28
CA ASP B 403 5.09 45.65 26.71
C ASP B 403 6.00 44.73 27.53
N GLY B 404 6.09 45.01 28.84
CA GLY B 404 6.77 44.12 29.76
C GLY B 404 6.08 42.77 29.82
N VAL B 405 6.83 41.71 30.09
CA VAL B 405 6.26 40.36 30.11
C VAL B 405 5.13 40.22 31.13
N ALA B 406 5.04 41.19 32.04
CA ALA B 406 4.05 41.13 33.11
C ALA B 406 2.79 41.96 32.84
N VAL B 407 2.87 42.85 31.84
CA VAL B 407 1.78 43.77 31.53
C VAL B 407 0.67 43.14 30.70
N GLU B 408 -0.58 43.43 31.07
CA GLU B 408 -1.74 42.92 30.35
C GLU B 408 -2.45 44.08 29.65
N ALA B 409 -2.36 44.15 28.33
CA ALA B 409 -2.97 45.25 27.61
C ALA B 409 -4.49 45.10 27.50
N ASP B 410 -4.97 43.87 27.42
CA ASP B 410 -6.40 43.59 27.54
C ASP B 410 -6.59 42.49 28.56
N SER B 411 -7.72 42.54 29.25
CA SER B 411 -7.92 41.73 30.45
C SER B 411 -9.41 41.61 30.69
N VAL B 412 -9.89 40.39 30.92
CA VAL B 412 -11.31 40.22 31.17
C VAL B 412 -11.58 38.97 31.97
N TRP B 413 -12.55 39.06 32.88
CA TRP B 413 -12.99 37.88 33.62
C TRP B 413 -14.18 37.17 32.95
N PHE B 414 -14.03 35.89 32.67
CA PHE B 414 -15.12 35.09 32.13
C PHE B 414 -15.97 34.52 33.26
N PHE B 415 -17.29 34.68 33.15
CA PHE B 415 -18.21 33.96 34.02
C PHE B 415 -18.70 32.73 33.27
N ASN B 416 -18.58 31.58 33.92
CA ASN B 416 -18.89 30.33 33.26
C ASN B 416 -20.33 30.29 32.81
N ARG B 417 -20.56 29.97 31.53
CA ARG B 417 -21.92 29.89 30.98
C ARG B 417 -22.81 28.87 31.68
N HIS B 418 -22.24 27.85 32.27
CA HIS B 418 -23.08 26.87 32.95
C HIS B 418 -23.21 27.17 34.45
N TRP B 419 -22.10 27.49 35.10
CA TRP B 419 -22.03 27.63 36.56
C TRP B 419 -22.20 29.06 37.10
N TYR B 420 -22.08 30.07 36.24
CA TYR B 420 -22.24 31.46 36.66
C TYR B 420 -22.72 32.32 35.47
N PRO B 421 -23.93 32.01 34.97
CA PRO B 421 -24.49 32.62 33.76
C PRO B 421 -25.00 34.01 34.08
N VAL B 422 -24.06 34.93 34.25
CA VAL B 422 -24.37 36.32 34.48
C VAL B 422 -23.55 37.12 33.48
N ASP B 423 -24.14 38.21 33.00
CA ASP B 423 -23.46 39.12 32.10
C ASP B 423 -22.05 39.46 32.59
N ASP B 424 -21.05 39.17 31.76
CA ASP B 424 -19.66 39.45 32.09
C ASP B 424 -19.04 40.50 31.16
N SER B 425 -19.89 41.29 30.52
CA SER B 425 -19.46 42.37 29.63
C SER B 425 -18.49 43.32 30.30
N THR B 426 -17.57 43.89 29.52
CA THR B 426 -16.66 44.92 30.01
C THR B 426 -17.21 46.34 29.79
N ASN C 2 -40.26 -0.35 2.09
CA ASN C 2 -41.44 0.51 1.96
C ASN C 2 -41.87 0.65 0.50
N ARG C 3 -41.24 1.55 -0.25
CA ARG C 3 -41.60 1.73 -1.66
C ARG C 3 -40.55 1.30 -2.67
N ASP C 4 -39.43 0.76 -2.20
CA ASP C 4 -38.37 0.29 -3.11
C ASP C 4 -38.80 -0.96 -3.87
N MET C 5 -38.49 -0.99 -5.16
CA MET C 5 -38.81 -2.14 -5.98
C MET C 5 -38.11 -3.37 -5.43
N PRO C 6 -38.82 -4.51 -5.44
CA PRO C 6 -38.31 -5.74 -4.82
C PRO C 6 -37.21 -6.37 -5.64
N LEU C 7 -36.39 -7.20 -4.99
CA LEU C 7 -35.21 -7.78 -5.63
C LEU C 7 -35.52 -8.56 -6.89
N ASP C 8 -36.69 -9.18 -6.95
CA ASP C 8 -37.05 -9.99 -8.12
C ASP C 8 -37.74 -9.19 -9.22
N SER C 9 -37.77 -7.86 -9.08
CA SER C 9 -38.32 -6.98 -10.12
C SER C 9 -37.65 -7.22 -11.47
N ASP C 10 -38.41 -7.02 -12.54
CA ASP C 10 -37.86 -7.23 -13.87
C ASP C 10 -36.64 -6.35 -14.15
N VAL C 11 -36.65 -5.13 -13.62
CA VAL C 11 -35.58 -4.17 -13.87
C VAL C 11 -34.25 -4.59 -13.25
N PHE C 12 -34.31 -5.48 -12.27
CA PHE C 12 -33.10 -5.90 -11.57
C PHE C 12 -32.61 -7.22 -12.13
N ARG C 13 -33.21 -7.64 -13.24
CA ARG C 13 -32.91 -8.94 -13.82
C ARG C 13 -31.43 -9.05 -14.18
N VAL C 14 -30.89 -10.25 -13.98
CA VAL C 14 -29.49 -10.53 -14.29
C VAL C 14 -29.31 -11.00 -15.73
N PRO C 15 -28.47 -10.32 -16.50
CA PRO C 15 -28.20 -10.79 -17.86
C PRO C 15 -27.72 -12.23 -17.79
N PRO C 16 -28.29 -13.12 -18.62
CA PRO C 16 -27.94 -14.55 -18.63
C PRO C 16 -26.57 -14.85 -19.23
N GLY C 17 -26.00 -16.01 -18.87
CA GLY C 17 -24.77 -16.47 -19.48
C GLY C 17 -23.60 -16.38 -18.52
N TYR C 18 -22.67 -17.33 -18.61
CA TYR C 18 -21.56 -17.38 -17.66
C TYR C 18 -20.78 -16.06 -17.65
N ASN C 19 -20.67 -15.46 -16.47
CA ASN C 19 -19.92 -14.22 -16.31
C ASN C 19 -20.36 -13.11 -17.25
N ALA C 20 -21.65 -12.97 -17.47
CA ALA C 20 -22.15 -11.93 -18.37
C ALA C 20 -21.99 -10.56 -17.71
N PRO C 21 -21.40 -9.61 -18.45
CA PRO C 21 -21.24 -8.26 -17.91
C PRO C 21 -22.61 -7.68 -17.53
N GLN C 22 -22.66 -7.01 -16.39
CA GLN C 22 -23.89 -6.39 -15.93
C GLN C 22 -23.56 -5.00 -15.39
N GLN C 23 -24.58 -4.24 -15.04
CA GLN C 23 -24.38 -2.89 -14.53
C GLN C 23 -23.50 -2.08 -15.48
N VAL C 24 -23.69 -2.26 -16.78
CA VAL C 24 -22.93 -1.48 -17.75
C VAL C 24 -23.35 -0.01 -17.74
N HIS C 25 -22.35 0.88 -17.72
CA HIS C 25 -22.61 2.31 -17.78
C HIS C 25 -21.42 3.06 -18.39
N ILE C 26 -21.70 4.23 -18.96
CA ILE C 26 -20.66 5.00 -19.61
C ILE C 26 -20.74 6.47 -19.21
N THR C 27 -19.63 7.18 -19.38
CA THR C 27 -19.62 8.61 -19.17
C THR C 27 -18.49 9.24 -19.96
N GLN C 28 -18.54 10.56 -20.15
CA GLN C 28 -17.52 11.22 -20.93
C GLN C 28 -16.15 10.93 -20.31
N GLY C 29 -15.17 10.64 -21.16
CA GLY C 29 -13.87 10.15 -20.72
C GLY C 29 -12.74 11.15 -20.82
N ASP C 30 -13.04 12.33 -21.36
CA ASP C 30 -12.02 13.35 -21.57
C ASP C 30 -12.64 14.71 -21.38
N LEU C 31 -11.88 15.75 -21.71
CA LEU C 31 -12.37 17.10 -21.56
C LEU C 31 -13.46 17.53 -22.57
N VAL C 32 -13.35 17.10 -23.83
CA VAL C 32 -14.17 17.69 -24.90
C VAL C 32 -15.05 16.71 -25.67
N GLY C 33 -14.99 15.42 -25.34
CA GLY C 33 -15.94 14.49 -25.90
C GLY C 33 -15.38 13.38 -26.77
N ARG C 34 -14.07 13.34 -26.98
CA ARG C 34 -13.47 12.33 -27.84
C ARG C 34 -13.11 11.04 -27.10
N ALA C 35 -13.52 10.95 -25.85
CA ALA C 35 -13.26 9.74 -25.06
C ALA C 35 -14.48 9.36 -24.26
N MET C 36 -14.54 8.09 -23.86
CA MET C 36 -15.66 7.59 -23.11
C MET C 36 -15.18 6.58 -22.07
N ILE C 37 -15.63 6.71 -20.83
CA ILE C 37 -15.33 5.68 -19.84
C ILE C 37 -16.41 4.58 -19.84
N ILE C 38 -15.99 3.36 -20.17
CA ILE C 38 -16.86 2.19 -20.09
C ILE C 38 -16.67 1.44 -18.76
N SER C 39 -17.76 1.25 -18.02
CA SER C 39 -17.69 0.55 -16.74
C SER C 39 -18.70 -0.59 -16.68
N TRP C 40 -18.30 -1.68 -16.05
CA TRP C 40 -19.20 -2.78 -15.82
C TRP C 40 -18.74 -3.71 -14.72
N VAL C 41 -19.59 -4.68 -14.38
CA VAL C 41 -19.33 -5.64 -13.33
C VAL C 41 -19.48 -7.07 -13.82
N THR C 42 -18.56 -7.95 -13.45
CA THR C 42 -18.75 -9.39 -13.62
C THR C 42 -18.83 -10.07 -12.26
N MET C 43 -19.73 -11.04 -12.13
CA MET C 43 -19.97 -11.67 -10.84
C MET C 43 -19.33 -13.05 -10.72
N ASP C 44 -19.17 -13.76 -11.83
CA ASP C 44 -18.70 -15.14 -11.78
C ASP C 44 -17.18 -15.31 -11.62
N GLU C 45 -16.41 -14.50 -12.33
CA GLU C 45 -14.97 -14.45 -12.13
C GLU C 45 -14.43 -13.11 -12.66
N PRO C 46 -13.17 -12.78 -12.34
CA PRO C 46 -12.62 -11.50 -12.77
C PRO C 46 -12.93 -11.14 -14.22
N GLY C 47 -12.70 -12.06 -15.16
CA GLY C 47 -12.93 -11.76 -16.56
C GLY C 47 -11.96 -10.72 -17.12
N SER C 48 -12.20 -10.31 -18.36
CA SER C 48 -11.33 -9.36 -19.02
C SER C 48 -11.84 -7.92 -18.94
N SER C 49 -10.92 -6.97 -18.82
CA SER C 49 -11.25 -5.55 -18.85
C SER C 49 -11.08 -4.93 -20.25
N ALA C 50 -10.97 -5.78 -21.28
CA ALA C 50 -10.86 -5.27 -22.64
C ALA C 50 -12.22 -4.89 -23.20
N VAL C 51 -12.27 -3.81 -23.97
CA VAL C 51 -13.49 -3.40 -24.65
C VAL C 51 -13.25 -3.37 -26.16
N ARG C 52 -14.10 -4.04 -26.91
CA ARG C 52 -14.02 -4.02 -28.37
C ARG C 52 -14.99 -2.96 -28.88
N TYR C 53 -14.53 -2.09 -29.77
CA TYR C 53 -15.38 -0.99 -30.25
C TYR C 53 -15.08 -0.62 -31.70
N TRP C 54 -16.10 -0.14 -32.40
CA TRP C 54 -15.93 0.28 -33.78
C TRP C 54 -17.05 1.23 -34.17
N SER C 55 -16.77 2.11 -35.13
CA SER C 55 -17.79 3.04 -35.65
C SER C 55 -18.71 2.37 -36.67
N GLU C 56 -20.01 2.70 -36.58
CA GLU C 56 -21.02 2.23 -37.53
C GLU C 56 -20.56 2.45 -38.97
N LYS C 57 -20.11 3.68 -39.27
CA LYS C 57 -19.50 3.98 -40.56
C LYS C 57 -18.27 3.10 -40.69
N ASN C 58 -18.13 2.42 -41.82
CA ASN C 58 -17.04 1.44 -41.99
C ASN C 58 -16.91 0.52 -40.77
N GLY C 59 -15.84 0.71 -40.00
CA GLY C 59 -15.77 0.11 -38.69
C GLY C 59 -14.67 -0.89 -38.45
N ARG C 60 -13.43 -0.42 -38.45
CA ARG C 60 -12.33 -1.27 -38.03
C ARG C 60 -12.46 -1.53 -36.53
N LYS C 61 -12.41 -2.79 -36.13
CA LYS C 61 -12.62 -3.12 -34.71
C LYS C 61 -11.34 -2.96 -33.90
N ARG C 62 -11.39 -2.15 -32.85
CA ARG C 62 -10.24 -1.98 -31.98
C ARG C 62 -10.55 -2.49 -30.58
N ILE C 63 -9.49 -2.69 -29.81
CA ILE C 63 -9.61 -3.11 -28.42
C ILE C 63 -8.97 -2.09 -27.48
N ALA C 64 -9.71 -1.68 -26.45
CA ALA C 64 -9.16 -0.86 -25.39
C ALA C 64 -9.05 -1.70 -24.12
N LYS C 65 -7.92 -1.58 -23.43
CA LYS C 65 -7.69 -2.35 -22.22
C LYS C 65 -7.84 -1.47 -20.98
N GLY C 66 -8.59 -1.95 -19.99
CA GLY C 66 -8.83 -1.18 -18.79
C GLY C 66 -8.33 -1.88 -17.52
N LYS C 67 -9.01 -1.62 -16.40
CA LYS C 67 -8.54 -2.13 -15.13
C LYS C 67 -9.68 -2.72 -14.36
N MET C 68 -9.35 -3.73 -13.56
CA MET C 68 -10.34 -4.39 -12.73
C MET C 68 -10.10 -4.04 -11.27
N SER C 69 -11.16 -3.86 -10.50
CA SER C 69 -11.00 -3.63 -9.08
C SER C 69 -12.11 -4.33 -8.28
N THR C 70 -11.90 -4.47 -6.97
CA THR C 70 -12.92 -4.99 -6.07
C THR C 70 -12.91 -4.18 -4.78
N TYR C 71 -13.96 -4.32 -3.97
CA TYR C 71 -13.94 -3.71 -2.66
C TYR C 71 -14.79 -4.50 -1.70
N ARG C 72 -14.63 -4.22 -0.42
CA ARG C 72 -15.47 -4.78 0.62
C ARG C 72 -16.10 -3.60 1.37
N PHE C 73 -17.31 -3.82 1.87
CA PHE C 73 -17.98 -2.88 2.74
C PHE C 73 -18.63 -3.73 3.81
N PHE C 74 -18.12 -3.64 5.03
CA PHE C 74 -18.62 -4.47 6.12
C PHE C 74 -18.52 -5.97 5.77
N ASN C 75 -19.66 -6.67 5.74
CA ASN C 75 -19.67 -8.08 5.33
C ASN C 75 -20.04 -8.30 3.86
N TYR C 76 -20.07 -7.21 3.09
CA TYR C 76 -20.30 -7.30 1.66
C TYR C 76 -18.98 -7.34 0.88
N SER C 77 -18.91 -8.24 -0.11
CA SER C 77 -17.78 -8.30 -1.02
C SER C 77 -18.28 -8.05 -2.44
N SER C 78 -17.70 -7.06 -3.12
CA SER C 78 -18.18 -6.67 -4.44
C SER C 78 -17.85 -7.73 -5.48
N GLY C 79 -18.51 -7.66 -6.63
CA GLY C 79 -18.09 -8.42 -7.79
C GLY C 79 -16.83 -7.76 -8.34
N PHE C 80 -16.47 -8.13 -9.57
CA PHE C 80 -15.28 -7.60 -10.20
C PHE C 80 -15.65 -6.43 -11.08
N ILE C 81 -15.19 -5.26 -10.68
CA ILE C 81 -15.57 -4.00 -11.31
C ILE C 81 -14.57 -3.61 -12.39
N HIS C 82 -15.06 -3.29 -13.57
CA HIS C 82 -14.18 -2.92 -14.68
C HIS C 82 -14.37 -1.48 -15.12
N HIS C 83 -13.26 -0.79 -15.40
CA HIS C 83 -13.31 0.55 -15.98
C HIS C 83 -12.32 0.65 -17.11
N THR C 84 -12.80 1.08 -18.27
CA THR C 84 -11.95 1.12 -19.45
C THR C 84 -12.21 2.38 -20.26
N THR C 85 -11.16 3.12 -20.58
CA THR C 85 -11.36 4.34 -21.35
C THR C 85 -11.06 4.10 -22.82
N ILE C 86 -12.03 4.41 -23.67
CA ILE C 86 -11.85 4.40 -25.12
C ILE C 86 -11.51 5.83 -25.52
N ARG C 87 -10.41 6.02 -26.25
CA ARG C 87 -9.96 7.37 -26.57
C ARG C 87 -9.93 7.71 -28.06
N LYS C 88 -9.70 8.98 -28.38
CA LYS C 88 -9.45 9.43 -29.75
C LYS C 88 -10.57 9.03 -30.70
N LEU C 89 -11.80 9.11 -30.22
CA LEU C 89 -12.98 8.81 -31.01
C LEU C 89 -13.29 9.94 -31.98
N LYS C 90 -14.07 9.63 -33.02
CA LYS C 90 -14.59 10.64 -33.94
C LYS C 90 -15.85 11.35 -33.41
N TYR C 91 -15.93 12.65 -33.63
CA TYR C 91 -17.09 13.44 -33.22
C TYR C 91 -18.35 13.05 -33.99
N ASN C 92 -19.48 13.19 -33.31
CA ASN C 92 -20.76 13.07 -33.97
C ASN C 92 -20.94 11.77 -34.76
N THR C 93 -20.34 10.68 -34.28
CA THR C 93 -20.53 9.40 -34.95
C THR C 93 -20.96 8.30 -33.99
N LYS C 94 -21.75 7.35 -34.50
CA LYS C 94 -22.22 6.25 -33.70
C LYS C 94 -21.17 5.15 -33.58
N TYR C 95 -20.93 4.70 -32.35
CA TYR C 95 -20.01 3.61 -32.09
C TYR C 95 -20.72 2.42 -31.44
N TYR C 96 -20.30 1.21 -31.80
CA TYR C 96 -20.70 0.02 -31.07
C TYR C 96 -19.56 -0.38 -30.14
N TYR C 97 -19.89 -0.94 -29.00
CA TYR C 97 -18.87 -1.50 -28.11
C TYR C 97 -19.37 -2.79 -27.46
N GLU C 98 -18.44 -3.70 -27.22
CA GLU C 98 -18.74 -4.98 -26.57
C GLU C 98 -17.87 -5.17 -25.33
N VAL C 99 -18.46 -5.73 -24.28
CA VAL C 99 -17.70 -6.13 -23.10
C VAL C 99 -17.94 -7.60 -22.79
N GLY C 100 -17.06 -8.18 -21.99
CA GLY C 100 -17.13 -9.59 -21.63
C GLY C 100 -16.62 -10.47 -22.75
N LEU C 101 -15.47 -10.10 -23.30
CA LEU C 101 -14.95 -10.75 -24.50
C LEU C 101 -14.58 -12.20 -24.26
N ARG C 102 -14.33 -12.56 -23.02
CA ARG C 102 -13.83 -13.89 -22.71
C ARG C 102 -14.92 -14.98 -22.67
N ASN C 103 -16.09 -14.63 -22.16
CA ASN C 103 -17.13 -15.64 -22.02
C ASN C 103 -18.45 -15.22 -22.65
N THR C 104 -19.16 -14.31 -22.01
CA THR C 104 -20.42 -13.84 -22.55
C THR C 104 -20.32 -12.38 -22.98
N THR C 105 -20.29 -12.14 -24.29
CA THR C 105 -20.16 -10.79 -24.81
C THR C 105 -21.53 -10.12 -24.90
N ARG C 106 -21.58 -8.86 -24.47
CA ARG C 106 -22.79 -8.05 -24.65
C ARG C 106 -22.42 -6.81 -25.44
N ARG C 107 -23.30 -6.41 -26.36
CA ARG C 107 -23.01 -5.32 -27.26
C ARG C 107 -23.91 -4.13 -26.98
N PHE C 108 -23.34 -2.94 -27.02
CA PHE C 108 -24.09 -1.71 -26.81
C PHE C 108 -23.67 -0.67 -27.85
N SER C 109 -24.11 0.57 -27.66
CA SER C 109 -23.67 1.65 -28.53
C SER C 109 -23.88 3.02 -27.92
N PHE C 110 -23.09 3.99 -28.38
CA PHE C 110 -23.30 5.39 -28.02
C PHE C 110 -23.03 6.26 -29.23
N ILE C 111 -23.42 7.53 -29.15
CA ILE C 111 -23.12 8.48 -30.20
C ILE C 111 -22.29 9.61 -29.63
N THR C 112 -21.09 9.82 -30.16
CA THR C 112 -20.25 10.90 -29.65
C THR C 112 -20.89 12.25 -29.94
N PRO C 113 -20.64 13.26 -29.08
CA PRO C 113 -21.22 14.59 -29.29
C PRO C 113 -20.55 15.29 -30.46
N PRO C 114 -21.14 16.38 -30.97
CA PRO C 114 -20.42 17.13 -31.98
C PRO C 114 -19.26 17.83 -31.31
N GLN C 115 -18.25 18.21 -32.09
CA GLN C 115 -17.15 19.01 -31.56
C GLN C 115 -17.72 20.26 -30.89
N THR C 116 -17.03 20.74 -29.85
CA THR C 116 -17.53 21.89 -29.12
C THR C 116 -17.59 23.10 -30.04
N GLY C 117 -18.57 23.97 -29.81
CA GLY C 117 -18.72 25.11 -30.69
C GLY C 117 -19.73 26.11 -30.19
N LEU C 118 -19.67 27.32 -30.73
CA LEU C 118 -20.48 28.42 -30.26
C LEU C 118 -21.97 28.16 -30.45
N ASP C 119 -22.32 27.58 -31.58
CA ASP C 119 -23.73 27.42 -31.93
C ASP C 119 -24.19 25.97 -32.06
N VAL C 120 -23.41 25.04 -31.50
CA VAL C 120 -23.76 23.63 -31.53
C VAL C 120 -24.93 23.27 -30.59
N PRO C 121 -26.02 22.73 -31.14
CA PRO C 121 -27.18 22.38 -30.31
C PRO C 121 -26.97 21.07 -29.56
N TYR C 122 -27.73 20.88 -28.50
CA TYR C 122 -27.63 19.66 -27.70
C TYR C 122 -28.70 19.67 -26.64
N THR C 123 -29.12 18.47 -26.26
CA THR C 123 -30.21 18.29 -25.30
C THR C 123 -29.73 17.46 -24.11
N PHE C 124 -29.83 18.04 -22.92
CA PHE C 124 -29.39 17.38 -21.69
C PHE C 124 -30.61 17.01 -20.87
N GLY C 125 -30.63 15.79 -20.34
CA GLY C 125 -31.66 15.42 -19.40
C GLY C 125 -31.21 15.90 -18.04
N LEU C 126 -32.15 16.27 -17.18
CA LEU C 126 -31.82 16.54 -15.80
C LEU C 126 -32.51 15.58 -14.86
N ILE C 127 -31.71 14.89 -14.04
CA ILE C 127 -32.20 13.87 -13.16
C ILE C 127 -31.45 13.94 -11.84
N GLY C 128 -32.19 13.92 -10.74
CA GLY C 128 -31.57 13.98 -9.42
C GLY C 128 -32.27 13.12 -8.38
N ASP C 129 -31.49 12.55 -7.47
CA ASP C 129 -32.05 11.76 -6.39
C ASP C 129 -32.98 10.70 -6.96
N LEU C 130 -32.42 9.85 -7.81
CA LEU C 130 -33.21 8.86 -8.52
C LEU C 130 -33.69 7.70 -7.66
N GLY C 131 -32.75 6.97 -7.05
CA GLY C 131 -33.10 5.84 -6.21
C GLY C 131 -33.64 4.66 -7.02
N GLN C 132 -34.40 3.79 -6.36
CA GLN C 132 -34.94 2.61 -7.02
C GLN C 132 -36.35 2.25 -6.53
N SER C 133 -37.19 3.26 -6.36
CA SER C 133 -38.60 3.05 -6.04
C SER C 133 -39.37 2.96 -7.34
N PHE C 134 -40.68 2.74 -7.25
CA PHE C 134 -41.48 2.67 -8.46
C PHE C 134 -41.54 4.03 -9.15
N ASP C 135 -41.56 5.09 -8.34
CA ASP C 135 -41.46 6.43 -8.84
C ASP C 135 -40.20 6.57 -9.70
N SER C 136 -39.08 6.08 -9.18
CA SER C 136 -37.80 6.12 -9.88
C SER C 136 -37.95 5.51 -11.26
N ASN C 137 -38.56 4.33 -11.32
CA ASN C 137 -38.72 3.62 -12.58
C ASN C 137 -39.57 4.42 -13.55
N THR C 138 -40.60 5.09 -13.02
CA THR C 138 -41.44 5.95 -13.82
C THR C 138 -40.64 7.11 -14.42
N THR C 139 -39.88 7.82 -13.58
CA THR C 139 -39.11 8.95 -14.06
C THR C 139 -38.20 8.55 -15.21
N LEU C 140 -37.45 7.47 -15.00
CA LEU C 140 -36.58 6.95 -16.06
C LEU C 140 -37.35 6.69 -17.37
N SER C 141 -38.56 6.14 -17.25
CA SER C 141 -39.36 5.84 -18.44
C SER C 141 -39.71 7.13 -19.16
N HIS C 142 -40.16 8.12 -18.39
CA HIS C 142 -40.53 9.41 -18.97
C HIS C 142 -39.35 10.04 -19.69
N TYR C 143 -38.17 9.98 -19.09
CA TYR C 143 -37.01 10.56 -19.72
C TYR C 143 -36.72 9.87 -21.04
N GLU C 144 -36.81 8.54 -21.06
CA GLU C 144 -36.42 7.80 -22.26
C GLU C 144 -37.50 7.89 -23.35
N LEU C 145 -38.73 8.12 -22.93
CA LEU C 145 -39.84 8.28 -23.87
C LEU C 145 -40.04 9.73 -24.28
N SER C 146 -39.18 10.61 -23.79
CA SER C 146 -39.30 12.04 -24.12
C SER C 146 -39.20 12.28 -25.62
N PRO C 147 -40.07 13.17 -26.14
CA PRO C 147 -40.04 13.52 -27.57
C PRO C 147 -38.83 14.39 -27.86
N LYS C 148 -38.41 15.16 -26.86
CA LYS C 148 -37.27 16.05 -27.01
C LYS C 148 -35.94 15.29 -27.10
N LYS C 149 -35.92 14.04 -26.64
CA LYS C 149 -34.76 13.17 -26.88
C LYS C 149 -33.45 13.58 -26.21
N GLY C 150 -33.30 13.26 -24.93
CA GLY C 150 -32.07 13.53 -24.21
C GLY C 150 -30.87 12.79 -24.77
N GLN C 151 -29.73 13.47 -24.81
CA GLN C 151 -28.51 12.89 -25.38
C GLN C 151 -27.45 12.63 -24.32
N THR C 152 -27.63 13.26 -23.17
CA THR C 152 -26.71 13.10 -22.05
C THR C 152 -27.46 13.50 -20.79
N VAL C 153 -27.29 12.74 -19.72
CA VAL C 153 -27.95 13.08 -18.46
C VAL C 153 -26.97 13.78 -17.52
N LEU C 154 -27.36 14.95 -17.04
CA LEU C 154 -26.64 15.58 -15.94
C LEU C 154 -27.31 15.14 -14.64
N PHE C 155 -26.60 14.33 -13.87
CA PHE C 155 -27.16 13.73 -12.66
C PHE C 155 -26.68 14.48 -11.42
N VAL C 156 -27.60 15.06 -10.68
CA VAL C 156 -27.26 16.00 -9.62
C VAL C 156 -27.15 15.36 -8.22
N GLY C 157 -27.00 14.03 -8.18
CA GLY C 157 -26.62 13.36 -6.95
C GLY C 157 -27.68 12.47 -6.33
N ASP C 158 -27.23 11.65 -5.37
CA ASP C 158 -28.04 10.62 -4.73
C ASP C 158 -28.51 9.56 -5.70
N LEU C 159 -27.72 8.52 -5.85
CA LEU C 159 -27.97 7.53 -6.88
C LEU C 159 -28.89 6.37 -6.44
N SER C 160 -28.36 5.47 -5.61
CA SER C 160 -29.05 4.20 -5.32
C SER C 160 -29.81 4.22 -4.00
N TYR C 161 -29.46 5.16 -3.14
CA TYR C 161 -29.97 5.17 -1.76
C TYR C 161 -29.77 3.82 -1.07
N ALA C 162 -28.64 3.16 -1.35
CA ALA C 162 -28.32 1.88 -0.71
C ALA C 162 -28.06 2.07 0.78
N ASP C 163 -27.61 3.27 1.15
CA ASP C 163 -27.26 3.55 2.53
C ASP C 163 -28.47 3.53 3.48
N ARG C 164 -29.68 3.43 2.94
CA ARG C 164 -30.90 3.34 3.75
CA ARG C 164 -30.86 3.35 3.80
C ARG C 164 -31.10 1.91 4.26
N TYR C 165 -30.46 0.96 3.62
CA TYR C 165 -30.56 -0.44 4.00
C TYR C 165 -29.62 -0.77 5.17
N PRO C 166 -29.85 -1.93 5.82
CA PRO C 166 -29.01 -2.41 6.93
C PRO C 166 -27.56 -2.65 6.52
N ASN C 167 -26.63 -1.97 7.16
CA ASN C 167 -25.23 -2.01 6.74
C ASN C 167 -25.09 -1.53 5.30
N HIS C 168 -25.94 -0.58 4.92
CA HIS C 168 -25.94 -0.04 3.57
C HIS C 168 -25.99 -1.12 2.50
N ASP C 169 -26.64 -2.24 2.79
CA ASP C 169 -26.64 -3.40 1.91
C ASP C 169 -26.22 -3.05 0.48
N ASN C 170 -24.94 -3.29 0.17
CA ASN C 170 -24.36 -2.85 -1.11
C ASN C 170 -24.88 -3.64 -2.30
N VAL C 171 -25.55 -4.75 -2.03
CA VAL C 171 -26.35 -5.39 -3.06
C VAL C 171 -27.29 -4.37 -3.72
N ARG C 172 -27.75 -3.39 -2.95
CA ARG C 172 -28.63 -2.36 -3.50
C ARG C 172 -27.91 -1.37 -4.44
N TRP C 173 -26.59 -1.41 -4.46
CA TRP C 173 -25.84 -0.71 -5.50
C TRP C 173 -25.85 -1.55 -6.77
N ASP C 174 -25.71 -2.87 -6.62
CA ASP C 174 -25.76 -3.77 -7.76
C ASP C 174 -27.09 -3.69 -8.49
N THR C 175 -28.19 -3.66 -7.75
CA THR C 175 -29.50 -3.60 -8.40
C THR C 175 -29.69 -2.27 -9.14
N TRP C 176 -29.30 -1.16 -8.50
CA TRP C 176 -29.40 0.16 -9.15
C TRP C 176 -28.63 0.16 -10.46
N GLY C 177 -27.45 -0.45 -10.46
CA GLY C 177 -26.64 -0.55 -11.65
C GLY C 177 -27.36 -1.28 -12.78
N ARG C 178 -28.06 -2.36 -12.44
CA ARG C 178 -28.77 -3.15 -13.44
C ARG C 178 -30.02 -2.41 -13.89
N PHE C 179 -30.62 -1.67 -12.96
CA PHE C 179 -31.78 -0.86 -13.23
C PHE C 179 -31.46 0.24 -14.25
N THR C 180 -30.45 1.06 -13.95
CA THR C 180 -30.13 2.21 -14.79
C THR C 180 -29.52 1.83 -16.14
N GLU C 181 -29.02 0.62 -16.25
CA GLU C 181 -28.31 0.21 -17.47
C GLU C 181 -29.04 0.55 -18.76
N ARG C 182 -30.36 0.35 -18.78
CA ARG C 182 -31.11 0.54 -20.03
C ARG C 182 -30.93 1.94 -20.61
N SER C 183 -30.56 2.89 -19.77
CA SER C 183 -30.25 4.24 -20.23
C SER C 183 -28.76 4.52 -20.31
N VAL C 184 -28.04 4.32 -19.18
CA VAL C 184 -26.68 4.81 -19.07
C VAL C 184 -25.63 3.97 -19.80
N ALA C 185 -26.04 2.80 -20.31
CA ALA C 185 -25.15 2.02 -21.17
C ALA C 185 -25.10 2.61 -22.59
N TYR C 186 -26.03 3.50 -22.90
CA TYR C 186 -26.17 4.00 -24.27
C TYR C 186 -25.86 5.49 -24.39
N GLN C 187 -25.84 6.18 -23.26
CA GLN C 187 -25.47 7.58 -23.25
C GLN C 187 -24.84 7.91 -21.92
N PRO C 188 -23.91 8.88 -21.93
CA PRO C 188 -23.20 9.22 -20.69
C PRO C 188 -24.15 9.86 -19.69
N TRP C 189 -24.00 9.49 -18.42
CA TRP C 189 -24.55 10.27 -17.34
C TRP C 189 -23.38 10.99 -16.68
N ILE C 190 -23.56 12.27 -16.36
CA ILE C 190 -22.50 13.04 -15.74
C ILE C 190 -22.74 13.06 -14.24
N TRP C 191 -21.85 12.40 -13.50
CA TRP C 191 -22.05 12.15 -12.07
C TRP C 191 -21.69 13.29 -11.12
N THR C 192 -22.65 13.63 -10.29
CA THR C 192 -22.46 14.50 -9.15
C THR C 192 -22.59 13.66 -7.87
N ALA C 193 -21.77 13.94 -6.86
CA ALA C 193 -21.83 13.23 -5.59
C ALA C 193 -22.80 13.89 -4.58
N GLY C 194 -23.79 13.12 -4.11
CA GLY C 194 -24.75 13.64 -3.15
C GLY C 194 -24.52 13.08 -1.75
N ASN C 195 -25.37 13.43 -0.79
CA ASN C 195 -25.12 12.97 0.57
C ASN C 195 -25.33 11.48 0.77
N HIS C 196 -26.15 10.87 -0.06
CA HIS C 196 -26.32 9.43 0.06
C HIS C 196 -25.14 8.65 -0.52
N GLU C 197 -24.17 9.38 -1.09
CA GLU C 197 -22.94 8.74 -1.55
C GLU C 197 -21.83 8.75 -0.47
N ILE C 198 -21.94 9.65 0.50
CA ILE C 198 -20.93 9.77 1.56
C ILE C 198 -20.67 8.43 2.27
N GLU C 199 -21.74 7.78 2.71
CA GLU C 199 -21.67 6.46 3.35
C GLU C 199 -20.64 6.40 4.47
N PHE C 200 -20.63 7.43 5.31
CA PHE C 200 -19.79 7.46 6.48
C PHE C 200 -20.48 6.67 7.58
N ALA C 201 -19.91 5.53 7.93
CA ALA C 201 -20.54 4.64 8.90
C ALA C 201 -19.53 4.10 9.89
N PRO C 202 -19.04 4.96 10.80
CA PRO C 202 -18.00 4.47 11.72
C PRO C 202 -18.51 3.33 12.60
N GLU C 203 -19.82 3.18 12.75
CA GLU C 203 -20.34 2.13 13.63
C GLU C 203 -20.08 0.72 13.08
N ILE C 204 -19.82 0.62 11.78
CA ILE C 204 -19.42 -0.65 11.20
C ILE C 204 -18.05 -0.54 10.57
N ASN C 205 -17.27 0.41 11.08
CA ASN C 205 -15.88 0.55 10.65
C ASN C 205 -15.69 0.93 9.17
N GLU C 206 -16.62 1.70 8.61
CA GLU C 206 -16.48 2.20 7.24
C GLU C 206 -16.41 3.71 7.28
N THR C 207 -15.20 4.26 7.18
CA THR C 207 -15.01 5.66 7.50
C THR C 207 -14.40 6.47 6.35
N GLU C 208 -14.26 5.85 5.20
CA GLU C 208 -13.77 6.56 4.01
C GLU C 208 -14.94 7.07 3.18
N PRO C 209 -15.16 8.39 3.18
CA PRO C 209 -16.29 8.96 2.43
C PRO C 209 -16.31 8.58 0.96
N PHE C 210 -17.51 8.23 0.47
CA PHE C 210 -17.74 8.01 -0.95
C PHE C 210 -17.19 6.69 -1.44
N LYS C 211 -16.75 5.83 -0.51
CA LYS C 211 -16.09 4.60 -0.92
C LYS C 211 -16.80 3.81 -2.05
N PRO C 212 -18.02 3.29 -1.79
CA PRO C 212 -18.69 2.47 -2.82
C PRO C 212 -18.95 3.25 -4.10
N PHE C 213 -19.48 4.46 -3.98
CA PHE C 213 -19.71 5.32 -5.14
C PHE C 213 -18.45 5.45 -5.98
N SER C 214 -17.34 5.77 -5.34
CA SER C 214 -16.11 6.07 -6.06
C SER C 214 -15.47 4.83 -6.72
N TYR C 215 -15.83 3.63 -6.28
CA TYR C 215 -15.36 2.39 -6.94
C TYR C 215 -16.18 2.04 -8.17
N ARG C 216 -17.48 2.30 -8.09
CA ARG C 216 -18.42 1.93 -9.12
C ARG C 216 -18.52 2.95 -10.25
N TYR C 217 -18.32 4.23 -9.92
CA TYR C 217 -18.53 5.32 -10.89
C TYR C 217 -17.30 6.22 -11.01
N HIS C 218 -16.60 6.09 -12.12
CA HIS C 218 -15.42 6.91 -12.37
C HIS C 218 -15.81 8.14 -13.18
N VAL C 219 -15.03 9.21 -13.04
CA VAL C 219 -15.23 10.43 -13.80
C VAL C 219 -13.87 10.93 -14.30
N PRO C 220 -13.85 11.67 -15.43
CA PRO C 220 -12.58 12.08 -16.05
C PRO C 220 -12.01 13.31 -15.38
N TYR C 221 -11.84 13.26 -14.06
CA TYR C 221 -11.45 14.45 -13.31
C TYR C 221 -10.05 14.98 -13.64
N GLU C 222 -9.11 14.11 -13.99
CA GLU C 222 -7.78 14.61 -14.34
C GLU C 222 -7.83 15.48 -15.59
N ALA C 223 -8.79 15.23 -16.47
CA ALA C 223 -8.86 15.97 -17.72
C ALA C 223 -9.04 17.47 -17.53
N SER C 224 -9.49 17.88 -16.35
CA SER C 224 -9.59 19.32 -16.06
C SER C 224 -8.66 19.74 -14.93
N GLN C 225 -7.62 18.94 -14.71
CA GLN C 225 -6.62 19.19 -13.67
C GLN C 225 -7.20 19.23 -12.25
N SER C 226 -8.33 18.57 -12.04
CA SER C 226 -8.80 18.39 -10.68
C SER C 226 -7.98 17.26 -10.04
N THR C 227 -7.80 17.34 -8.73
CA THR C 227 -7.09 16.29 -8.00
C THR C 227 -8.06 15.36 -7.27
N SER C 228 -9.34 15.44 -7.61
CA SER C 228 -10.34 14.62 -6.95
C SER C 228 -11.50 14.30 -7.90
N PRO C 229 -12.03 13.07 -7.82
CA PRO C 229 -13.21 12.77 -8.65
C PRO C 229 -14.45 13.56 -8.25
N PHE C 230 -14.47 14.17 -7.07
CA PHE C 230 -15.71 14.80 -6.60
C PHE C 230 -16.00 16.21 -7.15
N TRP C 231 -15.00 16.81 -7.78
CA TRP C 231 -15.24 18.04 -8.53
C TRP C 231 -14.43 18.00 -9.81
N TYR C 232 -15.01 18.49 -10.89
CA TYR C 232 -14.37 18.43 -12.20
C TYR C 232 -15.26 19.14 -13.23
N SER C 233 -14.74 19.33 -14.44
CA SER C 233 -15.54 19.93 -15.49
C SER C 233 -15.37 19.15 -16.76
N ILE C 234 -16.33 19.31 -17.67
CA ILE C 234 -16.26 18.73 -19.00
C ILE C 234 -16.92 19.72 -19.92
N LYS C 235 -16.59 19.63 -21.20
CA LYS C 235 -17.25 20.39 -22.23
C LYS C 235 -17.92 19.39 -23.16
N ARG C 236 -19.13 19.72 -23.59
CA ARG C 236 -19.86 18.87 -24.50
C ARG C 236 -20.75 19.78 -25.34
N ALA C 237 -20.60 19.68 -26.66
CA ALA C 237 -21.21 20.62 -27.61
C ALA C 237 -20.93 22.07 -27.24
N SER C 238 -21.96 22.85 -26.96
CA SER C 238 -21.78 24.27 -26.67
C SER C 238 -21.85 24.58 -25.19
N ALA C 239 -21.68 23.56 -24.36
CA ALA C 239 -21.75 23.73 -22.90
C ALA C 239 -20.42 23.50 -22.19
N HIS C 240 -20.13 24.32 -21.20
CA HIS C 240 -19.07 24.06 -20.25
C HIS C 240 -19.74 23.70 -18.92
N ILE C 241 -19.52 22.48 -18.44
CA ILE C 241 -20.22 21.96 -17.28
C ILE C 241 -19.31 21.77 -16.08
N ILE C 242 -19.64 22.43 -14.98
CA ILE C 242 -18.80 22.38 -13.79
C ILE C 242 -19.52 21.59 -12.70
N VAL C 243 -18.87 20.53 -12.21
CA VAL C 243 -19.44 19.67 -11.18
C VAL C 243 -18.75 19.94 -9.86
N LEU C 244 -19.52 20.30 -8.82
CA LEU C 244 -18.98 20.63 -7.51
C LEU C 244 -19.41 19.60 -6.46
N SER C 245 -18.69 19.56 -5.33
CA SER C 245 -18.97 18.59 -4.27
C SER C 245 -19.43 19.26 -2.98
N SER C 246 -20.71 19.15 -2.68
CA SER C 246 -21.27 19.80 -1.48
C SER C 246 -20.68 19.23 -0.19
N TYR C 247 -20.24 17.97 -0.23
CA TYR C 247 -19.80 17.31 0.99
C TYR C 247 -18.28 17.08 1.02
N SER C 248 -17.56 17.86 0.19
CA SER C 248 -16.12 18.00 0.33
C SER C 248 -15.82 19.38 0.88
N ALA C 249 -14.57 19.59 1.27
CA ALA C 249 -14.12 20.89 1.75
C ALA C 249 -14.22 21.92 0.63
N TYR C 250 -14.58 23.15 0.99
CA TYR C 250 -14.57 24.24 0.01
C TYR C 250 -14.17 25.55 0.66
N GLY C 251 -13.47 25.43 1.77
CA GLY C 251 -12.88 26.60 2.40
C GLY C 251 -11.83 27.23 1.52
N ARG C 252 -11.52 28.49 1.80
CA ARG C 252 -10.52 29.20 1.03
C ARG C 252 -9.17 28.51 1.14
N GLY C 253 -8.57 28.15 0.00
CA GLY C 253 -7.26 27.51 0.00
C GLY C 253 -7.34 26.00 -0.14
N THR C 254 -8.52 25.43 0.07
CA THR C 254 -8.70 24.00 -0.08
C THR C 254 -8.60 23.66 -1.56
N PRO C 255 -8.33 22.39 -1.87
CA PRO C 255 -8.23 21.97 -3.28
C PRO C 255 -9.46 22.32 -4.10
N GLN C 256 -10.67 22.02 -3.63
CA GLN C 256 -11.87 22.30 -4.45
C GLN C 256 -12.04 23.80 -4.74
N TYR C 257 -11.94 24.61 -3.70
CA TYR C 257 -11.99 26.07 -3.81
C TYR C 257 -10.92 26.56 -4.78
N THR C 258 -9.72 26.01 -4.63
CA THR C 258 -8.60 26.43 -5.48
C THR C 258 -8.89 26.07 -6.93
N TRP C 259 -9.34 24.85 -7.14
CA TRP C 259 -9.64 24.35 -8.48
C TRP C 259 -10.74 25.13 -9.18
N LEU C 260 -11.81 25.45 -8.45
CA LEU C 260 -12.93 26.18 -9.02
C LEU C 260 -12.50 27.58 -9.44
N LYS C 261 -11.82 28.28 -8.55
CA LYS C 261 -11.41 29.64 -8.86
C LYS C 261 -10.61 29.65 -10.16
N LYS C 262 -9.74 28.66 -10.30
CA LYS C 262 -8.90 28.56 -11.49
C LYS C 262 -9.72 28.10 -12.71
N GLU C 263 -10.66 27.18 -12.50
CA GLU C 263 -11.48 26.67 -13.60
C GLU C 263 -12.37 27.74 -14.26
N LEU C 264 -12.91 28.66 -13.46
CA LEU C 264 -13.75 29.73 -13.99
C LEU C 264 -12.97 30.66 -14.94
N ARG C 265 -11.71 30.94 -14.60
CA ARG C 265 -10.84 31.75 -15.47
C ARG C 265 -10.64 31.10 -16.83
N LYS C 266 -10.84 29.79 -16.91
CA LYS C 266 -10.61 29.06 -18.15
C LYS C 266 -11.85 29.00 -19.04
N VAL C 267 -13.01 29.35 -18.51
CA VAL C 267 -14.21 29.26 -19.33
C VAL C 267 -14.13 30.22 -20.52
N LYS C 268 -14.35 29.72 -21.73
CA LYS C 268 -14.42 30.59 -22.91
C LYS C 268 -15.82 30.64 -23.50
N ARG C 269 -16.54 31.73 -23.25
CA ARG C 269 -17.94 31.82 -23.64
C ARG C 269 -18.14 31.87 -25.15
N SER C 270 -17.06 32.06 -25.90
CA SER C 270 -17.16 32.12 -27.34
C SER C 270 -16.87 30.77 -27.98
N GLU C 271 -16.52 29.78 -27.16
CA GLU C 271 -16.48 28.39 -27.60
C GLU C 271 -17.65 27.61 -27.02
N THR C 272 -17.89 27.82 -25.72
CA THR C 272 -19.01 27.19 -25.03
C THR C 272 -19.76 28.30 -24.33
N PRO C 273 -20.81 28.83 -24.99
CA PRO C 273 -21.60 29.93 -24.42
C PRO C 273 -22.41 29.51 -23.20
N TRP C 274 -22.75 28.23 -23.10
CA TRP C 274 -23.55 27.79 -21.96
C TRP C 274 -22.68 27.31 -20.80
N LEU C 275 -22.77 28.06 -19.70
CA LEU C 275 -22.02 27.77 -18.50
C LEU C 275 -22.96 27.18 -17.44
N ILE C 276 -22.82 25.88 -17.22
CA ILE C 276 -23.71 25.13 -16.32
C ILE C 276 -23.00 24.63 -15.07
N VAL C 277 -23.58 24.86 -13.90
CA VAL C 277 -22.99 24.35 -12.68
C VAL C 277 -23.87 23.24 -12.07
N LEU C 278 -23.24 22.14 -11.67
CA LEU C 278 -23.96 21.06 -10.99
C LEU C 278 -23.48 20.95 -9.54
N MET C 279 -24.40 20.74 -8.62
CA MET C 279 -24.03 20.52 -7.23
C MET C 279 -25.22 19.80 -6.61
N HIS C 280 -25.02 19.15 -5.47
CA HIS C 280 -26.11 18.35 -4.94
C HIS C 280 -27.06 19.21 -4.15
N SER C 281 -26.51 20.03 -3.27
CA SER C 281 -27.30 20.80 -2.33
C SER C 281 -27.56 22.24 -2.84
N PRO C 282 -28.85 22.62 -2.94
CA PRO C 282 -29.26 23.90 -3.54
C PRO C 282 -28.86 25.15 -2.75
N LEU C 283 -28.36 26.16 -3.44
CA LEU C 283 -28.03 27.44 -2.81
C LEU C 283 -29.30 28.26 -2.57
N TYR C 284 -30.31 28.07 -3.43
CA TYR C 284 -31.62 28.70 -3.27
C TYR C 284 -32.67 27.61 -3.17
N ASN C 285 -33.46 27.67 -2.10
CA ASN C 285 -34.38 26.59 -1.78
C ASN C 285 -35.42 27.11 -0.81
N SER C 286 -36.68 27.06 -1.20
CA SER C 286 -37.72 27.58 -0.33
C SER C 286 -38.62 26.47 0.22
N TYR C 287 -38.16 25.21 0.12
CA TYR C 287 -38.80 24.11 0.84
C TYR C 287 -38.27 24.03 2.28
N ASN C 288 -39.08 23.51 3.19
CA ASN C 288 -38.64 23.34 4.58
C ASN C 288 -37.53 22.31 4.74
N HIS C 289 -37.62 21.22 4.00
CA HIS C 289 -36.63 20.17 4.10
C HIS C 289 -35.29 20.69 3.57
N HIS C 290 -34.28 20.70 4.43
CA HIS C 290 -32.95 21.15 4.04
C HIS C 290 -32.90 22.67 3.85
N PHE C 291 -33.92 23.38 4.33
CA PHE C 291 -33.90 24.84 4.23
C PHE C 291 -32.56 25.39 4.72
N MET C 292 -31.88 26.11 3.86
CA MET C 292 -30.67 26.84 4.22
C MET C 292 -29.42 25.98 4.39
N GLU C 293 -29.52 24.70 4.08
CA GLU C 293 -28.33 23.85 4.08
C GLU C 293 -27.28 24.36 3.09
N GLY C 294 -27.74 25.03 2.03
CA GLY C 294 -26.83 25.54 1.01
C GLY C 294 -26.07 26.81 1.37
N GLU C 295 -26.40 27.43 2.50
CA GLU C 295 -25.81 28.72 2.82
C GLU C 295 -24.28 28.73 2.82
N ALA C 296 -23.66 27.72 3.42
CA ALA C 296 -22.21 27.71 3.55
C ALA C 296 -21.57 27.84 2.17
N MET C 297 -21.93 26.93 1.26
CA MET C 297 -21.36 27.02 -0.08
C MET C 297 -21.75 28.33 -0.77
N ARG C 298 -22.97 28.81 -0.50
CA ARG C 298 -23.44 30.04 -1.14
C ARG C 298 -22.52 31.20 -0.81
N THR C 299 -22.12 31.31 0.46
CA THR C 299 -21.28 32.43 0.89
C THR C 299 -19.92 32.39 0.20
N LYS C 300 -19.46 31.20 -0.17
CA LYS C 300 -18.17 31.06 -0.84
C LYS C 300 -18.23 31.27 -2.35
N PHE C 301 -19.26 30.75 -3.00
CA PHE C 301 -19.23 30.67 -4.46
C PHE C 301 -20.21 31.59 -5.19
N GLU C 302 -21.16 32.18 -4.47
CA GLU C 302 -22.22 32.92 -5.14
C GLU C 302 -21.69 34.11 -5.94
N ALA C 303 -20.88 34.95 -5.31
CA ALA C 303 -20.29 36.10 -5.99
C ALA C 303 -19.53 35.69 -7.26
N TRP C 304 -18.85 34.55 -7.21
CA TRP C 304 -18.18 33.97 -8.38
C TRP C 304 -19.14 33.58 -9.50
N PHE C 305 -20.28 32.99 -9.16
CA PHE C 305 -21.24 32.62 -10.19
C PHE C 305 -21.78 33.87 -10.90
N VAL C 306 -22.00 34.93 -10.14
CA VAL C 306 -22.46 36.20 -10.70
C VAL C 306 -21.36 36.87 -11.51
N LYS C 307 -20.15 36.89 -10.95
CA LYS C 307 -19.01 37.47 -11.64
C LYS C 307 -18.77 36.82 -13.00
N TYR C 308 -18.87 35.50 -13.06
CA TYR C 308 -18.65 34.78 -14.32
C TYR C 308 -19.94 34.50 -15.09
N LYS C 309 -21.05 35.05 -14.62
CA LYS C 309 -22.32 34.98 -15.35
C LYS C 309 -22.69 33.54 -15.71
N VAL C 310 -22.66 32.67 -14.71
CA VAL C 310 -23.15 31.32 -14.89
C VAL C 310 -24.59 31.39 -15.39
N ASP C 311 -24.94 30.60 -16.39
CA ASP C 311 -26.32 30.64 -16.89
C ASP C 311 -27.30 30.01 -15.91
N VAL C 312 -26.98 28.82 -15.43
CA VAL C 312 -27.92 28.00 -14.69
C VAL C 312 -27.16 27.09 -13.71
N VAL C 313 -27.70 26.91 -12.51
CA VAL C 313 -27.14 26.02 -11.50
C VAL C 313 -28.19 24.98 -11.15
N PHE C 314 -27.89 23.71 -11.42
CA PHE C 314 -28.81 22.62 -11.09
C PHE C 314 -28.38 21.89 -9.81
N ALA C 315 -29.35 21.61 -8.94
CA ALA C 315 -29.07 20.88 -7.73
C ALA C 315 -30.19 19.89 -7.48
N GLY C 316 -30.01 19.03 -6.47
CA GLY C 316 -31.03 18.07 -6.11
C GLY C 316 -31.32 18.15 -4.63
N HIS C 317 -31.13 17.03 -3.95
CA HIS C 317 -31.20 16.95 -2.49
C HIS C 317 -32.61 17.17 -1.92
N VAL C 318 -33.23 18.31 -2.21
CA VAL C 318 -34.63 18.52 -1.88
C VAL C 318 -35.49 17.71 -2.85
N HIS C 319 -36.41 16.89 -2.34
CA HIS C 319 -37.20 16.00 -3.19
C HIS C 319 -38.44 16.66 -3.79
N ALA C 320 -38.19 17.62 -4.67
CA ALA C 320 -39.24 18.42 -5.28
C ALA C 320 -38.64 19.21 -6.44
N TYR C 321 -39.45 20.08 -7.04
CA TYR C 321 -38.98 20.93 -8.12
C TYR C 321 -39.05 22.41 -7.73
N GLU C 322 -38.03 23.16 -8.10
CA GLU C 322 -38.05 24.62 -7.92
C GLU C 322 -37.22 25.34 -8.96
N ARG C 323 -37.66 26.53 -9.33
CA ARG C 323 -36.92 27.40 -10.21
C ARG C 323 -36.95 28.78 -9.59
N SER C 324 -35.77 29.40 -9.47
CA SER C 324 -35.66 30.72 -8.88
C SER C 324 -35.74 31.75 -9.99
N GLU C 325 -35.90 33.01 -9.58
CA GLU C 325 -35.63 34.17 -10.42
C GLU C 325 -34.11 34.33 -10.52
N ARG C 326 -33.63 35.26 -11.35
CA ARG C 326 -32.20 35.60 -11.35
C ARG C 326 -31.94 36.64 -10.30
N VAL C 327 -31.42 36.20 -9.16
CA VAL C 327 -31.18 37.07 -8.03
C VAL C 327 -29.81 36.78 -7.47
N SER C 328 -29.31 37.69 -6.65
CA SER C 328 -28.04 37.51 -5.98
C SER C 328 -28.20 38.08 -4.57
N ASN C 329 -27.39 37.58 -3.65
CA ASN C 329 -27.48 38.00 -2.25
C ASN C 329 -26.05 38.11 -1.75
N ILE C 330 -25.28 38.93 -2.45
CA ILE C 330 -23.82 38.95 -2.28
C ILE C 330 -23.28 40.26 -1.72
N ALA C 331 -24.16 41.13 -1.22
CA ALA C 331 -23.80 42.47 -0.78
C ALA C 331 -23.70 42.58 0.74
N TYR C 332 -24.05 41.49 1.41
CA TYR C 332 -24.07 41.49 2.88
C TYR C 332 -22.67 41.63 3.49
N LYS C 333 -22.55 42.50 4.50
CA LYS C 333 -21.29 42.70 5.20
C LYS C 333 -21.46 42.71 6.73
N ILE C 334 -22.23 41.76 7.25
CA ILE C 334 -22.46 41.61 8.70
C ILE C 334 -23.34 42.71 9.32
N THR C 335 -22.98 43.97 9.15
CA THR C 335 -23.68 45.05 9.86
C THR C 335 -24.36 46.06 8.95
N ASN C 336 -24.30 45.84 7.64
CA ASN C 336 -24.79 46.84 6.69
C ASN C 336 -26.24 46.63 6.23
N GLY C 337 -26.89 45.60 6.77
CA GLY C 337 -28.30 45.36 6.54
C GLY C 337 -28.68 44.88 5.15
N LEU C 338 -27.69 44.59 4.31
CA LEU C 338 -27.97 44.16 2.93
C LEU C 338 -28.11 42.62 2.84
N CYS C 339 -29.21 42.08 3.33
CA CYS C 339 -29.36 40.63 3.39
C CYS C 339 -30.57 40.07 2.63
N THR C 340 -31.10 40.83 1.70
CA THR C 340 -32.21 40.34 0.88
C THR C 340 -31.73 40.15 -0.55
N PRO C 341 -32.12 39.03 -1.18
CA PRO C 341 -31.78 38.80 -2.58
C PRO C 341 -32.41 39.87 -3.46
N VAL C 342 -31.65 40.39 -4.43
CA VAL C 342 -32.18 41.35 -5.38
C VAL C 342 -32.08 40.83 -6.81
N LYS C 343 -32.95 41.32 -7.69
CA LYS C 343 -32.86 40.94 -9.10
C LYS C 343 -31.46 41.28 -9.58
N ASP C 344 -30.88 40.38 -10.35
CA ASP C 344 -29.51 40.58 -10.83
C ASP C 344 -29.36 39.85 -12.14
N GLN C 345 -29.31 40.60 -13.23
CA GLN C 345 -29.31 40.00 -14.57
C GLN C 345 -28.02 39.25 -14.91
N SER C 346 -27.01 39.43 -14.06
CA SER C 346 -25.76 38.68 -14.20
C SER C 346 -25.77 37.34 -13.48
N ALA C 347 -26.80 37.08 -12.69
CA ALA C 347 -26.86 35.87 -11.87
C ALA C 347 -27.46 34.68 -12.63
N PRO C 348 -27.07 33.46 -12.24
CA PRO C 348 -27.69 32.27 -12.82
C PRO C 348 -29.12 32.10 -12.34
N VAL C 349 -29.88 31.25 -13.00
CA VAL C 349 -31.11 30.76 -12.42
C VAL C 349 -30.78 29.50 -11.61
N TYR C 350 -31.34 29.37 -10.41
CA TYR C 350 -31.15 28.17 -9.60
C TYR C 350 -32.33 27.22 -9.76
N ILE C 351 -32.05 26.00 -10.20
CA ILE C 351 -33.10 25.01 -10.36
C ILE C 351 -32.88 23.81 -9.46
N THR C 352 -33.88 23.50 -8.64
CA THR C 352 -33.84 22.30 -7.81
C THR C 352 -34.60 21.23 -8.56
N ILE C 353 -33.95 20.09 -8.78
CA ILE C 353 -34.56 19.07 -9.63
C ILE C 353 -34.33 17.67 -9.05
N GLY C 354 -34.32 17.58 -7.73
CA GLY C 354 -34.06 16.32 -7.05
C GLY C 354 -35.30 15.47 -6.82
N ASP C 355 -36.17 15.38 -7.82
CA ASP C 355 -37.49 14.77 -7.63
C ASP C 355 -37.73 13.54 -8.50
N ALA C 356 -36.67 12.78 -8.77
CA ALA C 356 -36.76 11.67 -9.71
C ALA C 356 -37.32 10.38 -9.09
N GLY C 357 -37.49 10.36 -7.78
CA GLY C 357 -38.11 9.20 -7.16
C GLY C 357 -37.62 8.88 -5.78
N ASN C 358 -36.32 9.06 -5.56
CA ASN C 358 -35.68 8.64 -4.32
C ASN C 358 -36.27 7.32 -3.83
N TYR C 359 -36.65 7.25 -2.56
CA TYR C 359 -37.26 6.03 -2.05
C TYR C 359 -38.77 6.20 -1.94
N GLY C 360 -39.34 7.03 -2.80
CA GLY C 360 -40.77 7.14 -2.93
C GLY C 360 -41.42 8.24 -2.13
N VAL C 361 -40.61 9.21 -1.67
CA VAL C 361 -41.16 10.29 -0.84
C VAL C 361 -40.91 11.69 -1.43
N ILE C 362 -41.97 12.50 -1.43
CA ILE C 362 -41.90 13.87 -1.93
C ILE C 362 -41.77 14.84 -0.76
N ASP C 363 -41.02 15.92 -0.97
CA ASP C 363 -40.97 17.00 0.00
C ASP C 363 -42.05 18.03 -0.39
N SER C 364 -43.08 18.18 0.43
CA SER C 364 -44.21 19.02 0.03
C SER C 364 -44.41 20.24 0.95
N ASN C 365 -43.73 20.23 2.08
CA ASN C 365 -43.78 21.34 3.01
C ASN C 365 -42.89 22.50 2.53
N MET C 366 -43.51 23.64 2.22
CA MET C 366 -42.80 24.80 1.66
C MET C 366 -42.89 25.99 2.59
N ILE C 367 -41.88 26.86 2.52
CA ILE C 367 -41.94 28.13 3.21
C ILE C 367 -43.08 28.98 2.64
N GLN C 368 -43.87 29.59 3.52
CA GLN C 368 -45.03 30.39 3.12
C GLN C 368 -44.92 31.80 3.71
N PRO C 369 -45.27 32.83 2.93
CA PRO C 369 -45.66 32.77 1.52
C PRO C 369 -44.45 32.50 0.62
N GLN C 370 -44.67 32.22 -0.66
CA GLN C 370 -43.56 31.96 -1.58
C GLN C 370 -42.67 33.19 -1.68
N PRO C 371 -41.37 33.03 -1.40
CA PRO C 371 -40.47 34.19 -1.39
C PRO C 371 -40.35 34.79 -2.79
N GLU C 372 -40.03 36.08 -2.83
CA GLU C 372 -39.76 36.78 -4.09
C GLU C 372 -38.81 36.01 -5.00
N TYR C 373 -37.73 35.46 -4.44
CA TYR C 373 -36.68 34.83 -5.25
C TYR C 373 -37.10 33.54 -5.93
N SER C 374 -38.19 32.96 -5.47
CA SER C 374 -38.69 31.71 -6.05
C SER C 374 -39.66 32.00 -7.20
N ALA C 375 -39.32 31.56 -8.41
CA ALA C 375 -40.20 31.82 -9.55
C ALA C 375 -41.31 30.79 -9.65
N PHE C 376 -40.98 29.53 -9.39
CA PHE C 376 -41.92 28.43 -9.54
C PHE C 376 -41.45 27.26 -8.69
N ARG C 377 -42.38 26.60 -8.02
CA ARG C 377 -42.03 25.44 -7.22
C ARG C 377 -43.22 24.50 -7.13
N GLU C 378 -42.97 23.20 -7.18
CA GLU C 378 -44.03 22.23 -7.02
C GLU C 378 -43.50 20.88 -6.50
N ALA C 379 -44.26 20.27 -5.59
CA ALA C 379 -43.91 18.99 -5.03
C ALA C 379 -44.46 17.85 -5.86
N SER C 380 -43.82 17.59 -7.00
CA SER C 380 -44.18 16.45 -7.83
C SER C 380 -42.91 15.73 -8.28
N PHE C 381 -43.02 14.43 -8.50
CA PHE C 381 -41.94 13.65 -9.07
C PHE C 381 -41.82 14.00 -10.55
N GLY C 382 -40.60 13.89 -11.09
CA GLY C 382 -40.37 14.17 -12.49
C GLY C 382 -38.90 14.41 -12.80
N HIS C 383 -38.63 14.98 -13.98
CA HIS C 383 -37.27 15.19 -14.44
C HIS C 383 -37.24 16.40 -15.36
N GLY C 384 -36.07 16.97 -15.57
CA GLY C 384 -35.93 18.14 -16.41
C GLY C 384 -35.26 17.87 -17.76
N MET C 385 -35.31 18.87 -18.63
CA MET C 385 -34.64 18.82 -19.93
C MET C 385 -34.10 20.22 -20.22
N PHE C 386 -32.82 20.31 -20.57
CA PHE C 386 -32.20 21.60 -20.88
C PHE C 386 -31.78 21.50 -22.33
N ASP C 387 -32.52 22.18 -23.20
CA ASP C 387 -32.41 21.99 -24.64
C ASP C 387 -31.79 23.22 -25.28
N ILE C 388 -30.50 23.13 -25.60
CA ILE C 388 -29.75 24.25 -26.17
C ILE C 388 -30.00 24.34 -27.66
N LYS C 389 -30.52 25.49 -28.10
CA LYS C 389 -30.78 25.70 -29.52
C LYS C 389 -29.58 26.31 -30.24
N ASN C 390 -28.91 27.24 -29.58
CA ASN C 390 -27.84 28.01 -30.20
C ASN C 390 -27.25 28.91 -29.12
N ARG C 391 -26.31 29.78 -29.51
CA ARG C 391 -25.61 30.58 -28.50
C ARG C 391 -26.51 31.53 -27.70
N THR C 392 -27.71 31.83 -28.19
CA THR C 392 -28.56 32.77 -27.46
C THR C 392 -29.69 32.13 -26.64
N HIS C 393 -30.19 30.98 -27.09
CA HIS C 393 -31.44 30.44 -26.56
C HIS C 393 -31.28 29.01 -26.10
N ALA C 394 -31.71 28.74 -24.88
CA ALA C 394 -31.84 27.37 -24.42
C ALA C 394 -33.24 27.20 -23.86
N HIS C 395 -33.84 26.05 -24.13
CA HIS C 395 -35.17 25.81 -23.61
C HIS C 395 -35.17 24.76 -22.49
N PHE C 396 -35.57 25.18 -21.30
CA PHE C 396 -35.68 24.26 -20.17
C PHE C 396 -37.13 23.87 -19.90
N SER C 397 -37.35 22.58 -19.68
CA SER C 397 -38.70 22.13 -19.36
C SER C 397 -38.68 21.06 -18.28
N TRP C 398 -39.77 21.03 -17.51
CA TRP C 398 -39.96 20.07 -16.44
C TRP C 398 -41.16 19.17 -16.72
N ASN C 399 -40.94 17.86 -16.77
CA ASN C 399 -42.00 16.89 -17.00
C ASN C 399 -42.39 16.14 -15.73
N ARG C 400 -43.68 16.17 -15.40
CA ARG C 400 -44.18 15.49 -14.20
C ARG C 400 -44.50 14.02 -14.49
N ASN C 401 -44.24 13.16 -13.50
CA ASN C 401 -44.53 11.74 -13.65
C ASN C 401 -46.02 11.44 -13.88
N GLN C 402 -46.90 12.28 -13.33
CA GLN C 402 -48.34 12.06 -13.48
C GLN C 402 -48.91 12.59 -14.80
N ASP C 403 -48.09 13.27 -15.59
CA ASP C 403 -48.52 13.79 -16.89
C ASP C 403 -48.15 12.85 -18.03
N GLY C 404 -48.52 13.21 -19.25
CA GLY C 404 -48.10 12.46 -20.42
C GLY C 404 -46.66 12.83 -20.71
N VAL C 405 -45.93 11.93 -21.37
CA VAL C 405 -44.50 12.12 -21.57
C VAL C 405 -44.16 13.35 -22.38
N ALA C 406 -45.14 13.88 -23.12
CA ALA C 406 -44.89 15.07 -23.94
C ALA C 406 -45.28 16.34 -23.21
N VAL C 407 -45.88 16.21 -22.03
CA VAL C 407 -46.41 17.36 -21.33
C VAL C 407 -45.38 18.04 -20.43
N GLU C 408 -45.29 19.37 -20.54
CA GLU C 408 -44.32 20.14 -19.76
C GLU C 408 -45.03 21.04 -18.75
N ALA C 409 -45.11 20.60 -17.50
CA ALA C 409 -45.75 21.38 -16.44
C ALA C 409 -45.12 22.76 -16.21
N ASP C 410 -43.81 22.85 -16.37
CA ASP C 410 -43.13 24.15 -16.29
C ASP C 410 -42.18 24.21 -17.47
N SER C 411 -41.97 25.41 -17.97
CA SER C 411 -41.24 25.60 -19.21
C SER C 411 -40.72 27.02 -19.23
N VAL C 412 -39.46 27.19 -19.63
CA VAL C 412 -38.90 28.52 -19.69
C VAL C 412 -37.75 28.61 -20.67
N TRP C 413 -37.67 29.75 -21.34
CA TRP C 413 -36.55 30.04 -22.20
C TRP C 413 -35.44 30.62 -21.35
N PHE C 414 -34.24 30.06 -21.49
CA PHE C 414 -33.04 30.68 -20.95
C PHE C 414 -32.42 31.55 -22.02
N PHE C 415 -32.19 32.80 -21.70
CA PHE C 415 -31.49 33.69 -22.62
C PHE C 415 -30.04 33.75 -22.18
N ASN C 416 -29.12 33.37 -23.05
CA ASN C 416 -27.70 33.28 -22.67
C ASN C 416 -27.14 34.55 -22.02
N ARG C 417 -26.44 34.39 -20.90
CA ARG C 417 -25.98 35.55 -20.12
C ARG C 417 -24.86 36.31 -20.84
N HIS C 418 -24.18 35.66 -21.77
CA HIS C 418 -23.08 36.30 -22.47
C HIS C 418 -23.53 36.89 -23.80
N TRP C 419 -24.28 36.10 -24.57
CA TRP C 419 -24.66 36.47 -25.92
C TRP C 419 -26.04 37.15 -26.02
N TYR C 420 -26.87 36.99 -24.99
CA TYR C 420 -28.25 37.48 -25.07
C TYR C 420 -28.88 37.74 -23.70
N PRO C 421 -28.26 38.62 -22.89
CA PRO C 421 -28.64 38.79 -21.48
C PRO C 421 -29.93 39.58 -21.30
N VAL C 422 -31.03 39.08 -21.86
CA VAL C 422 -32.31 39.74 -21.75
C VAL C 422 -33.01 39.18 -20.53
N ASP C 423 -33.89 39.97 -19.91
CA ASP C 423 -34.70 39.47 -18.79
C ASP C 423 -35.63 38.35 -19.24
N ASP C 424 -35.44 37.15 -18.67
CA ASP C 424 -36.24 35.98 -19.02
C ASP C 424 -37.26 35.59 -17.93
N LYS D 1 44.40 -2.82 -0.13
CA LYS D 1 43.20 -3.66 -0.20
C LYS D 1 42.03 -2.92 -0.85
N ASN D 2 41.89 -1.63 -0.59
CA ASN D 2 40.84 -0.87 -1.28
C ASN D 2 41.28 -0.42 -2.67
N ARG D 3 40.83 -1.14 -3.70
CA ARG D 3 41.20 -0.83 -5.07
C ARG D 3 40.03 -0.21 -5.85
N ASP D 4 38.99 0.22 -5.12
CA ASP D 4 37.87 0.93 -5.74
C ASP D 4 38.28 2.35 -6.18
N MET D 5 37.84 2.74 -7.37
CA MET D 5 38.05 4.08 -7.86
C MET D 5 37.44 5.10 -6.89
N PRO D 6 38.17 6.19 -6.60
CA PRO D 6 37.69 7.19 -5.64
C PRO D 6 36.51 7.96 -6.22
N LEU D 7 35.73 8.59 -5.35
CA LEU D 7 34.52 9.30 -5.76
C LEU D 7 34.77 10.41 -6.76
N ASP D 8 35.95 11.02 -6.70
CA ASP D 8 36.20 12.15 -7.59
C ASP D 8 36.82 11.73 -8.91
N SER D 9 36.80 10.43 -9.21
CA SER D 9 37.34 9.93 -10.47
C SER D 9 36.53 10.42 -11.67
N ASP D 10 37.20 10.51 -12.82
CA ASP D 10 36.59 11.05 -14.03
C ASP D 10 35.36 10.25 -14.48
N VAL D 11 35.41 8.94 -14.30
CA VAL D 11 34.30 8.08 -14.69
C VAL D 11 33.05 8.35 -13.86
N PHE D 12 33.21 9.00 -12.71
CA PHE D 12 32.08 9.28 -11.82
C PHE D 12 31.53 10.70 -11.97
N ARG D 13 32.13 11.51 -12.83
CA ARG D 13 31.68 12.90 -13.00
C ARG D 13 30.18 13.00 -13.21
N VAL D 14 29.58 14.04 -12.67
CA VAL D 14 28.15 14.31 -12.84
C VAL D 14 27.91 15.16 -14.08
N PRO D 15 27.06 14.68 -15.00
CA PRO D 15 26.73 15.48 -16.19
C PRO D 15 26.18 16.84 -15.78
N PRO D 16 26.72 17.91 -16.37
CA PRO D 16 26.44 19.30 -16.02
C PRO D 16 25.08 19.80 -16.47
N GLY D 17 24.56 20.81 -15.78
CA GLY D 17 23.29 21.41 -16.15
C GLY D 17 22.20 21.03 -15.18
N TYR D 18 21.27 21.96 -14.95
CA TYR D 18 20.23 21.74 -13.96
C TYR D 18 19.40 20.49 -14.24
N ASN D 19 19.35 19.61 -13.25
CA ASN D 19 18.62 18.34 -13.34
C ASN D 19 18.98 17.48 -14.54
N ALA D 20 20.24 17.49 -14.93
CA ALA D 20 20.69 16.72 -16.07
C ALA D 20 20.49 15.22 -15.79
N PRO D 21 19.90 14.49 -16.74
CA PRO D 21 19.78 13.04 -16.56
C PRO D 21 21.16 12.41 -16.39
N GLN D 22 21.23 11.42 -15.50
CA GLN D 22 22.49 10.72 -15.30
C GLN D 22 22.19 9.23 -15.15
N GLN D 23 23.25 8.42 -15.11
CA GLN D 23 23.10 6.97 -15.00
C GLN D 23 22.14 6.43 -16.04
N VAL D 24 22.30 6.88 -17.28
CA VAL D 24 21.45 6.44 -18.37
C VAL D 24 21.85 5.02 -18.80
N HIS D 25 20.86 4.15 -18.95
CA HIS D 25 21.10 2.81 -19.46
C HIS D 25 19.86 2.25 -20.14
N ILE D 26 20.07 1.35 -21.09
CA ILE D 26 18.97 0.75 -21.83
C ILE D 26 19.11 -0.76 -21.81
N THR D 27 18.01 -1.46 -22.06
CA THR D 27 18.04 -2.90 -22.23
C THR D 27 16.85 -3.29 -23.08
N GLN D 28 16.87 -4.49 -23.64
CA GLN D 28 15.77 -4.91 -24.51
C GLN D 28 14.45 -4.85 -23.75
N GLY D 29 13.42 -4.30 -24.39
CA GLY D 29 12.16 -4.02 -23.73
C GLY D 29 11.03 -4.99 -24.04
N ASP D 30 11.32 -5.97 -24.89
CA ASP D 30 10.28 -6.90 -25.30
C ASP D 30 10.91 -8.23 -25.64
N LEU D 31 10.10 -9.14 -26.18
CA LEU D 31 10.57 -10.50 -26.40
C LEU D 31 11.51 -10.63 -27.59
N VAL D 32 11.27 -9.87 -28.67
CA VAL D 32 11.97 -10.10 -29.92
C VAL D 32 12.90 -9.00 -30.44
N GLY D 33 12.93 -7.84 -29.79
CA GLY D 33 13.84 -6.79 -30.21
C GLY D 33 13.23 -5.48 -30.71
N ARG D 34 11.92 -5.35 -30.69
CA ARG D 34 11.27 -4.13 -31.19
C ARG D 34 11.07 -3.08 -30.12
N ALA D 35 11.52 -3.36 -28.91
CA ALA D 35 11.32 -2.42 -27.82
C ALA D 35 12.59 -2.23 -27.03
N MET D 36 12.67 -1.11 -26.34
CA MET D 36 13.83 -0.81 -25.54
C MET D 36 13.36 -0.16 -24.25
N ILE D 37 13.87 -0.63 -23.12
CA ILE D 37 13.65 0.06 -21.86
C ILE D 37 14.75 1.10 -21.67
N ILE D 38 14.35 2.36 -21.48
CA ILE D 38 15.27 3.46 -21.25
C ILE D 38 15.17 3.87 -19.79
N SER D 39 16.30 3.94 -19.13
CA SER D 39 16.33 4.24 -17.69
C SER D 39 17.37 5.31 -17.37
N TRP D 40 17.06 6.13 -16.37
CA TRP D 40 17.96 7.20 -15.98
C TRP D 40 17.53 7.84 -14.66
N VAL D 41 18.39 8.68 -14.11
CA VAL D 41 18.13 9.27 -12.82
C VAL D 41 18.27 10.78 -12.92
N THR D 42 17.43 11.50 -12.18
CA THR D 42 17.58 12.95 -12.04
C THR D 42 17.69 13.24 -10.57
N MET D 43 18.58 14.16 -10.22
CA MET D 43 18.88 14.42 -8.82
C MET D 43 18.22 15.69 -8.26
N ASP D 44 18.00 16.70 -9.10
CA ASP D 44 17.54 18.00 -8.57
C ASP D 44 16.04 18.06 -8.31
N GLU D 45 15.27 17.48 -9.22
CA GLU D 45 13.83 17.39 -9.04
C GLU D 45 13.29 16.29 -9.94
N PRO D 46 12.11 15.76 -9.61
CA PRO D 46 11.52 14.65 -10.34
C PRO D 46 11.72 14.72 -11.84
N GLY D 47 11.36 15.85 -12.46
CA GLY D 47 11.56 16.00 -13.89
C GLY D 47 10.63 15.14 -14.71
N SER D 48 10.75 15.22 -16.03
CA SER D 48 9.90 14.46 -16.93
C SER D 48 10.42 13.04 -17.15
N SER D 49 9.49 12.09 -17.25
CA SER D 49 9.83 10.73 -17.67
C SER D 49 9.59 10.51 -19.15
N ALA D 50 9.52 11.60 -19.91
CA ALA D 50 9.24 11.49 -21.33
C ALA D 50 10.54 11.22 -22.10
N VAL D 51 10.48 10.37 -23.11
CA VAL D 51 11.63 10.11 -23.95
C VAL D 51 11.32 10.51 -25.38
N ARG D 52 12.11 11.39 -25.96
CA ARG D 52 11.96 11.70 -27.38
C ARG D 52 12.90 10.82 -28.18
N TYR D 53 12.42 10.28 -29.30
CA TYR D 53 13.21 9.37 -30.11
C TYR D 53 12.85 9.42 -31.61
N TRP D 54 13.81 9.04 -32.45
CA TRP D 54 13.62 9.06 -33.89
C TRP D 54 14.73 8.26 -34.58
N SER D 55 14.38 7.57 -35.66
CA SER D 55 15.39 6.89 -36.47
C SER D 55 16.17 7.91 -37.29
N GLU D 56 17.44 7.63 -37.55
CA GLU D 56 18.28 8.59 -38.26
C GLU D 56 17.85 8.67 -39.71
N LYS D 57 17.12 7.65 -40.16
CA LYS D 57 16.59 7.62 -41.52
C LYS D 57 15.37 8.53 -41.63
N ASN D 58 14.20 7.94 -41.40
CA ASN D 58 12.94 8.68 -41.39
C ASN D 58 13.04 10.03 -40.64
N GLY D 59 13.13 9.96 -39.31
CA GLY D 59 13.35 11.16 -38.51
C GLY D 59 12.08 11.77 -37.92
N ARG D 60 10.99 11.00 -37.90
CA ARG D 60 9.77 11.47 -37.27
C ARG D 60 9.89 11.38 -35.75
N LYS D 61 10.10 12.51 -35.10
CA LYS D 61 10.34 12.53 -33.64
C LYS D 61 9.08 12.17 -32.85
N ARG D 62 9.21 11.14 -32.01
CA ARG D 62 8.09 10.66 -31.22
C ARG D 62 8.39 10.77 -29.73
N ILE D 63 7.34 10.77 -28.91
CA ILE D 63 7.48 10.85 -27.47
C ILE D 63 6.95 9.58 -26.79
N ALA D 64 7.77 8.96 -25.95
CA ALA D 64 7.31 7.84 -25.14
C ALA D 64 7.20 8.30 -23.70
N LYS D 65 6.13 7.89 -23.03
CA LYS D 65 5.87 8.30 -21.64
C LYS D 65 6.18 7.16 -20.66
N GLY D 66 6.95 7.46 -19.60
CA GLY D 66 7.31 6.43 -18.63
C GLY D 66 6.88 6.72 -17.21
N LYS D 67 7.55 6.11 -16.24
CA LYS D 67 7.19 6.28 -14.84
C LYS D 67 8.39 6.69 -14.00
N MET D 68 8.14 7.46 -12.96
CA MET D 68 9.19 7.87 -12.03
C MET D 68 9.03 7.11 -10.72
N SER D 69 10.15 6.74 -10.08
CA SER D 69 10.07 6.06 -8.78
C SER D 69 11.24 6.49 -7.90
N THR D 70 11.11 6.26 -6.60
CA THR D 70 12.19 6.52 -5.67
C THR D 70 12.20 5.43 -4.61
N TYR D 71 13.30 5.29 -3.87
CA TYR D 71 13.35 4.36 -2.76
C TYR D 71 14.28 4.87 -1.67
N ARG D 72 14.14 4.32 -0.48
CA ARG D 72 15.08 4.61 0.59
C ARG D 72 15.78 3.30 0.97
N PHE D 73 17.01 3.39 1.43
CA PHE D 73 17.72 2.23 1.96
C PHE D 73 18.47 2.72 3.19
N PHE D 74 18.10 2.22 4.37
CA PHE D 74 18.65 2.74 5.62
C PHE D 74 18.59 4.27 5.62
N ASN D 75 19.72 4.95 5.74
CA ASN D 75 19.71 6.43 5.78
C ASN D 75 19.92 7.06 4.40
N TYR D 76 19.90 6.24 3.35
CA TYR D 76 20.04 6.74 1.97
C TYR D 76 18.69 7.01 1.33
N SER D 77 18.61 8.11 0.58
CA SER D 77 17.41 8.45 -0.20
C SER D 77 17.78 8.61 -1.67
N SER D 78 17.17 7.80 -2.52
CA SER D 78 17.52 7.82 -3.94
C SER D 78 17.08 9.12 -4.59
N GLY D 79 17.67 9.43 -5.74
CA GLY D 79 17.17 10.48 -6.60
C GLY D 79 15.95 9.95 -7.33
N PHE D 80 15.55 10.62 -8.39
CA PHE D 80 14.34 10.23 -9.09
C PHE D 80 14.65 9.36 -10.27
N ILE D 81 14.09 8.16 -10.24
CA ILE D 81 14.45 7.11 -11.16
C ILE D 81 13.39 6.98 -12.24
N HIS D 82 13.82 6.99 -13.49
CA HIS D 82 12.87 6.95 -14.60
C HIS D 82 13.04 5.68 -15.43
N HIS D 83 11.93 5.02 -15.74
CA HIS D 83 11.91 3.90 -16.67
C HIS D 83 10.82 4.13 -17.71
N THR D 84 11.19 4.14 -18.98
CA THR D 84 10.25 4.36 -20.06
C THR D 84 10.51 3.35 -21.15
N THR D 85 9.45 2.70 -21.64
CA THR D 85 9.61 1.73 -22.72
C THR D 85 9.20 2.32 -24.06
N ILE D 86 10.13 2.29 -25.01
CA ILE D 86 9.86 2.65 -26.40
C ILE D 86 9.50 1.36 -27.12
N ARG D 87 8.40 1.35 -27.86
CA ARG D 87 7.92 0.14 -28.52
C ARG D 87 7.78 0.27 -30.04
N LYS D 88 7.44 -0.84 -30.68
CA LYS D 88 7.16 -0.87 -32.11
C LYS D 88 8.23 -0.14 -32.93
N LEU D 89 9.50 -0.45 -32.64
CA LEU D 89 10.60 0.07 -33.42
C LEU D 89 10.82 -0.79 -34.67
N LYS D 90 11.58 -0.24 -35.63
CA LYS D 90 11.96 -0.98 -36.82
C LYS D 90 13.23 -1.79 -36.57
N TYR D 91 13.32 -2.99 -37.14
CA TYR D 91 14.51 -3.81 -36.97
C TYR D 91 15.72 -3.19 -37.65
N ASN D 92 16.89 -3.52 -37.12
CA ASN D 92 18.16 -3.14 -37.73
C ASN D 92 18.22 -1.66 -38.14
N THR D 93 17.72 -0.78 -37.28
CA THR D 93 17.89 0.65 -37.54
C THR D 93 18.37 1.44 -36.32
N LYS D 94 19.13 2.49 -36.60
CA LYS D 94 19.67 3.38 -35.58
C LYS D 94 18.61 4.36 -35.13
N TYR D 95 18.42 4.47 -33.83
CA TYR D 95 17.52 5.49 -33.28
C TYR D 95 18.28 6.48 -32.41
N TYR D 96 17.85 7.73 -32.44
CA TYR D 96 18.34 8.70 -31.48
C TYR D 96 17.29 8.83 -30.40
N TYR D 97 17.73 8.98 -29.16
CA TYR D 97 16.79 9.28 -28.08
C TYR D 97 17.34 10.35 -27.15
N GLU D 98 16.42 11.05 -26.49
CA GLU D 98 16.73 12.17 -25.63
C GLU D 98 15.92 12.09 -24.35
N VAL D 99 16.55 12.46 -23.24
CA VAL D 99 15.94 12.45 -21.93
C VAL D 99 16.28 13.77 -21.26
N GLY D 100 15.50 14.14 -20.25
CA GLY D 100 15.67 15.43 -19.59
C GLY D 100 14.90 16.51 -20.32
N LEU D 101 13.76 16.13 -20.91
CA LEU D 101 13.04 17.01 -21.82
C LEU D 101 12.68 18.37 -21.22
N ARG D 102 12.43 18.39 -19.92
CA ARG D 102 12.01 19.63 -19.25
C ARG D 102 13.14 20.65 -19.06
N ASN D 103 14.35 20.17 -18.77
CA ASN D 103 15.43 21.10 -18.47
C ASN D 103 16.71 20.85 -19.25
N THR D 104 17.55 19.95 -18.77
CA THR D 104 18.81 19.68 -19.44
C THR D 104 18.70 18.41 -20.26
N THR D 105 18.53 18.57 -21.56
CA THR D 105 18.43 17.43 -22.45
C THR D 105 19.79 16.81 -22.75
N ARG D 106 19.83 15.48 -22.73
CA ARG D 106 20.99 14.73 -23.20
C ARG D 106 20.53 13.74 -24.27
N ARG D 107 21.37 13.53 -25.28
CA ARG D 107 20.96 12.72 -26.44
C ARG D 107 21.89 11.53 -26.59
N PHE D 108 21.31 10.37 -26.88
CA PHE D 108 22.09 9.17 -27.10
C PHE D 108 21.53 8.43 -28.31
N SER D 109 21.98 7.20 -28.53
CA SER D 109 21.52 6.43 -29.67
C SER D 109 21.76 4.95 -29.44
N PHE D 110 21.02 4.12 -30.17
CA PHE D 110 21.22 2.68 -30.13
C PHE D 110 20.83 2.11 -31.48
N ILE D 111 21.21 0.87 -31.72
CA ILE D 111 20.90 0.22 -32.99
C ILE D 111 20.09 -1.03 -32.72
N THR D 112 18.84 -1.05 -33.19
CA THR D 112 18.00 -2.22 -32.97
C THR D 112 18.62 -3.43 -33.65
N PRO D 113 18.38 -4.62 -33.10
CA PRO D 113 18.95 -5.81 -33.74
C PRO D 113 18.18 -6.15 -35.01
N PRO D 114 18.73 -7.05 -35.83
CA PRO D 114 17.95 -7.56 -36.94
C PRO D 114 16.84 -8.42 -36.37
N GLN D 115 15.78 -8.63 -37.15
CA GLN D 115 14.72 -9.55 -36.77
C GLN D 115 15.28 -10.95 -36.50
N THR D 116 14.67 -11.68 -35.56
CA THR D 116 15.16 -13.02 -35.24
C THR D 116 15.07 -13.90 -36.47
N GLY D 117 16.02 -14.81 -36.59
CA GLY D 117 16.11 -15.65 -37.78
C GLY D 117 17.22 -16.67 -37.65
N LEU D 118 17.11 -17.74 -38.43
CA LEU D 118 17.99 -18.88 -38.32
C LEU D 118 19.46 -18.54 -38.54
N ASP D 119 19.74 -17.68 -39.51
CA ASP D 119 21.13 -17.41 -39.89
C ASP D 119 21.55 -15.94 -39.67
N VAL D 120 21.03 -15.32 -38.61
CA VAL D 120 21.35 -13.93 -38.30
C VAL D 120 22.61 -13.80 -37.42
N PRO D 121 23.70 -13.25 -37.98
CA PRO D 121 24.93 -13.05 -37.19
C PRO D 121 24.74 -12.03 -36.07
N TYR D 122 25.48 -12.18 -34.98
CA TYR D 122 25.41 -11.21 -33.90
C TYR D 122 26.52 -11.43 -32.88
N THR D 123 27.02 -10.33 -32.32
CA THR D 123 28.15 -10.41 -31.40
C THR D 123 27.79 -9.98 -29.98
N PHE D 124 27.88 -10.91 -29.03
CA PHE D 124 27.58 -10.62 -27.63
C PHE D 124 28.85 -10.46 -26.81
N GLY D 125 28.91 -9.40 -26.02
CA GLY D 125 29.92 -9.27 -25.00
C GLY D 125 29.52 -10.06 -23.75
N LEU D 126 30.50 -10.65 -23.10
CA LEU D 126 30.27 -11.33 -21.83
C LEU D 126 31.06 -10.67 -20.71
N ILE D 127 30.33 -10.13 -19.74
CA ILE D 127 30.94 -9.41 -18.63
C ILE D 127 30.24 -9.89 -17.37
N GLY D 128 31.02 -10.21 -16.34
CA GLY D 128 30.48 -10.64 -15.06
C GLY D 128 31.24 -10.04 -13.88
N ASP D 129 30.50 -9.74 -12.81
CA ASP D 129 31.13 -9.26 -11.58
C ASP D 129 32.00 -8.03 -11.88
N LEU D 130 31.41 -7.03 -12.49
CA LEU D 130 32.18 -5.87 -12.95
C LEU D 130 32.78 -5.05 -11.80
N GLY D 131 31.94 -4.60 -10.88
CA GLY D 131 32.37 -3.71 -9.82
C GLY D 131 32.84 -2.36 -10.34
N GLN D 132 33.52 -1.62 -9.47
CA GLN D 132 34.02 -0.30 -9.85
C GLN D 132 35.45 -0.06 -9.38
N SER D 133 36.31 -1.06 -9.56
CA SER D 133 37.74 -0.93 -9.26
C SER D 133 38.45 -0.40 -10.50
N PHE D 134 39.76 -0.17 -10.39
CA PHE D 134 40.52 0.26 -11.56
C PHE D 134 40.55 -0.86 -12.60
N ASP D 135 40.56 -2.09 -12.13
CA ASP D 135 40.44 -3.25 -13.02
C ASP D 135 39.11 -3.22 -13.78
N SER D 136 38.05 -2.83 -13.09
CA SER D 136 36.74 -2.74 -13.73
C SER D 136 36.81 -1.76 -14.90
N ASN D 137 37.39 -0.59 -14.67
CA ASN D 137 37.52 0.40 -15.74
C ASN D 137 38.31 -0.16 -16.92
N THR D 138 39.38 -0.90 -16.62
CA THR D 138 40.18 -1.53 -17.68
C THR D 138 39.37 -2.53 -18.52
N THR D 139 38.58 -3.36 -17.86
CA THR D 139 37.80 -4.36 -18.58
C THR D 139 36.82 -3.67 -19.49
N LEU D 140 36.11 -2.68 -18.95
CA LEU D 140 35.16 -1.93 -19.77
C LEU D 140 35.84 -1.36 -21.03
N SER D 141 37.01 -0.76 -20.86
CA SER D 141 37.74 -0.16 -21.99
C SER D 141 38.07 -1.22 -23.02
N HIS D 142 38.57 -2.37 -22.58
CA HIS D 142 38.86 -3.44 -23.51
C HIS D 142 37.61 -3.81 -24.31
N TYR D 143 36.48 -3.98 -23.64
CA TYR D 143 35.26 -4.32 -24.34
C TYR D 143 34.91 -3.29 -25.42
N GLU D 144 34.97 -2.01 -25.07
CA GLU D 144 34.51 -0.98 -25.98
C GLU D 144 35.52 -0.76 -27.12
N LEU D 145 36.75 -1.23 -26.92
CA LEU D 145 37.78 -1.10 -27.94
C LEU D 145 37.99 -2.38 -28.75
N SER D 146 37.20 -3.39 -28.47
CA SER D 146 37.35 -4.67 -29.14
C SER D 146 37.11 -4.51 -30.64
N PRO D 147 38.00 -5.08 -31.46
CA PRO D 147 37.76 -5.05 -32.91
C PRO D 147 36.55 -5.90 -33.28
N LYS D 148 36.28 -6.92 -32.47
CA LYS D 148 35.10 -7.77 -32.66
C LYS D 148 33.80 -6.96 -32.62
N LYS D 149 33.80 -5.88 -31.84
CA LYS D 149 32.66 -4.94 -31.78
C LYS D 149 31.35 -5.52 -31.23
N GLY D 150 31.29 -5.65 -29.91
CA GLY D 150 30.10 -6.20 -29.26
C GLY D 150 28.89 -5.30 -29.44
N GLN D 151 27.74 -5.91 -29.69
CA GLN D 151 26.51 -5.20 -30.00
C GLN D 151 25.54 -5.25 -28.82
N THR D 152 25.79 -6.16 -27.89
CA THR D 152 24.98 -6.33 -26.69
C THR D 152 25.81 -7.03 -25.62
N VAL D 153 25.67 -6.59 -24.37
CA VAL D 153 26.35 -7.25 -23.26
C VAL D 153 25.41 -8.19 -22.50
N LEU D 154 25.82 -9.43 -22.37
CA LEU D 154 25.17 -10.36 -21.46
C LEU D 154 25.90 -10.29 -20.13
N PHE D 155 25.23 -9.76 -19.11
CA PHE D 155 25.85 -9.51 -17.82
C PHE D 155 25.43 -10.58 -16.81
N VAL D 156 26.41 -11.35 -16.32
CA VAL D 156 26.11 -12.52 -15.49
C VAL D 156 26.06 -12.23 -13.98
N GLY D 157 25.91 -10.97 -13.62
CA GLY D 157 25.61 -10.63 -12.22
C GLY D 157 26.76 -10.08 -11.41
N ASP D 158 26.39 -9.48 -10.29
CA ASP D 158 27.29 -8.70 -9.44
C ASP D 158 27.71 -7.41 -10.12
N LEU D 159 26.89 -6.39 -9.94
CA LEU D 159 27.04 -5.14 -10.65
C LEU D 159 27.98 -4.13 -9.96
N SER D 160 27.52 -3.51 -8.88
CA SER D 160 28.21 -2.34 -8.33
C SER D 160 29.08 -2.65 -7.11
N TYR D 161 28.77 -3.73 -6.40
CA TYR D 161 29.44 -4.08 -5.13
C TYR D 161 29.27 -3.02 -4.04
N ALA D 162 28.23 -2.20 -4.16
CA ALA D 162 27.90 -1.22 -3.14
C ALA D 162 27.66 -1.88 -1.79
N ASP D 163 27.28 -3.15 -1.78
CA ASP D 163 26.98 -3.79 -0.50
C ASP D 163 28.24 -4.07 0.33
N ARG D 164 29.41 -3.78 -0.23
CA ARG D 164 30.65 -3.95 0.53
C ARG D 164 30.91 -2.75 1.43
N TYR D 165 30.35 -1.60 1.04
CA TYR D 165 30.45 -0.38 1.81
C TYR D 165 29.58 -0.37 3.08
N PRO D 166 29.92 0.51 4.04
CA PRO D 166 29.13 0.72 5.25
C PRO D 166 27.67 1.00 4.92
N ASN D 167 26.75 0.23 5.51
CA ASN D 167 25.33 0.33 5.23
C ASN D 167 25.03 0.23 3.74
N HIS D 168 25.83 -0.55 3.03
CA HIS D 168 25.69 -0.72 1.59
C HIS D 168 25.70 0.61 0.83
N ASP D 169 26.31 1.63 1.42
CA ASP D 169 26.27 2.98 0.85
C ASP D 169 25.80 3.00 -0.59
N ASN D 170 24.51 3.30 -0.81
CA ASN D 170 23.92 3.26 -2.15
C ASN D 170 24.41 4.37 -3.07
N VAL D 171 25.17 5.31 -2.53
CA VAL D 171 25.89 6.23 -3.40
C VAL D 171 26.70 5.45 -4.45
N ARG D 172 27.19 4.28 -4.04
CA ARG D 172 28.03 3.46 -4.90
C ARG D 172 27.24 2.71 -5.98
N TRP D 173 25.91 2.71 -5.85
CA TRP D 173 25.06 2.37 -6.98
C TRP D 173 25.06 3.52 -8.00
N ASP D 174 24.94 4.74 -7.50
CA ASP D 174 24.93 5.93 -8.35
C ASP D 174 26.24 6.07 -9.12
N THR D 175 27.36 5.90 -8.44
CA THR D 175 28.64 6.02 -9.14
C THR D 175 28.79 4.96 -10.23
N TRP D 176 28.30 3.75 -9.95
CA TRP D 176 28.39 2.66 -10.91
C TRP D 176 27.51 2.96 -12.13
N GLY D 177 26.36 3.56 -11.88
CA GLY D 177 25.48 3.99 -12.95
C GLY D 177 26.14 4.99 -13.88
N ARG D 178 26.82 5.98 -13.30
CA ARG D 178 27.48 7.00 -14.12
C ARG D 178 28.71 6.44 -14.84
N PHE D 179 29.39 5.50 -14.20
CA PHE D 179 30.56 4.85 -14.79
C PHE D 179 30.20 3.96 -15.98
N THR D 180 29.11 3.23 -15.83
CA THR D 180 28.53 2.49 -16.94
C THR D 180 28.13 3.43 -18.05
N GLU D 181 27.26 4.38 -17.78
CA GLU D 181 26.73 5.19 -18.86
C GLU D 181 27.48 5.08 -20.21
N ARG D 182 28.80 5.31 -20.23
CA ARG D 182 29.48 5.31 -21.52
C ARG D 182 29.22 4.10 -22.40
N SER D 183 28.84 3.01 -21.79
CA SER D 183 28.48 1.85 -22.54
C SER D 183 26.99 1.54 -22.59
N VAL D 184 26.27 1.44 -21.46
CA VAL D 184 25.02 0.73 -21.59
C VAL D 184 23.94 1.75 -22.01
N ALA D 185 24.34 2.99 -22.26
CA ALA D 185 23.39 3.97 -22.79
C ALA D 185 23.25 3.84 -24.30
N TYR D 186 24.17 3.12 -24.94
CA TYR D 186 24.20 3.01 -26.39
C TYR D 186 23.95 1.59 -26.87
N GLN D 187 24.00 0.62 -25.97
CA GLN D 187 23.66 -0.76 -26.32
C GLN D 187 23.11 -1.46 -25.09
N PRO D 188 22.16 -2.36 -25.31
CA PRO D 188 21.52 -2.98 -24.14
C PRO D 188 22.50 -3.86 -23.39
N TRP D 189 22.35 -3.92 -22.06
CA TRP D 189 23.01 -4.94 -21.27
C TRP D 189 21.89 -5.81 -20.71
N ILE D 190 22.03 -7.12 -20.84
CA ILE D 190 21.03 -8.06 -20.36
C ILE D 190 21.41 -8.51 -18.94
N TRP D 191 20.59 -8.12 -17.96
CA TRP D 191 20.95 -8.24 -16.56
C TRP D 191 20.59 -9.59 -15.91
N THR D 192 21.55 -10.13 -15.19
CA THR D 192 21.36 -11.32 -14.36
C THR D 192 21.58 -10.86 -12.93
N ALA D 193 20.84 -11.42 -11.98
CA ALA D 193 21.01 -11.01 -10.58
C ALA D 193 22.04 -11.89 -9.88
N GLY D 194 23.05 -11.26 -9.29
CA GLY D 194 24.07 -11.97 -8.55
C GLY D 194 23.90 -11.83 -7.04
N ASN D 195 24.73 -12.53 -6.28
CA ASN D 195 24.60 -12.47 -4.82
C ASN D 195 24.86 -11.09 -4.22
N HIS D 196 25.61 -10.24 -4.91
CA HIS D 196 25.82 -8.87 -4.42
C HIS D 196 24.62 -7.95 -4.65
N GLU D 197 23.65 -8.42 -5.43
CA GLU D 197 22.42 -7.66 -5.59
C GLU D 197 21.40 -8.02 -4.53
N ILE D 198 21.62 -9.10 -3.78
CA ILE D 198 20.63 -9.54 -2.78
C ILE D 198 20.40 -8.49 -1.71
N GLU D 199 21.49 -7.95 -1.19
CA GLU D 199 21.45 -6.89 -0.18
C GLU D 199 20.50 -7.20 0.96
N PHE D 200 20.56 -8.42 1.44
CA PHE D 200 19.80 -8.80 2.62
C PHE D 200 20.56 -8.29 3.84
N ALA D 201 19.99 -7.31 4.52
CA ALA D 201 20.63 -6.66 5.67
C ALA D 201 19.64 -6.42 6.80
N PRO D 202 19.22 -7.50 7.48
CA PRO D 202 18.25 -7.31 8.58
C PRO D 202 18.78 -6.42 9.71
N GLU D 203 20.09 -6.41 9.93
CA GLU D 203 20.70 -5.59 10.98
C GLU D 203 20.46 -4.08 10.83
N ILE D 204 20.12 -3.63 9.62
CA ILE D 204 19.70 -2.26 9.42
C ILE D 204 18.30 -2.23 8.83
N ASN D 205 17.53 -3.25 9.14
CA ASN D 205 16.12 -3.30 8.75
C ASN D 205 15.89 -3.16 7.23
N GLU D 206 16.78 -3.76 6.44
CA GLU D 206 16.57 -3.87 5.00
C GLU D 206 16.49 -5.36 4.62
N THR D 207 15.27 -5.86 4.47
CA THR D 207 15.06 -7.30 4.41
C THR D 207 14.44 -7.78 3.10
N GLU D 208 14.20 -6.85 2.18
CA GLU D 208 13.62 -7.22 0.89
C GLU D 208 14.74 -7.51 -0.12
N PRO D 209 14.90 -8.79 -0.51
CA PRO D 209 16.01 -9.14 -1.41
C PRO D 209 15.95 -8.39 -2.75
N PHE D 210 17.10 -7.88 -3.20
CA PHE D 210 17.26 -7.30 -4.53
C PHE D 210 16.70 -5.89 -4.67
N LYS D 211 16.32 -5.29 -3.55
CA LYS D 211 15.63 -4.00 -3.59
C LYS D 211 16.33 -2.93 -4.45
N PRO D 212 17.54 -2.49 -4.05
CA PRO D 212 18.16 -1.39 -4.83
C PRO D 212 18.29 -1.74 -6.30
N PHE D 213 18.74 -2.96 -6.59
CA PHE D 213 18.92 -3.44 -7.95
C PHE D 213 17.59 -3.41 -8.72
N SER D 214 16.53 -3.90 -8.07
CA SER D 214 15.28 -4.06 -8.78
C SER D 214 14.59 -2.71 -9.05
N TYR D 215 14.93 -1.69 -8.27
CA TYR D 215 14.43 -0.34 -8.54
C TYR D 215 15.19 0.32 -9.70
N ARG D 216 16.48 0.04 -9.81
CA ARG D 216 17.35 0.72 -10.76
C ARG D 216 17.39 0.05 -12.14
N TYR D 217 17.15 -1.25 -12.16
CA TYR D 217 17.36 -2.02 -13.37
C TYR D 217 16.13 -2.87 -13.65
N HIS D 218 15.38 -2.46 -14.67
CA HIS D 218 14.18 -3.20 -15.05
C HIS D 218 14.49 -4.13 -16.20
N VAL D 219 13.77 -5.25 -16.27
CA VAL D 219 13.92 -6.25 -17.32
C VAL D 219 12.51 -6.54 -17.87
N PRO D 220 12.42 -7.06 -19.11
CA PRO D 220 11.10 -7.23 -19.70
C PRO D 220 10.52 -8.60 -19.35
N TYR D 221 10.38 -8.87 -18.07
CA TYR D 221 10.04 -10.22 -17.65
C TYR D 221 8.63 -10.68 -18.00
N GLU D 222 7.66 -9.78 -18.01
CA GLU D 222 6.31 -10.18 -18.45
C GLU D 222 6.28 -10.66 -19.91
N ALA D 223 7.16 -10.16 -20.75
CA ALA D 223 7.22 -10.57 -22.16
C ALA D 223 7.38 -12.08 -22.37
N SER D 224 8.01 -12.77 -21.41
CA SER D 224 8.17 -14.21 -21.52
C SER D 224 7.27 -14.93 -20.53
N GLN D 225 6.28 -14.20 -20.01
CA GLN D 225 5.32 -14.75 -19.07
C GLN D 225 5.92 -15.17 -17.73
N SER D 226 7.03 -14.54 -17.34
CA SER D 226 7.59 -14.75 -16.01
C SER D 226 6.81 -13.88 -15.04
N THR D 227 6.76 -14.28 -13.78
CA THR D 227 6.05 -13.49 -12.79
C THR D 227 7.03 -12.72 -11.94
N SER D 228 8.30 -12.73 -12.34
CA SER D 228 9.35 -12.08 -11.56
C SER D 228 10.46 -11.51 -12.44
N PRO D 229 11.00 -10.34 -12.07
CA PRO D 229 12.14 -9.77 -12.77
C PRO D 229 13.40 -10.64 -12.73
N PHE D 230 13.49 -11.58 -11.80
CA PHE D 230 14.77 -12.30 -11.63
C PHE D 230 14.99 -13.53 -12.52
N TRP D 231 13.94 -14.01 -13.18
CA TRP D 231 14.13 -14.99 -14.24
C TRP D 231 13.25 -14.59 -15.42
N TYR D 232 13.75 -14.80 -16.64
CA TYR D 232 13.06 -14.32 -17.84
C TYR D 232 13.91 -14.66 -19.04
N SER D 233 13.35 -14.53 -20.24
CA SER D 233 14.10 -14.77 -21.46
C SER D 233 13.88 -13.68 -22.50
N ILE D 234 14.82 -13.55 -23.42
CA ILE D 234 14.64 -12.72 -24.59
C ILE D 234 15.18 -13.44 -25.81
N LYS D 235 14.67 -13.03 -26.96
CA LYS D 235 15.21 -13.45 -28.25
C LYS D 235 15.87 -12.25 -28.89
N ARG D 236 17.07 -12.44 -29.41
CA ARG D 236 17.76 -11.37 -30.11
C ARG D 236 18.58 -11.97 -31.24
N ALA D 237 18.33 -11.51 -32.45
CA ALA D 237 18.98 -12.09 -33.63
C ALA D 237 18.71 -13.60 -33.69
N SER D 238 19.78 -14.39 -33.75
CA SER D 238 19.66 -15.84 -33.79
C SER D 238 19.76 -16.50 -32.41
N ALA D 239 19.70 -15.70 -31.34
CA ALA D 239 19.87 -16.28 -30.01
C ALA D 239 18.60 -16.28 -29.17
N HIS D 240 18.40 -17.37 -28.45
CA HIS D 240 17.37 -17.44 -27.43
C HIS D 240 18.09 -17.49 -26.09
N ILE D 241 17.89 -16.45 -25.29
CA ILE D 241 18.64 -16.25 -24.07
C ILE D 241 17.76 -16.44 -22.84
N ILE D 242 18.13 -17.39 -21.99
CA ILE D 242 17.39 -17.67 -20.77
C ILE D 242 18.19 -17.19 -19.58
N VAL D 243 17.59 -16.28 -18.80
CA VAL D 243 18.21 -15.71 -17.60
C VAL D 243 17.58 -16.31 -16.35
N LEU D 244 18.42 -16.85 -15.47
CA LEU D 244 17.95 -17.54 -14.28
C LEU D 244 18.47 -16.84 -13.03
N SER D 245 17.85 -17.15 -11.90
CA SER D 245 18.22 -16.51 -10.65
C SER D 245 18.75 -17.57 -9.68
N SER D 246 20.06 -17.53 -9.43
CA SER D 246 20.69 -18.46 -8.49
C SER D 246 20.18 -18.26 -7.07
N TYR D 247 19.68 -17.06 -6.78
CA TYR D 247 19.32 -16.71 -5.42
C TYR D 247 17.81 -16.54 -5.21
N SER D 248 17.03 -17.18 -6.08
CA SER D 248 15.59 -17.36 -5.88
C SER D 248 15.28 -18.85 -5.75
N ALA D 249 14.08 -19.17 -5.27
CA ALA D 249 13.62 -20.56 -5.19
C ALA D 249 13.69 -21.26 -6.54
N TYR D 250 14.10 -22.53 -6.55
CA TYR D 250 14.03 -23.33 -7.77
C TYR D 250 13.63 -24.77 -7.47
N GLY D 251 13.03 -24.96 -6.31
CA GLY D 251 12.47 -26.26 -5.97
C GLY D 251 11.37 -26.63 -6.94
N ARG D 252 11.04 -27.91 -7.00
CA ARG D 252 9.97 -28.39 -7.84
C ARG D 252 8.66 -27.74 -7.42
N GLY D 253 7.92 -27.21 -8.40
CA GLY D 253 6.64 -26.56 -8.13
C GLY D 253 6.76 -25.06 -7.82
N THR D 254 7.98 -24.56 -7.72
CA THR D 254 8.18 -23.13 -7.47
C THR D 254 7.96 -22.35 -8.77
N PRO D 255 7.69 -21.05 -8.66
CA PRO D 255 7.53 -20.21 -9.86
C PRO D 255 8.69 -20.32 -10.85
N GLN D 256 9.93 -20.15 -10.40
CA GLN D 256 11.05 -20.19 -11.33
C GLN D 256 11.17 -21.56 -11.98
N TYR D 257 11.06 -22.61 -11.18
CA TYR D 257 11.14 -23.97 -11.71
C TYR D 257 10.05 -24.19 -12.76
N THR D 258 8.83 -23.78 -12.43
CA THR D 258 7.68 -23.94 -13.30
C THR D 258 7.91 -23.16 -14.58
N TRP D 259 8.31 -21.91 -14.43
CA TRP D 259 8.56 -21.07 -15.57
C TRP D 259 9.59 -21.66 -16.54
N LEU D 260 10.68 -22.20 -15.99
CA LEU D 260 11.80 -22.63 -16.84
C LEU D 260 11.39 -23.87 -17.64
N LYS D 261 10.74 -24.81 -16.97
CA LYS D 261 10.20 -26.00 -17.60
C LYS D 261 9.33 -25.66 -18.82
N LYS D 262 8.38 -24.74 -18.65
CA LYS D 262 7.55 -24.30 -19.77
C LYS D 262 8.37 -23.58 -20.82
N GLU D 263 9.29 -22.73 -20.38
CA GLU D 263 10.03 -21.86 -21.29
C GLU D 263 10.87 -22.67 -22.27
N LEU D 264 11.48 -23.74 -21.77
CA LEU D 264 12.29 -24.61 -22.63
C LEU D 264 11.46 -25.20 -23.77
N ARG D 265 10.19 -25.51 -23.49
CA ARG D 265 9.28 -26.06 -24.50
C ARG D 265 8.95 -25.07 -25.62
N LYS D 266 9.09 -23.78 -25.34
CA LYS D 266 8.84 -22.74 -26.32
C LYS D 266 10.03 -22.50 -27.23
N VAL D 267 11.19 -23.08 -26.91
CA VAL D 267 12.37 -22.81 -27.72
C VAL D 267 12.23 -23.40 -29.12
N LYS D 268 12.40 -22.57 -30.15
CA LYS D 268 12.40 -23.04 -31.54
C LYS D 268 13.75 -22.89 -32.21
N ARG D 269 14.47 -23.99 -32.35
CA ARG D 269 15.84 -23.95 -32.86
C ARG D 269 15.91 -23.59 -34.37
N SER D 270 14.79 -23.63 -35.07
CA SER D 270 14.81 -23.28 -36.49
C SER D 270 14.64 -21.78 -36.66
N GLU D 271 14.41 -21.10 -35.55
CA GLU D 271 14.30 -19.64 -35.58
C GLU D 271 15.40 -18.96 -34.77
N THR D 272 15.73 -19.54 -33.61
CA THR D 272 16.88 -19.10 -32.83
C THR D 272 17.72 -20.34 -32.53
N PRO D 273 18.70 -20.65 -33.40
CA PRO D 273 19.47 -21.89 -33.21
C PRO D 273 20.40 -21.85 -31.98
N TRP D 274 20.76 -20.66 -31.50
CA TRP D 274 21.68 -20.56 -30.36
C TRP D 274 20.93 -20.44 -29.04
N LEU D 275 20.98 -21.51 -28.25
CA LEU D 275 20.29 -21.52 -26.97
C LEU D 275 21.30 -21.21 -25.88
N ILE D 276 21.14 -20.06 -25.24
CA ILE D 276 22.10 -19.55 -24.28
C ILE D 276 21.44 -19.40 -22.90
N VAL D 277 22.11 -19.87 -21.86
CA VAL D 277 21.61 -19.68 -20.51
C VAL D 277 22.57 -18.82 -19.71
N LEU D 278 22.03 -17.84 -18.97
CA LEU D 278 22.80 -17.04 -18.02
C LEU D 278 22.35 -17.37 -16.61
N MET D 279 23.30 -17.39 -15.69
CA MET D 279 23.01 -17.52 -14.27
C MET D 279 24.24 -17.01 -13.53
N HIS D 280 24.08 -16.63 -12.27
CA HIS D 280 25.24 -16.08 -11.59
C HIS D 280 26.23 -17.14 -11.12
N SER D 281 25.72 -18.17 -10.47
CA SER D 281 26.53 -19.19 -9.83
C SER D 281 26.76 -20.37 -10.74
N PRO D 282 28.03 -20.68 -11.04
CA PRO D 282 28.46 -21.74 -11.96
C PRO D 282 28.07 -23.15 -11.51
N LEU D 283 27.57 -23.94 -12.44
CA LEU D 283 27.25 -25.34 -12.15
C LEU D 283 28.50 -26.21 -12.25
N TYR D 284 29.45 -25.77 -13.07
CA TYR D 284 30.77 -26.40 -13.17
C TYR D 284 31.84 -25.38 -12.86
N ASN D 285 32.66 -25.69 -11.87
CA ASN D 285 33.63 -24.74 -11.34
C ASN D 285 34.71 -25.51 -10.62
N SER D 286 35.96 -25.40 -11.08
CA SER D 286 37.03 -26.15 -10.42
C SER D 286 37.97 -25.26 -9.60
N TYR D 287 37.56 -24.03 -9.31
CA TYR D 287 38.27 -23.18 -8.36
C TYR D 287 37.86 -23.52 -6.93
N ASN D 288 38.75 -23.30 -5.97
CA ASN D 288 38.41 -23.58 -4.57
C ASN D 288 37.31 -22.65 -4.10
N HIS D 289 37.43 -21.38 -4.47
CA HIS D 289 36.43 -20.41 -4.07
C HIS D 289 35.04 -20.75 -4.65
N HIS D 290 34.05 -20.86 -3.78
CA HIS D 290 32.69 -21.16 -4.23
C HIS D 290 32.58 -22.55 -4.81
N PHE D 291 33.58 -23.37 -4.58
CA PHE D 291 33.55 -24.75 -5.07
C PHE D 291 32.26 -25.46 -4.66
N MET D 292 31.56 -26.01 -5.64
CA MET D 292 30.32 -26.75 -5.41
C MET D 292 29.11 -25.97 -4.90
N GLU D 293 29.17 -24.64 -4.96
CA GLU D 293 27.98 -23.86 -4.62
C GLU D 293 26.84 -24.11 -5.61
N GLY D 294 27.20 -24.39 -6.86
CA GLY D 294 26.23 -24.63 -7.90
C GLY D 294 25.56 -26.00 -7.87
N GLU D 295 25.93 -26.86 -6.93
CA GLU D 295 25.39 -28.21 -6.92
C GLU D 295 23.85 -28.27 -6.81
N ALA D 296 23.26 -27.45 -5.94
CA ALA D 296 21.81 -27.45 -5.77
C ALA D 296 21.07 -27.15 -7.07
N MET D 297 21.43 -26.08 -7.75
CA MET D 297 20.78 -25.78 -9.03
C MET D 297 21.07 -26.86 -10.06
N ARG D 298 22.28 -27.41 -10.00
CA ARG D 298 22.68 -28.45 -10.94
C ARG D 298 21.77 -29.69 -10.85
N THR D 299 21.42 -30.10 -9.63
CA THR D 299 20.54 -31.27 -9.47
C THR D 299 19.16 -31.04 -10.07
N LYS D 300 18.71 -29.78 -10.10
CA LYS D 300 17.40 -29.45 -10.67
C LYS D 300 17.40 -29.28 -12.19
N PHE D 301 18.41 -28.59 -12.73
CA PHE D 301 18.30 -28.13 -14.11
C PHE D 301 19.25 -28.78 -15.10
N GLU D 302 20.32 -29.41 -14.61
CA GLU D 302 21.33 -29.89 -15.54
C GLU D 302 20.74 -30.85 -16.58
N ALA D 303 19.94 -31.82 -16.15
CA ALA D 303 19.36 -32.78 -17.08
C ALA D 303 18.49 -32.07 -18.12
N TRP D 304 17.82 -31.00 -17.71
CA TRP D 304 17.04 -30.19 -18.64
C TRP D 304 17.91 -29.54 -19.71
N PHE D 305 19.04 -28.97 -19.30
CA PHE D 305 19.94 -28.36 -20.29
C PHE D 305 20.41 -29.37 -21.35
N VAL D 306 20.63 -30.61 -20.94
CA VAL D 306 21.11 -31.64 -21.85
C VAL D 306 19.98 -32.07 -22.78
N LYS D 307 18.78 -32.20 -22.21
CA LYS D 307 17.63 -32.64 -22.95
C LYS D 307 17.30 -31.68 -24.09
N TYR D 308 17.47 -30.39 -23.83
CA TYR D 308 17.16 -29.36 -24.80
C TYR D 308 18.40 -28.88 -25.56
N LYS D 309 19.52 -29.54 -25.32
CA LYS D 309 20.75 -29.25 -26.08
C LYS D 309 21.12 -27.77 -26.06
N VAL D 310 21.17 -27.20 -24.85
CA VAL D 310 21.64 -25.84 -24.66
C VAL D 310 23.08 -25.76 -25.20
N ASP D 311 23.38 -24.68 -25.89
CA ASP D 311 24.71 -24.57 -26.48
C ASP D 311 25.74 -24.19 -25.43
N VAL D 312 25.41 -23.21 -24.59
CA VAL D 312 26.37 -22.67 -23.66
C VAL D 312 25.67 -22.09 -22.43
N VAL D 313 26.27 -22.30 -21.27
CA VAL D 313 25.79 -21.70 -20.02
C VAL D 313 26.88 -20.76 -19.52
N PHE D 314 26.54 -19.49 -19.34
CA PHE D 314 27.50 -18.52 -18.83
C PHE D 314 27.19 -18.22 -17.37
N ALA D 315 28.24 -18.08 -16.57
CA ALA D 315 28.09 -17.69 -15.19
C ALA D 315 29.29 -16.82 -14.76
N GLY D 316 29.16 -16.19 -13.60
CA GLY D 316 30.23 -15.40 -13.02
C GLY D 316 30.56 -15.91 -11.63
N HIS D 317 30.42 -15.03 -10.65
CA HIS D 317 30.56 -15.39 -9.24
C HIS D 317 31.99 -15.68 -8.81
N VAL D 318 32.67 -16.65 -9.44
CA VAL D 318 34.09 -16.82 -9.14
C VAL D 318 34.92 -15.86 -9.96
N HIS D 319 35.86 -15.18 -9.30
CA HIS D 319 36.60 -14.10 -9.91
C HIS D 319 37.79 -14.61 -10.74
N ALA D 320 37.45 -15.29 -11.83
CA ALA D 320 38.43 -15.95 -12.67
C ALA D 320 37.69 -16.42 -13.93
N TYR D 321 38.42 -17.07 -14.83
CA TYR D 321 37.85 -17.55 -16.08
C TYR D 321 37.99 -19.06 -16.18
N GLU D 322 36.93 -19.72 -16.64
CA GLU D 322 36.97 -21.16 -16.89
C GLU D 322 36.04 -21.58 -18.04
N ARG D 323 36.45 -22.63 -18.75
CA ARG D 323 35.67 -23.18 -19.83
C ARG D 323 35.69 -24.70 -19.67
N SER D 324 34.51 -25.29 -19.50
CA SER D 324 34.42 -26.73 -19.32
C SER D 324 34.47 -27.45 -20.66
N GLU D 325 34.67 -28.76 -20.59
CA GLU D 325 34.41 -29.63 -21.73
C GLU D 325 32.89 -29.79 -21.80
N ARG D 326 32.38 -30.38 -22.90
CA ARG D 326 30.96 -30.74 -22.95
C ARG D 326 30.77 -32.00 -22.14
N VAL D 327 30.28 -31.84 -20.92
CA VAL D 327 30.05 -32.97 -20.04
C VAL D 327 28.68 -32.94 -19.38
N SER D 328 28.26 -34.10 -18.86
CA SER D 328 27.09 -34.17 -18.01
C SER D 328 27.36 -35.07 -16.83
N ASN D 329 26.67 -34.81 -15.72
CA ASN D 329 26.79 -35.60 -14.51
C ASN D 329 25.36 -35.85 -14.02
N ILE D 330 24.56 -36.47 -14.87
CA ILE D 330 23.12 -36.55 -14.60
C ILE D 330 22.60 -37.97 -14.41
N ALA D 331 23.52 -38.93 -14.26
CA ALA D 331 23.14 -40.34 -14.16
C ALA D 331 23.04 -40.87 -12.73
N TYR D 332 23.29 -40.03 -11.74
CA TYR D 332 23.33 -40.46 -10.35
C TYR D 332 21.96 -40.86 -9.81
N LYS D 333 21.91 -41.95 -9.07
CA LYS D 333 20.67 -42.40 -8.42
C LYS D 333 20.92 -42.84 -6.97
N ILE D 334 21.82 -42.13 -6.30
CA ILE D 334 22.12 -42.36 -4.88
C ILE D 334 22.98 -43.60 -4.65
N THR D 335 22.51 -44.76 -5.10
CA THR D 335 23.23 -46.01 -4.86
C THR D 335 23.85 -46.67 -6.09
N ASN D 336 23.74 -46.05 -7.26
CA ASN D 336 24.32 -46.65 -8.45
C ASN D 336 25.79 -46.27 -8.66
N GLY D 337 26.30 -45.36 -7.83
CA GLY D 337 27.69 -44.94 -7.95
C GLY D 337 28.04 -44.13 -9.19
N LEU D 338 27.04 -43.78 -10.00
CA LEU D 338 27.30 -43.01 -11.22
C LEU D 338 27.36 -41.50 -10.95
N CYS D 339 28.50 -41.05 -10.44
CA CYS D 339 28.67 -39.67 -10.00
C CYS D 339 29.86 -38.96 -10.62
N THR D 340 30.36 -39.48 -11.73
CA THR D 340 31.46 -38.81 -12.42
C THR D 340 30.98 -38.16 -13.70
N PRO D 341 31.32 -36.89 -13.92
CA PRO D 341 30.96 -36.26 -15.19
C PRO D 341 31.55 -37.04 -16.37
N VAL D 342 30.75 -37.26 -17.40
CA VAL D 342 31.20 -37.92 -18.61
C VAL D 342 31.05 -36.98 -19.80
N LYS D 343 31.83 -37.21 -20.86
CA LYS D 343 31.70 -36.45 -22.09
C LYS D 343 30.32 -36.70 -22.68
N ASP D 344 29.64 -35.62 -23.05
CA ASP D 344 28.26 -35.73 -23.52
C ASP D 344 28.03 -34.68 -24.61
N GLN D 345 27.89 -35.14 -25.85
CA GLN D 345 27.82 -34.22 -26.97
C GLN D 345 26.49 -33.46 -27.01
N SER D 346 25.53 -33.91 -26.20
CA SER D 346 24.27 -33.16 -26.05
C SER D 346 24.37 -32.01 -25.05
N ALA D 347 25.43 -31.98 -24.25
CA ALA D 347 25.53 -31.03 -23.14
C ALA D 347 26.11 -29.69 -23.57
N PRO D 348 25.75 -28.63 -22.84
CA PRO D 348 26.32 -27.30 -23.05
C PRO D 348 27.79 -27.22 -22.67
N VAL D 349 28.48 -26.19 -23.14
CA VAL D 349 29.75 -25.86 -22.56
C VAL D 349 29.45 -24.88 -21.42
N TYR D 350 30.11 -25.07 -20.29
CA TYR D 350 29.92 -24.17 -19.14
C TYR D 350 31.09 -23.21 -19.06
N ILE D 351 30.80 -21.92 -19.11
CA ILE D 351 31.86 -20.94 -19.02
C ILE D 351 31.70 -20.03 -17.81
N THR D 352 32.76 -19.94 -17.00
CA THR D 352 32.81 -18.98 -15.90
C THR D 352 33.53 -17.75 -16.38
N ILE D 353 32.88 -16.60 -16.25
CA ILE D 353 33.42 -15.35 -16.77
C ILE D 353 33.19 -14.21 -15.77
N GLY D 354 33.43 -14.48 -14.49
CA GLY D 354 33.23 -13.49 -13.46
C GLY D 354 34.46 -12.66 -13.11
N ASP D 355 35.27 -12.36 -14.12
CA ASP D 355 36.58 -11.76 -13.88
C ASP D 355 36.72 -10.34 -14.42
N ALA D 356 35.61 -9.60 -14.50
CA ALA D 356 35.68 -8.24 -15.05
C ALA D 356 36.33 -7.21 -14.10
N GLY D 357 36.51 -7.55 -12.83
CA GLY D 357 37.24 -6.65 -11.97
C GLY D 357 36.81 -6.59 -10.52
N ASN D 358 35.53 -6.82 -10.28
CA ASN D 358 34.94 -6.69 -8.96
C ASN D 358 35.58 -5.56 -8.15
N TYR D 359 36.02 -5.85 -6.92
CA TYR D 359 36.70 -4.84 -6.11
C TYR D 359 38.24 -4.98 -6.20
N GLY D 360 38.70 -5.70 -7.21
CA GLY D 360 40.12 -5.76 -7.49
C GLY D 360 40.83 -7.02 -7.02
N VAL D 361 40.06 -8.05 -6.68
CA VAL D 361 40.64 -9.32 -6.24
C VAL D 361 40.36 -10.46 -7.22
N ILE D 362 41.35 -11.32 -7.45
CA ILE D 362 41.20 -12.45 -8.34
C ILE D 362 41.16 -13.74 -7.52
N ASP D 363 40.45 -14.76 -8.00
CA ASP D 363 40.50 -16.05 -7.32
C ASP D 363 41.52 -16.92 -8.05
N SER D 364 42.64 -17.21 -7.40
CA SER D 364 43.72 -17.96 -8.04
C SER D 364 43.84 -19.42 -7.58
N ASN D 365 43.29 -19.75 -6.41
CA ASN D 365 43.38 -21.11 -5.90
C ASN D 365 42.47 -22.08 -6.67
N MET D 366 43.08 -23.14 -7.19
CA MET D 366 42.38 -24.12 -8.02
C MET D 366 42.54 -25.52 -7.46
N ILE D 367 41.51 -26.33 -7.64
CA ILE D 367 41.59 -27.75 -7.37
C ILE D 367 42.69 -28.34 -8.25
N GLN D 368 43.57 -29.13 -7.64
CA GLN D 368 44.66 -29.79 -8.37
C GLN D 368 44.51 -31.30 -8.25
N PRO D 369 44.80 -32.02 -9.33
CA PRO D 369 45.08 -31.43 -10.65
C PRO D 369 43.80 -30.97 -11.37
N GLN D 370 43.94 -30.29 -12.50
CA GLN D 370 42.78 -29.88 -13.27
C GLN D 370 41.88 -31.09 -13.58
N PRO D 371 40.60 -31.01 -13.20
CA PRO D 371 39.68 -32.12 -13.47
C PRO D 371 39.44 -32.34 -14.98
N GLU D 372 39.05 -33.54 -15.35
CA GLU D 372 38.81 -33.88 -16.74
C GLU D 372 37.73 -33.00 -17.39
N TYR D 373 36.76 -32.55 -16.60
CA TYR D 373 35.64 -31.79 -17.15
C TYR D 373 36.00 -30.36 -17.47
N SER D 374 37.17 -29.94 -16.98
CA SER D 374 37.66 -28.57 -17.17
C SER D 374 38.60 -28.48 -18.38
N ALA D 375 38.24 -27.67 -19.38
CA ALA D 375 39.06 -27.56 -20.58
C ALA D 375 40.18 -26.53 -20.39
N PHE D 376 39.83 -25.39 -19.81
CA PHE D 376 40.76 -24.30 -19.70
C PHE D 376 40.33 -23.44 -18.52
N ARG D 377 41.29 -22.97 -17.74
CA ARG D 377 41.00 -22.08 -16.65
C ARG D 377 42.18 -21.15 -16.44
N GLU D 378 41.90 -19.89 -16.16
CA GLU D 378 42.95 -18.98 -15.76
C GLU D 378 42.47 -17.84 -14.86
N ALA D 379 43.27 -17.57 -13.83
CA ALA D 379 43.01 -16.47 -12.91
C ALA D 379 43.58 -15.15 -13.43
N SER D 380 42.85 -14.53 -14.35
CA SER D 380 43.21 -13.19 -14.81
C SER D 380 41.93 -12.41 -15.02
N PHE D 381 42.04 -11.09 -14.98
CA PHE D 381 40.91 -10.20 -15.28
C PHE D 381 40.66 -10.15 -16.77
N GLY D 382 39.39 -9.99 -17.15
CA GLY D 382 39.02 -9.91 -18.56
C GLY D 382 37.53 -9.99 -18.83
N HIS D 383 37.18 -10.22 -20.10
CA HIS D 383 35.79 -10.35 -20.52
C HIS D 383 35.76 -11.28 -21.74
N GLY D 384 34.58 -11.77 -22.10
CA GLY D 384 34.47 -12.63 -23.27
C GLY D 384 33.65 -12.01 -24.37
N MET D 385 33.71 -12.62 -25.55
CA MET D 385 32.83 -12.26 -26.67
CA MET D 385 32.84 -12.26 -26.67
C MET D 385 32.29 -13.55 -27.25
N PHE D 386 30.99 -13.58 -27.51
CA PHE D 386 30.36 -14.73 -28.13
C PHE D 386 29.87 -14.23 -29.48
N ASP D 387 30.58 -14.63 -30.53
CA ASP D 387 30.37 -14.06 -31.86
C ASP D 387 29.69 -15.08 -32.79
N ILE D 388 28.38 -14.93 -32.96
CA ILE D 388 27.61 -15.86 -33.80
C ILE D 388 27.78 -15.52 -35.28
N LYS D 389 28.20 -16.51 -36.06
CA LYS D 389 28.41 -16.33 -37.50
C LYS D 389 27.21 -16.81 -38.30
N ASN D 390 26.58 -17.87 -37.83
CA ASN D 390 25.50 -18.50 -38.55
C ASN D 390 24.91 -19.60 -37.68
N ARG D 391 24.01 -20.41 -38.24
CA ARG D 391 23.32 -21.40 -37.42
C ARG D 391 24.21 -22.53 -36.95
N THR D 392 25.37 -22.71 -37.58
CA THR D 392 26.25 -23.83 -37.20
C THR D 392 27.46 -23.42 -36.33
N HIS D 393 27.90 -22.16 -36.45
CA HIS D 393 29.17 -21.70 -35.90
C HIS D 393 29.02 -20.45 -35.07
N ALA D 394 29.56 -20.48 -33.86
CA ALA D 394 29.74 -19.27 -33.08
C ALA D 394 31.17 -19.27 -32.58
N HIS D 395 31.79 -18.11 -32.52
CA HIS D 395 33.15 -18.04 -32.03
C HIS D 395 33.23 -17.34 -30.70
N PHE D 396 33.67 -18.06 -29.68
CA PHE D 396 33.87 -17.46 -28.36
C PHE D 396 35.33 -17.11 -28.13
N SER D 397 35.59 -15.92 -27.59
CA SER D 397 36.94 -15.58 -27.18
C SER D 397 36.97 -14.87 -25.83
N TRP D 398 38.09 -15.06 -25.14
CA TRP D 398 38.35 -14.42 -23.86
C TRP D 398 39.54 -13.49 -24.03
N ASN D 399 39.34 -12.22 -23.71
CA ASN D 399 40.42 -11.26 -23.77
C ASN D 399 40.88 -10.86 -22.38
N ARG D 400 42.18 -10.99 -22.11
CA ARG D 400 42.75 -10.62 -20.80
C ARG D 400 43.10 -9.13 -20.68
N ASN D 401 42.95 -8.57 -19.48
CA ASN D 401 43.28 -7.16 -19.24
C ASN D 401 44.76 -6.81 -19.48
N GLN D 402 45.65 -7.76 -19.22
CA GLN D 402 47.08 -7.53 -19.39
C GLN D 402 47.57 -7.69 -20.83
N ASP D 403 46.67 -8.10 -21.72
CA ASP D 403 47.02 -8.27 -23.13
C ASP D 403 46.48 -7.10 -23.94
N GLY D 404 46.89 -7.01 -25.19
CA GLY D 404 46.36 -6.02 -26.11
C GLY D 404 44.89 -6.28 -26.39
N VAL D 405 44.15 -5.21 -26.69
CA VAL D 405 42.71 -5.30 -26.84
C VAL D 405 42.29 -6.25 -27.96
N ALA D 406 43.25 -6.66 -28.79
CA ALA D 406 42.94 -7.54 -29.91
C ALA D 406 43.44 -8.96 -29.72
N VAL D 407 43.97 -9.26 -28.54
CA VAL D 407 44.55 -10.58 -28.28
C VAL D 407 43.55 -11.48 -27.57
N GLU D 408 43.38 -12.69 -28.09
CA GLU D 408 42.55 -13.69 -27.45
C GLU D 408 43.42 -14.75 -26.74
N ALA D 409 43.46 -14.71 -25.41
CA ALA D 409 44.25 -15.71 -24.67
C ALA D 409 43.65 -17.12 -24.74
N ASP D 410 42.33 -17.16 -24.94
CA ASP D 410 41.62 -18.41 -25.17
C ASP D 410 40.53 -18.09 -26.19
N SER D 411 40.22 -19.03 -27.06
CA SER D 411 39.25 -18.79 -28.11
C SER D 411 38.84 -20.15 -28.63
N VAL D 412 37.57 -20.31 -28.98
CA VAL D 412 37.09 -21.61 -29.39
C VAL D 412 35.86 -21.48 -30.27
N TRP D 413 35.73 -22.42 -31.22
CA TRP D 413 34.56 -22.49 -32.06
C TRP D 413 33.50 -23.35 -31.40
N PHE D 414 32.32 -22.77 -31.22
CA PHE D 414 31.13 -23.51 -30.81
C PHE D 414 30.46 -24.07 -32.06
N PHE D 415 30.24 -25.38 -32.07
CA PHE D 415 29.43 -25.99 -33.11
C PHE D 415 28.04 -26.16 -32.52
N ASN D 416 27.05 -25.56 -33.17
CA ASN D 416 25.68 -25.57 -32.67
C ASN D 416 25.18 -26.98 -32.33
N ARG D 417 24.53 -27.15 -31.19
CA ARG D 417 24.09 -28.47 -30.74
C ARG D 417 22.92 -29.04 -31.56
N HIS D 418 22.14 -28.15 -32.18
CA HIS D 418 21.01 -28.59 -32.97
C HIS D 418 21.41 -28.81 -34.42
N TRP D 419 22.15 -27.86 -34.98
CA TRP D 419 22.43 -27.87 -36.41
C TRP D 419 23.76 -28.52 -36.82
N TYR D 420 24.68 -28.66 -35.88
CA TYR D 420 26.01 -29.15 -36.21
C TYR D 420 26.69 -29.73 -34.97
N PRO D 421 26.15 -30.85 -34.43
CA PRO D 421 26.58 -31.43 -33.16
C PRO D 421 27.84 -32.26 -33.28
N VAL D 422 28.95 -31.65 -33.69
CA VAL D 422 30.22 -32.37 -33.79
C VAL D 422 31.12 -32.02 -32.62
N ASP D 423 32.02 -32.92 -32.27
CA ASP D 423 32.96 -32.66 -31.20
C ASP D 423 33.69 -31.35 -31.47
N ASP D 424 33.46 -30.35 -30.63
CA ASP D 424 34.19 -29.07 -30.75
C ASP D 424 35.22 -28.85 -29.62
N SER D 425 35.61 -29.95 -28.96
CA SER D 425 36.59 -29.88 -27.87
C SER D 425 37.90 -29.24 -28.33
N THR D 426 38.65 -28.73 -27.36
CA THR D 426 39.83 -27.92 -27.63
C THR D 426 41.12 -28.67 -27.33
C1 NAG E . -16.09 -19.65 -9.52
C2 NAG E . -17.51 -19.91 -9.02
C3 NAG E . -17.94 -21.34 -9.33
C4 NAG E . -17.69 -21.64 -10.79
C5 NAG E . -16.23 -21.38 -11.14
C6 NAG E . -16.02 -21.69 -12.62
C7 NAG E . -18.11 -18.56 -7.09
C8 NAG E . -18.13 -18.44 -5.60
N2 NAG E . -17.57 -19.66 -7.59
O3 NAG E . -19.32 -21.50 -9.08
O4 NAG E . -18.03 -22.98 -11.04
O5 NAG E . -15.88 -20.02 -10.85
O6 NAG E . -14.71 -21.37 -13.00
O7 NAG E . -18.58 -17.66 -7.80
C1 FUC E . -19.87 -21.79 -7.81
C2 FUC E . -21.30 -21.26 -7.89
C3 FUC E . -22.04 -21.91 -9.04
C4 FUC E . -21.90 -23.43 -8.96
C5 FUC E . -20.43 -23.81 -8.87
C6 FUC E . -20.26 -25.33 -8.76
O2 FUC E . -21.25 -19.85 -8.07
O3 FUC E . -23.40 -21.58 -9.02
O4 FUC E . -22.59 -23.87 -7.82
O5 FUC E . -19.86 -23.19 -7.72
C1 NAG E . -18.76 -23.18 -12.25
C2 NAG E . -18.54 -24.67 -12.54
C3 NAG E . -19.49 -25.25 -13.60
C4 NAG E . -20.90 -24.66 -13.51
C5 NAG E . -20.82 -23.14 -13.37
C6 NAG E . -22.19 -22.49 -13.35
C7 NAG E . -16.39 -25.74 -12.23
C8 NAG E . -15.03 -26.03 -12.79
N2 NAG E . -17.17 -24.92 -12.93
O3 NAG E . -19.56 -26.64 -13.42
O4 NAG E . -21.66 -25.05 -14.64
O5 NAG E . -20.12 -22.84 -12.18
O6 NAG E . -22.09 -21.08 -13.31
O7 NAG E . -16.75 -26.24 -11.15
C1 NAG F . -24.27 -9.08 17.85
C2 NAG F . -25.74 -8.85 17.53
C3 NAG F . -26.12 -7.38 17.67
C4 NAG F . -25.63 -6.80 18.98
C5 NAG F . -24.17 -7.13 19.23
C6 NAG F . -23.75 -6.72 20.64
C7 NAG F . -26.88 -10.25 15.97
C8 NAG F . -27.41 -10.41 14.57
N2 NAG F . -26.03 -9.25 16.17
O3 NAG F . -27.53 -7.27 17.61
O4 NAG F . -25.81 -5.39 18.93
O5 NAG F . -23.93 -8.52 19.10
O6 NAG F . -22.43 -7.14 20.86
O7 NAG F . -27.22 -11.01 16.87
C1 FUC F . -28.12 -7.02 16.35
C2 FUC F . -29.62 -7.21 16.20
C3 FUC F . -30.35 -6.10 16.95
C4 FUC F . -29.83 -4.76 16.46
C5 FUC F . -28.32 -4.70 16.64
C6 FUC F . -27.75 -3.36 16.19
O2 FUC F . -29.99 -8.46 16.72
O3 FUC F . -31.72 -6.17 16.70
O4 FUC F . -30.13 -4.63 15.09
O5 FUC F . -27.75 -5.74 15.87
C1 NAG F . -26.83 -5.13 19.88
C2 NAG F . -26.79 -3.62 20.17
C3 NAG F . -27.68 -3.22 21.34
C4 NAG F . -29.02 -3.93 21.31
C5 NAG F . -28.77 -5.42 21.12
C6 NAG F . -30.04 -6.28 21.23
C7 NAG F . -24.67 -2.60 19.57
C8 NAG F . -25.30 -2.34 18.23
N2 NAG F . -25.42 -3.24 20.47
O3 NAG F . -27.87 -1.82 21.33
O4 NAG F . -29.75 -3.67 22.49
O5 NAG F . -28.14 -5.63 19.87
O6 NAG F . -30.10 -6.83 22.53
O7 NAG F . -23.53 -2.22 19.81
C1 NAG G . 16.92 -40.71 31.15
C2 NAG G . 17.39 -41.43 32.43
C3 NAG G . 17.62 -42.89 32.13
C4 NAG G . 16.31 -43.47 31.65
C5 NAG G . 16.01 -42.75 30.34
C6 NAG G . 14.81 -43.33 29.63
C7 NAG G . 18.68 -40.31 34.14
C8 NAG G . 19.93 -39.57 34.48
N2 NAG G . 18.61 -40.82 32.91
O3 NAG G . 18.05 -43.55 33.28
O4 NAG G . 16.44 -44.85 31.42
O5 NAG G . 15.82 -41.37 30.60
O6 NAG G . 13.69 -43.18 30.45
O7 NAG G . 17.75 -40.43 34.96
C1 FUC G . 19.45 -43.70 33.44
C2 FUC G . 19.68 -44.27 34.84
C3 FUC G . 19.18 -45.72 34.90
C4 FUC G . 19.75 -46.52 33.74
C5 FUC G . 19.43 -45.82 32.42
C6 FUC G . 19.97 -46.58 31.21
O2 FUC G . 18.99 -43.48 35.79
O3 FUC G . 19.58 -46.29 36.11
O4 FUC G . 21.17 -46.59 33.87
O5 FUC G . 20.00 -44.53 32.44
C1 NAG G . 15.61 -45.76 32.13
C2 NAG G . 15.68 -47.14 31.49
C3 NAG G . 14.83 -48.15 32.26
C4 NAG G . 15.17 -48.12 33.75
C5 NAG G . 15.11 -46.68 34.26
C6 NAG G . 15.52 -46.60 35.72
C7 NAG G . 16.07 -47.29 29.09
C8 NAG G . 15.48 -47.29 27.71
N2 NAG G . 15.25 -47.04 30.11
O3 NAG G . 15.09 -49.44 31.72
O4 NAG G . 14.29 -48.93 34.52
O5 NAG G . 15.96 -45.86 33.50
O6 NAG G . 15.25 -45.30 36.18
O7 NAG G . 17.28 -47.49 29.23
C1 NAG H . 25.52 4.36 17.27
C2 NAG H . 27.00 4.40 16.88
C3 NAG H . 27.57 3.00 16.61
C4 NAG H . 27.22 2.06 17.74
C5 NAG H . 25.72 2.09 17.99
C6 NAG H . 25.36 1.18 19.16
C7 NAG H . 28.08 6.28 15.78
C8 NAG H . 28.41 6.95 14.47
N2 NAG H . 27.21 5.28 15.73
O3 NAG H . 28.97 3.08 16.51
O4 NAG H . 27.64 0.74 17.44
O5 NAG H . 25.28 3.41 18.29
O6 NAG H . 24.08 1.49 19.62
O7 NAG H . 28.60 6.68 16.82
C1 FUC H . 29.74 3.42 15.37
C2 FUC H . 31.24 3.51 15.63
C3 FUC H . 31.81 2.15 16.02
C4 FUC H . 31.31 1.06 15.07
C5 FUC H . 29.80 1.10 14.94
C6 FUC H . 29.29 0.04 13.96
O2 FUC H . 31.46 4.46 16.66
O3 FUC H . 33.23 2.20 16.04
O4 FUC H . 31.86 1.23 13.79
O5 FUC H . 29.41 2.38 14.46
C1 NAG I . -13.33 31.46 42.06
C2 NAG I . -13.61 31.78 43.52
C3 NAG I . -13.81 33.29 43.70
C4 NAG I . -12.61 34.01 43.15
C5 NAG I . -12.46 33.63 41.69
C6 NAG I . -11.32 34.35 41.00
C7 NAG I . -14.66 30.28 45.05
C8 NAG I . -15.89 29.51 45.46
N2 NAG I . -14.76 31.06 43.99
O3 NAG I . -14.04 33.59 45.06
O4 NAG I . -12.78 35.41 43.27
O5 NAG I . -12.22 32.23 41.62
O6 NAG I . -10.10 34.02 41.63
O7 NAG I . -13.61 30.17 45.69
C1 FUC I . -15.40 33.77 45.44
C2 FUC I . -15.41 33.91 46.96
C3 FUC I . -14.55 35.12 47.33
C4 FUC I . -15.08 36.36 46.64
C5 FUC I . -15.19 36.11 45.14
C6 FUC I . -15.82 37.29 44.40
O2 FUC I . -14.92 32.74 47.58
O3 FUC I . -14.56 35.27 48.73
O4 FUC I . -16.33 36.71 47.15
O5 FUC I . -15.97 34.94 44.90
C1 NAG I . -11.85 36.21 43.99
C2 NAG I . -12.01 37.69 43.68
C3 NAG I . -11.00 38.57 44.42
C4 NAG I . -10.92 38.19 45.89
C5 NAG I . -10.56 36.72 45.94
C6 NAG I . -10.36 36.21 47.35
C7 NAG I . -12.92 38.19 41.45
C8 NAG I . -12.59 38.45 40.02
N2 NAG I . -11.88 37.87 42.25
O3 NAG I . -11.38 39.91 44.27
O4 NAG I . -10.00 38.99 46.61
O5 NAG I . -11.62 35.97 45.37
O6 NAG I . -10.65 34.84 47.39
O7 NAG I . -14.08 38.27 41.84
C1 NAG J . -14.57 -18.52 -20.17
C2 NAG J . -14.83 -20.03 -20.10
C3 NAG J . -13.53 -20.83 -20.06
C4 NAG J . -12.52 -20.31 -21.07
C5 NAG J . -12.34 -18.80 -20.92
C6 NAG J . -11.34 -18.26 -21.93
C7 NAG J . -16.84 -20.91 -19.09
C8 NAG J . -17.53 -21.38 -17.84
N2 NAG J . -15.64 -20.35 -18.94
O3 NAG J . -13.79 -22.19 -20.35
O4 NAG J . -11.29 -20.96 -20.86
O5 NAG J . -13.61 -18.21 -21.15
O6 NAG J . -11.86 -18.42 -23.23
O7 NAG J . -17.39 -21.03 -20.18
C1 FUC J . -13.95 -22.96 -19.17
C2 FUC J . -14.44 -24.33 -19.64
C3 FUC J . -13.34 -25.04 -20.42
C4 FUC J . -12.07 -25.07 -19.57
C5 FUC J . -11.69 -23.67 -19.12
C6 FUC J . -10.44 -23.65 -18.26
O2 FUC J . -15.59 -24.21 -20.45
O3 FUC J . -13.76 -26.34 -20.75
O4 FUC J . -12.28 -25.88 -18.43
O5 FUC J . -12.78 -23.12 -18.39
C1 NAG K . -31.65 30.73 -31.45
C2 NAG K . -31.83 31.82 -32.50
C3 NAG K . -33.16 32.56 -32.34
C4 NAG K . -34.30 31.57 -32.13
C5 NAG K . -33.93 30.65 -30.99
C6 NAG K . -35.07 29.70 -30.64
C7 NAG K . -29.76 32.64 -33.38
C8 NAG K . -28.51 33.44 -33.18
N2 NAG K . -30.70 32.72 -32.43
O3 NAG K . -33.42 33.38 -33.47
O4 NAG K . -35.48 32.27 -31.83
O5 NAG K . -32.80 29.92 -31.40
O6 NAG K . -35.44 28.96 -31.78
O7 NAG K . -29.90 31.94 -34.37
C1 FUC K . -32.94 34.61 -32.96
C2 FUC K . -33.28 35.26 -34.31
C3 FUC K . -34.79 35.47 -34.37
C4 FUC K . -35.20 36.31 -33.17
C5 FUC K . -34.75 35.63 -31.88
C6 FUC K . -35.19 36.40 -30.64
O2 FUC K . -32.82 34.49 -35.41
O3 FUC K . -35.13 36.13 -35.56
O4 FUC K . -34.58 37.59 -33.29
O5 FUC K . -33.34 35.47 -31.91
C1 NAG K . -36.64 31.94 -32.59
C2 NAG K . -37.88 32.55 -31.92
C3 NAG K . -39.14 32.62 -32.79
C4 NAG K . -38.83 32.83 -34.27
C5 NAG K . -37.67 31.96 -34.70
C6 NAG K . -37.37 32.15 -36.19
C7 NAG K . -38.07 32.39 -29.54
C8 NAG K . -38.20 31.51 -28.33
N2 NAG K . -38.18 31.79 -30.72
O3 NAG K . -39.94 33.70 -32.34
O4 NAG K . -39.98 32.53 -35.04
O5 NAG K . -36.53 32.32 -33.95
O6 NAG K . -36.70 31.03 -36.72
O7 NAG K . -37.86 33.60 -29.44
C1 NAG L . 13.48 23.82 -15.37
C2 NAG L . 13.76 25.26 -14.96
C3 NAG L . 12.51 26.09 -14.72
C4 NAG L . 11.45 25.83 -15.78
C5 NAG L . 11.25 24.34 -15.89
C6 NAG L . 10.10 23.99 -16.85
C7 NAG L . 15.78 25.77 -13.74
C8 NAG L . 16.37 26.04 -12.38
N2 NAG L . 14.56 25.25 -13.75
O3 NAG L . 12.81 27.48 -14.72
O4 NAG L . 10.26 26.47 -15.39
O5 NAG L . 12.45 23.75 -16.34
O6 NAG L . 10.47 24.34 -18.15
O7 NAG L . 16.40 26.03 -14.76
C1 FUC L . 13.00 27.94 -13.39
C2 FUC L . 13.62 29.32 -13.37
C3 FUC L . 12.60 30.30 -13.94
C4 FUC L . 11.30 30.22 -13.15
C5 FUC L . 10.83 28.77 -12.97
C6 FUC L . 9.72 28.69 -11.93
O2 FUC L . 14.84 29.34 -14.09
O3 FUC L . 13.12 31.61 -13.92
O4 FUC L . 11.45 30.84 -11.89
O5 FUC L . 11.89 27.94 -12.53
C1 NAG L . 9.35 27.28 -16.13
C2 NAG L . 8.44 27.85 -15.06
C3 NAG L . 7.17 28.39 -15.72
C4 NAG L . 7.58 29.47 -16.71
C5 NAG L . 8.69 29.00 -17.66
C6 NAG L . 9.33 30.19 -18.38
C7 NAG L . 7.38 25.83 -14.08
C8 NAG L . 7.16 25.06 -12.81
N2 NAG L . 8.20 26.88 -13.99
O3 NAG L . 6.29 28.92 -14.75
O4 NAG L . 6.47 29.92 -17.45
O5 NAG L . 9.75 28.32 -17.00
O6 NAG L . 10.35 30.71 -17.54
O7 NAG L . 6.85 25.49 -15.13
C1 NAG M . 29.47 -20.50 -40.57
C2 NAG M . 29.50 -21.18 -41.94
C3 NAG M . 30.79 -21.97 -42.09
C4 NAG M . 32.00 -21.09 -41.77
C5 NAG M . 31.84 -20.46 -40.40
C6 NAG M . 32.99 -19.50 -40.09
C7 NAG M . 27.34 -21.81 -42.88
C8 NAG M . 26.34 -22.91 -43.06
N2 NAG M . 28.36 -22.09 -42.09
O3 NAG M . 30.85 -22.49 -43.41
O4 NAG M . 33.18 -21.85 -41.84
O5 NAG M . 30.63 -19.73 -40.36
O6 NAG M . 32.80 -18.31 -40.81
O7 NAG M . 27.18 -20.72 -43.43
C1 FUC M . 30.45 -23.83 -43.59
C2 FUC M . 30.76 -23.97 -45.08
C3 FUC M . 32.27 -23.97 -45.27
C4 FUC M . 32.88 -25.08 -44.44
C5 FUC M . 32.46 -24.93 -42.98
C6 FUC M . 33.00 -26.07 -42.11
O2 FUC M . 30.16 -22.91 -45.80
O3 FUC M . 32.59 -24.17 -46.62
O4 FUC M . 32.41 -26.31 -44.96
O5 FUC M . 31.04 -24.89 -42.87
C1 NAG M . 34.25 -21.40 -42.65
C2 NAG M . 35.58 -21.98 -42.18
C3 NAG M . 36.80 -21.52 -42.98
C4 NAG M . 36.51 -21.39 -44.48
C5 NAG M . 35.21 -20.61 -44.63
C6 NAG M . 34.86 -20.34 -46.08
C7 NAG M . 35.67 -22.53 -39.85
C8 NAG M . 36.06 -22.13 -38.46
N2 NAG M . 35.77 -21.61 -40.79
O3 NAG M . 37.86 -22.43 -42.79
O4 NAG M . 37.58 -20.75 -45.15
O5 NAG M . 34.16 -21.35 -44.05
O6 NAG M . 33.53 -19.87 -46.11
O7 NAG M . 35.27 -23.67 -40.10
ZN ZN N . 4.12 -32.69 -0.54
FE FE O . 1.46 -34.60 0.40
CAF 0LO P . 1.64 -37.08 -8.36
CAD 0LO P . 2.20 -37.41 -9.60
CAC 0LO P . 3.42 -36.87 -9.99
CAE 0LO P . 4.11 -36.00 -9.14
CAG 0LO P . 3.55 -35.68 -7.90
CAN 0LO P . 2.31 -36.21 -7.51
CAO 0LO P . 1.71 -35.87 -6.17
CAJ 0LO P . 2.41 -35.17 -5.19
CAI 0LO P . 0.42 -36.30 -5.89
NAK 0LO P . -0.14 -36.01 -4.71
CAH 0LO P . 0.51 -35.33 -3.76
CAM 0LO P . 1.80 -34.90 -3.97
CAL 0LO P . 2.51 -34.14 -2.91
OAB 0LO P . 2.70 -34.59 -1.73
OAA 0LO P . 2.90 -32.99 -3.25
C1 GOL Q . 27.53 -31.28 -1.41
O1 GOL Q . 27.04 -30.79 -2.64
C2 GOL Q . 27.80 -32.77 -1.56
O2 GOL Q . 26.60 -33.51 -1.46
C3 GOL Q . 28.86 -33.26 -0.57
O3 GOL Q . 28.78 -34.67 -0.44
C1 NAG R . -14.26 -38.92 12.07
C2 NAG R . -15.68 -39.45 11.81
C3 NAG R . -16.56 -39.25 13.02
C4 NAG R . -15.86 -39.80 14.26
C5 NAG R . -14.49 -39.15 14.41
C6 NAG R . -13.74 -39.65 15.63
C7 NAG R . -16.12 -39.26 9.43
C8 NAG R . -16.86 -38.54 8.33
N2 NAG R . -16.26 -38.78 10.66
O3 NAG R . -17.75 -39.95 12.80
O4 NAG R . -16.68 -39.58 15.40
O5 NAG R . -13.72 -39.44 13.26
O6 NAG R . -13.30 -40.98 15.40
O7 NAG R . -15.41 -40.24 9.18
S SO4 S . -2.26 -15.45 35.13
O1 SO4 S . -1.27 -14.69 35.87
O2 SO4 S . -1.78 -15.65 33.76
O3 SO4 S . -2.50 -16.74 35.79
O4 SO4 S . -3.51 -14.71 35.04
S SO4 T . 26.37 -25.25 24.35
O1 SO4 T . 26.97 -23.93 24.14
O2 SO4 T . 26.04 -25.84 23.03
O3 SO4 T . 27.29 -26.15 25.07
O4 SO4 T . 25.18 -25.08 25.18
S SO4 U . 11.33 -53.52 2.13
O1 SO4 U . 11.56 -53.47 0.67
O2 SO4 U . 12.09 -54.64 2.70
O3 SO4 U . 11.78 -52.29 2.74
O4 SO4 U . 9.89 -53.69 2.39
S SO4 V . 9.20 -41.50 -15.77
O1 SO4 V . 8.26 -40.38 -15.86
O2 SO4 V . 8.52 -42.61 -15.09
O3 SO4 V . 10.36 -41.11 -14.96
O4 SO4 V . 9.64 -41.88 -17.14
C1 EDO W . 1.81 -42.33 29.42
O1 EDO W . 1.38 -41.23 28.60
C2 EDO W . 3.23 -42.77 29.02
O2 EDO W . 3.65 -43.76 29.96
C1 EDO X . 29.43 -47.32 6.14
O1 EDO X . 30.07 -47.63 4.89
C2 EDO X . 28.29 -48.32 6.36
O2 EDO X . 27.31 -48.17 5.32
C1 EDO Y . 3.68 -45.66 -5.27
O1 EDO Y . 3.62 -44.59 -6.23
C2 EDO Y . 2.30 -46.28 -5.12
O2 EDO Y . 1.98 -47.03 -6.31
C ACT Z . 24.00 -30.96 35.05
O ACT Z . 22.89 -30.95 35.63
OXT ACT Z . 24.72 -31.98 35.23
CH3 ACT Z . 24.45 -29.83 34.17
ZN ZN AA . -4.19 31.56 8.53
FE FE BA . -1.46 33.20 9.56
C1 NAG CA . 15.47 21.63 -4.98
C2 NAG CA . 16.91 21.76 -4.48
C3 NAG CA . 17.45 23.21 -4.45
C4 NAG CA . 17.14 23.82 -5.82
C5 NAG CA . 15.64 23.73 -6.11
C6 NAG CA . 15.31 24.36 -7.45
C7 NAG CA . 17.42 19.91 -3.06
C8 NAG CA . 18.07 19.52 -1.78
N2 NAG CA . 17.00 21.16 -3.17
O3 NAG CA . 18.83 23.27 -4.11
O4 NAG CA . 17.53 25.17 -5.93
O5 NAG CA . 15.18 22.39 -6.13
O6 NAG CA . 13.99 23.98 -7.80
O7 NAG CA . 17.32 19.11 -3.98
C1 NAG DA . 15.31 34.67 20.61
C2 NAG DA . 16.68 35.24 20.23
C3 NAG DA . 17.74 34.75 21.22
C4 NAG DA . 17.28 35.02 22.65
C5 NAG DA . 15.91 34.40 22.88
C6 NAG DA . 15.38 34.66 24.27
C7 NAG DA . 16.87 35.59 17.82
C8 NAG DA . 16.23 36.94 18.02
N2 NAG DA . 17.02 34.81 18.89
O3 NAG DA . 18.95 35.43 20.98
O4 NAG DA . 18.24 34.52 23.56
O5 NAG DA . 15.00 34.97 21.96
O6 NAG DA . 15.01 36.02 24.33
O7 NAG DA . 17.25 35.27 16.69
C1 GOL EA . -24.37 17.21 32.65
O1 GOL EA . -23.30 18.03 33.07
C2 GOL EA . -25.29 18.10 31.84
O2 GOL EA . -25.25 19.38 32.43
C3 GOL EA . -24.69 18.29 30.45
O3 GOL EA . -23.87 19.45 30.52
S SO4 FA . -28.51 44.32 20.88
O1 SO4 FA . -29.00 45.10 19.74
O2 SO4 FA . -29.51 43.29 21.19
O3 SO4 FA . -27.23 43.70 20.51
O4 SO4 FA . -28.31 45.16 22.06
S SO4 GA . -9.58 8.54 35.25
O1 SO4 GA . -8.44 8.38 34.32
O2 SO4 GA . -10.69 7.69 34.79
O3 SO4 GA . -9.16 8.13 36.58
O4 SO4 GA . -10.01 9.94 35.28
S SO4 HA . -3.70 8.55 39.91
O1 SO4 HA . -3.04 9.86 40.07
O2 SO4 HA . -3.44 8.03 38.57
O3 SO4 HA . -3.17 7.62 40.92
O4 SO4 HA . -5.15 8.70 40.09
S SO4 IA . -10.84 51.04 16.97
O1 SO4 IA . -9.38 50.94 16.92
O2 SO4 IA . -11.34 51.26 15.60
O3 SO4 IA . -11.40 49.79 17.49
O4 SO4 IA . -11.29 52.13 17.84
C1 EDO JA . 19.15 8.89 37.41
O1 EDO JA . 19.02 8.12 36.21
C2 EDO JA . 19.45 10.34 37.06
O2 EDO JA . 20.60 10.42 36.20
C1 EDO KA . -5.78 43.81 4.54
O1 EDO KA . -6.10 45.13 4.08
C2 EDO KA . -4.40 43.84 5.19
O2 EDO KA . -4.50 44.21 6.57
C1 EDO LA . 7.37 45.75 3.21
O1 EDO LA . 8.61 45.07 3.43
C2 EDO LA . 6.71 45.98 4.56
O2 EDO LA . 7.61 46.77 5.35
C1 EDO MA . 10.98 46.83 9.67
O1 EDO MA . 11.65 47.90 9.00
C2 EDO MA . 11.87 46.32 10.80
O2 EDO MA . 11.27 45.14 11.35
C1 EDO NA . 7.26 26.29 -6.51
O1 EDO NA . 7.56 27.41 -5.64
C2 EDO NA . 5.79 25.87 -6.38
O2 EDO NA . 5.37 25.93 -5.00
C1 EDO OA . -21.67 -7.55 -36.69
O1 EDO OA . -20.58 -6.72 -37.10
C2 EDO OA . -21.08 -8.83 -36.11
O2 EDO OA . -22.14 -9.66 -35.60
S SO4 PA . -45.44 6.68 4.54
O1 SO4 PA . -44.60 7.50 3.67
O2 SO4 PA . -46.56 6.15 3.77
O3 SO4 PA . -44.64 5.57 5.07
O4 SO4 PA . -45.94 7.50 5.63
C1 NAG QA . -40.40 -0.35 -14.90
C2 NAG QA . -41.30 -1.58 -14.85
C3 NAG QA . -41.23 -2.37 -16.16
C4 NAG QA . -41.52 -1.46 -17.33
C5 NAG QA . -40.49 -0.33 -17.30
C6 NAG QA . -40.68 0.63 -18.48
C7 NAG QA . -41.34 -2.19 -12.52
C8 NAG QA . -41.20 -3.30 -11.52
N2 NAG QA . -40.89 -2.42 -13.74
O3 NAG QA . -42.16 -3.43 -16.14
O4 NAG QA . -41.46 -2.19 -18.54
O5 NAG QA . -40.56 0.40 -16.09
O6 NAG QA . -42.00 1.13 -18.46
O7 NAG QA . -41.85 -1.12 -12.20
C1 NAG RA . -24.34 -9.28 7.00
C2 NAG RA . -25.01 -10.47 6.29
C3 NAG RA . -26.53 -10.47 6.44
C4 NAG RA . -26.81 -10.44 7.94
C5 NAG RA . -26.25 -9.13 8.49
C6 NAG RA . -26.56 -8.98 9.98
C7 NAG RA . -23.60 -11.22 4.47
C8 NAG RA . -22.93 -12.12 5.47
N2 NAG RA . -24.61 -10.47 4.90
O3 NAG RA . -27.13 -11.57 5.77
O4 NAG RA . -28.20 -10.54 8.26
O5 NAG RA . -24.84 -9.03 8.30
O6 NAG RA . -26.12 -7.71 10.41
O7 NAG RA . -23.22 -11.19 3.30
ZN ZN SA . -29.52 14.59 -0.95
FE FE TA . -32.00 12.78 -1.96
C1 GOL UA . -13.06 5.35 -36.97
O1 GOL UA . -12.92 5.62 -35.59
C2 GOL UA . -11.83 4.59 -37.49
O2 GOL UA . -10.86 5.50 -37.94
C3 GOL UA . -12.24 3.67 -38.63
O3 GOL UA . -11.15 2.81 -38.94
S SO4 VA . -46.91 27.90 -3.94
O1 SO4 VA . -45.53 28.26 -4.19
O2 SO4 VA . -47.25 26.79 -4.86
O3 SO4 VA . -47.10 27.47 -2.56
O4 SO4 VA . -47.76 29.07 -4.22
C1 EDO WA . -27.53 10.34 4.12
O1 EDO WA . -28.03 9.02 4.34
C2 EDO WA . -26.96 10.92 5.42
O2 EDO WA . -26.45 12.24 5.17
ZN ZN XA . 28.94 -13.53 -6.99
FE FE YA . 31.42 -11.39 -7.63
C1 GOL ZA . 46.83 -26.95 -14.11
O1 GOL ZA . 46.40 -27.48 -15.35
C2 GOL ZA . 46.44 -25.48 -14.05
O2 GOL ZA . 45.32 -25.29 -14.91
C3 GOL ZA . 46.06 -25.17 -12.60
O3 GOL ZA . 47.05 -24.35 -12.00
C1 NAG AB . 39.05 4.83 -17.00
C2 NAG AB . 39.93 6.00 -16.56
C3 NAG AB . 39.86 7.20 -17.51
C4 NAG AB . 39.92 6.78 -18.96
C5 NAG AB . 38.97 5.61 -19.20
C6 NAG AB . 38.97 5.16 -20.65
C7 NAG AB . 40.13 5.90 -14.20
C8 NAG AB . 39.84 6.53 -12.87
N2 NAG AB . 39.53 6.42 -15.24
O3 NAG AB . 40.92 8.10 -17.21
O4 NAG AB . 39.56 7.87 -19.79
O5 NAG AB . 39.33 4.53 -18.34
O6 NAG AB . 40.18 4.48 -20.88
O7 NAG AB . 40.90 4.95 -14.30
C1 NAG BB . 24.62 7.56 7.05
C2 NAG BB . 25.15 8.92 6.55
C3 NAG BB . 26.69 8.99 6.52
C4 NAG BB . 27.16 8.55 7.91
C5 NAG BB . 26.67 7.15 8.23
C6 NAG BB . 27.21 6.71 9.59
C7 NAG BB . 23.47 9.89 5.17
C8 NAG BB . 22.98 10.25 3.80
N2 NAG BB . 24.59 9.20 5.25
O3 NAG BB . 27.17 10.29 6.21
O4 NAG BB . 28.56 8.59 8.00
O5 NAG BB . 25.23 7.13 8.26
O6 NAG BB . 26.55 5.53 10.01
O7 NAG BB . 22.84 10.23 6.18
C1 GOL CB . 25.13 -35.35 -8.86
O1 GOL CB . 26.00 -36.13 -9.66
C2 GOL CB . 25.09 -35.84 -7.42
O2 GOL CB . 26.10 -36.80 -7.12
C3 GOL CB . 25.13 -34.67 -6.43
O3 GOL CB . 25.34 -35.16 -5.12
C1 GOL DB . 13.33 -26.97 -33.23
O1 GOL DB . 13.62 -26.75 -31.86
C2 GOL DB . 12.12 -26.13 -33.64
O2 GOL DB . 12.40 -25.39 -34.78
C3 GOL DB . 10.88 -26.97 -33.90
O3 GOL DB . 9.77 -26.11 -34.03
C1 GOL EB . 13.37 -31.35 -26.70
O1 GOL EB . 12.12 -31.99 -26.47
C2 GOL EB . 13.93 -31.51 -28.11
O2 GOL EB . 13.09 -32.31 -28.93
C3 GOL EB . 15.33 -32.14 -28.03
O3 GOL EB . 16.00 -32.11 -29.30
S SO4 FB . 13.04 -32.74 -9.71
O1 SO4 FB . 13.33 -31.97 -8.50
O2 SO4 FB . 13.92 -32.27 -10.80
O3 SO4 FB . 13.25 -34.16 -9.42
O4 SO4 FB . 11.63 -32.57 -10.08
C1 EDO GB . 39.89 -18.92 -2.31
O1 EDO GB . 40.55 -20.14 -1.94
C2 EDO GB . 40.92 -17.93 -2.86
O2 EDO GB . 41.03 -18.02 -4.28
C1 EDO HB . 6.68 16.69 -19.21
O1 EDO HB . 6.10 15.37 -19.05
C2 EDO HB . 6.24 17.60 -18.06
O2 EDO HB . 6.85 17.21 -16.82
C1 EDO IB . 26.11 -11.86 -0.09
O1 EDO IB . 26.04 -13.22 -0.55
C2 EDO IB . 27.10 -11.07 -0.97
O2 EDO IB . 27.68 -9.98 -0.23
C ACT JB . 18.71 17.60 -34.74
O ACT JB . 18.34 18.41 -33.85
OXT ACT JB . 19.91 17.66 -35.06
CH3 ACT JB . 17.76 16.61 -35.36
#